data_4B7G
#
_entry.id   4B7G
#
_cell.length_a   151.751
_cell.length_b   151.751
_cell.length_c   157.682
_cell.angle_alpha   90.00
_cell.angle_beta   90.00
_cell.angle_gamma   120.00
#
_symmetry.space_group_name_H-M   'P 63'
#
loop_
_entity.id
_entity.type
_entity.pdbx_description
1 polymer CATALASE
2 non-polymer 'CHLORIDE ION'
3 non-polymer 'NADPH DIHYDRO-NICOTINAMIDE-ADENINE-DINUCLEOTIDE PHOSPHATE'
4 non-polymer 'PROTOPORPHYRIN IX CONTAINING FE'
5 water water
#
_entity_poly.entity_id   1
_entity_poly.type   'polypeptide(L)'
_entity_poly.pdbx_seq_one_letter_code
;SEKSAADQIVDRGMRPKLSGNTTRHNGAPVPSENISATAGPQGPNVLNDIHLIEKLAHFNRENVPERIPHAKGHGAFGEL
HITEDVSEYTKADLFQPGKVTPLAVRFSTVAGEQGSPDTWRDVHGFALRFYTEEGNYDIVGNNTPTFFLRDGMKFPDFIH
SQKRLNKNGLRDADMQWDFWTRAPESAHQVTYLMGDRGTPKTSRHQDGFGSHTFQWINAEGKPVWVKYHFKTRQGWDCFT
DAEAAKVAGENADYQREDLYNAIENGDFPIWDVKVQIMPFEDAENYRWNPFDLTKTWSQKDYPLIPVGYFILNRNPRNFF
AQIEQIALDPGNIVPGVGLSPDRMLQARIFAYADQQRYRIGANYRDLPVNRPINEVNTYSREGSMQYIFDAEGEPSYSPN
RYDKGAGYLDNGTDSSSNHTSYGQADDIYVNPDPHGTDLVRAAYVKHQDDDDFIQPGILYREVLDEGEKERLADNISNAM
QGISEATEPRVYDYWNNVDENLGARVKELYLQKKA
;
_entity_poly.pdbx_strand_id   A,B,C,D
#
# COMPACT_ATOMS: atom_id res chain seq x y z
N LYS A 3 -18.09 14.39 31.15
CA LYS A 3 -18.18 13.32 32.14
C LYS A 3 -17.05 12.29 31.98
N SER A 4 -16.10 12.58 31.10
CA SER A 4 -14.87 11.79 31.01
C SER A 4 -13.69 12.66 30.59
N ALA A 5 -12.54 12.50 31.25
CA ALA A 5 -11.35 13.28 30.90
C ALA A 5 -10.86 12.93 29.49
N ALA A 6 -11.39 11.82 28.96
CA ALA A 6 -11.01 11.36 27.62
C ALA A 6 -11.94 11.88 26.53
N ASP A 7 -12.95 12.67 26.91
CA ASP A 7 -13.89 13.25 25.94
C ASP A 7 -13.20 14.06 24.85
N GLN A 8 -12.14 14.77 25.21
CA GLN A 8 -11.40 15.55 24.22
C GLN A 8 -10.79 14.62 23.17
N ILE A 9 -10.19 13.52 23.61
CA ILE A 9 -9.59 12.56 22.70
C ILE A 9 -10.66 11.93 21.80
N VAL A 10 -11.72 11.41 22.42
CA VAL A 10 -12.68 10.60 21.67
C VAL A 10 -13.58 11.38 20.71
N ASP A 11 -13.60 12.70 20.86
CA ASP A 11 -14.40 13.54 19.96
C ASP A 11 -13.61 13.98 18.73
N ARG A 12 -12.28 13.84 18.80
CA ARG A 12 -11.42 14.22 17.67
C ARG A 12 -11.82 13.49 16.41
N GLY A 13 -12.10 14.24 15.35
CA GLY A 13 -12.37 13.63 14.06
C GLY A 13 -13.82 13.26 13.77
N MET A 14 -14.70 13.42 14.75
CA MET A 14 -16.10 13.01 14.58
C MET A 14 -16.92 14.10 13.91
N ARG A 15 -17.66 13.73 12.87
CA ARG A 15 -18.56 14.66 12.19
C ARG A 15 -19.78 14.94 13.06
N PRO A 16 -20.43 16.09 12.84
CA PRO A 16 -21.74 16.29 13.46
C PRO A 16 -22.77 15.36 12.82
N LYS A 17 -23.87 15.14 13.52
CA LYS A 17 -24.97 14.36 12.98
C LYS A 17 -25.51 15.07 11.75
N LEU A 18 -25.80 14.31 10.69
CA LEU A 18 -26.26 14.89 9.44
C LEU A 18 -27.62 14.31 9.07
N SER A 19 -28.44 15.11 8.42
CA SER A 19 -29.72 14.64 7.92
C SER A 19 -29.98 15.25 6.55
N GLY A 20 -31.17 15.02 6.00
CA GLY A 20 -31.44 15.48 4.65
C GLY A 20 -31.05 14.42 3.64
N ASN A 21 -30.24 14.81 2.67
CA ASN A 21 -29.85 13.87 1.62
C ASN A 21 -28.36 13.60 1.65
N THR A 22 -27.95 12.47 1.07
CA THR A 22 -26.54 12.11 1.03
C THR A 22 -25.82 12.91 -0.05
N THR A 23 -24.50 13.01 0.06
CA THR A 23 -23.67 13.69 -0.94
C THR A 23 -22.57 12.75 -1.36
N ARG A 24 -22.02 12.96 -2.56
CA ARG A 24 -20.84 12.21 -2.97
C ARG A 24 -19.66 12.75 -2.19
N HIS A 25 -18.48 12.16 -2.37
CA HIS A 25 -17.33 12.59 -1.57
C HIS A 25 -16.77 13.95 -1.97
N ASN A 26 -17.25 14.52 -3.08
CA ASN A 26 -16.90 15.90 -3.42
C ASN A 26 -17.91 16.89 -2.85
N GLY A 27 -18.99 16.38 -2.24
CA GLY A 27 -19.98 17.25 -1.64
C GLY A 27 -21.22 17.47 -2.50
N ALA A 28 -21.19 16.99 -3.74
CA ALA A 28 -22.36 17.11 -4.64
C ALA A 28 -23.49 16.17 -4.20
N PRO A 29 -24.76 16.59 -4.39
CA PRO A 29 -25.89 15.75 -3.95
C PRO A 29 -25.96 14.40 -4.65
N VAL A 30 -26.28 13.35 -3.90
CA VAL A 30 -26.46 12.01 -4.47
C VAL A 30 -27.87 11.88 -5.02
N PRO A 31 -28.03 11.43 -6.28
CA PRO A 31 -29.41 11.28 -6.76
C PRO A 31 -30.11 10.07 -6.13
N SER A 32 -29.48 8.90 -6.15
CA SER A 32 -30.13 7.72 -5.56
C SER A 32 -29.15 6.80 -4.85
N GLU A 33 -29.59 6.22 -3.74
CA GLU A 33 -28.83 5.16 -3.10
C GLU A 33 -29.42 3.80 -3.46
N ASN A 34 -30.41 3.79 -4.36
CA ASN A 34 -31.18 2.59 -4.66
C ASN A 34 -31.07 2.07 -6.10
N ILE A 35 -30.94 2.98 -7.06
CA ILE A 35 -31.04 2.62 -8.46
C ILE A 35 -29.86 3.19 -9.25
N SER A 36 -29.21 2.34 -10.05
CA SER A 36 -28.06 2.78 -10.88
C SER A 36 -28.53 3.15 -12.28
N ALA A 37 -27.73 3.98 -12.96
CA ALA A 37 -28.12 4.53 -14.26
C ALA A 37 -27.76 3.61 -15.43
N THR A 38 -28.70 3.47 -16.37
CA THR A 38 -28.55 2.56 -17.49
C THR A 38 -28.94 3.24 -18.78
N ALA A 39 -28.42 2.74 -19.91
CA ALA A 39 -28.78 3.32 -21.20
C ALA A 39 -30.10 2.71 -21.67
N GLY A 40 -31.20 3.27 -21.16
CA GLY A 40 -32.51 2.63 -21.29
C GLY A 40 -32.76 1.72 -20.09
N PRO A 41 -34.03 1.50 -19.73
CA PRO A 41 -34.32 0.68 -18.53
C PRO A 41 -33.71 -0.72 -18.62
N GLN A 42 -33.69 -1.31 -19.81
CA GLN A 42 -33.15 -2.65 -19.99
C GLN A 42 -31.77 -2.61 -20.64
N GLY A 43 -31.26 -1.39 -20.82
CA GLY A 43 -29.97 -1.21 -21.45
C GLY A 43 -28.83 -1.52 -20.50
N PRO A 44 -27.59 -1.43 -21.01
CA PRO A 44 -26.43 -1.69 -20.16
C PRO A 44 -26.23 -0.61 -19.10
N ASN A 45 -25.61 -0.99 -17.99
CA ASN A 45 -25.20 0.01 -17.02
C ASN A 45 -24.16 0.93 -17.66
N VAL A 46 -24.32 2.23 -17.46
CA VAL A 46 -23.35 3.21 -17.98
C VAL A 46 -22.12 3.29 -17.08
N LEU A 47 -20.98 3.64 -17.66
CA LEU A 47 -19.75 3.82 -16.91
C LEU A 47 -19.87 4.99 -15.95
N ASN A 48 -20.50 6.06 -16.41
CA ASN A 48 -20.49 7.32 -15.67
C ASN A 48 -21.59 7.52 -14.64
N ASP A 49 -22.02 6.43 -13.99
CA ASP A 49 -22.75 6.59 -12.75
C ASP A 49 -21.69 6.82 -11.67
N ILE A 50 -21.36 8.09 -11.46
CA ILE A 50 -20.24 8.46 -10.61
C ILE A 50 -20.42 7.95 -9.19
N HIS A 51 -21.60 8.13 -8.61
CA HIS A 51 -21.86 7.69 -7.24
C HIS A 51 -21.71 6.18 -7.11
N LEU A 52 -22.28 5.43 -8.05
CA LEU A 52 -22.21 3.97 -8.00
C LEU A 52 -20.76 3.50 -7.88
N ILE A 53 -19.90 4.03 -8.73
CA ILE A 53 -18.51 3.57 -8.76
C ILE A 53 -17.77 4.01 -7.50
N GLU A 54 -18.04 5.23 -7.04
CA GLU A 54 -17.42 5.75 -5.83
C GLU A 54 -17.83 4.91 -4.61
N LYS A 55 -19.12 4.57 -4.55
CA LYS A 55 -19.69 3.80 -3.43
C LYS A 55 -19.10 2.38 -3.42
N LEU A 56 -19.06 1.75 -4.59
CA LEU A 56 -18.52 0.41 -4.69
C LEU A 56 -17.02 0.42 -4.41
N ALA A 57 -16.33 1.45 -4.89
CA ALA A 57 -14.86 1.47 -4.82
C ALA A 57 -14.37 1.71 -3.41
N HIS A 58 -15.11 2.47 -2.72
CA HIS A 58 -14.65 2.70 -1.36
C HIS A 58 -15.04 1.53 -0.46
N PHE A 59 -16.23 0.94 -0.70
CA PHE A 59 -16.65 -0.33 -0.11
C PHE A 59 -15.54 -1.38 -0.29
N ASN A 60 -15.03 -1.52 -1.52
CA ASN A 60 -13.94 -2.46 -1.83
C ASN A 60 -12.65 -2.25 -1.04
N ARG A 61 -12.50 -1.06 -0.45
CA ARG A 61 -11.26 -0.70 0.24
C ARG A 61 -11.43 -0.53 1.74
N GLU A 62 -12.54 -1.04 2.29
CA GLU A 62 -12.81 -0.88 3.73
C GLU A 62 -11.85 -1.64 4.65
N ASN A 63 -11.44 -2.84 4.24
CA ASN A 63 -10.58 -3.68 5.08
C ASN A 63 -9.12 -3.28 5.00
N VAL A 64 -8.43 -3.50 6.12
CA VAL A 64 -6.99 -3.24 6.24
C VAL A 64 -6.42 -4.48 6.92
N PRO A 65 -5.08 -4.67 6.85
CA PRO A 65 -4.55 -5.85 7.54
C PRO A 65 -4.85 -5.79 9.04
N GLU A 66 -5.26 -6.93 9.61
CA GLU A 66 -5.51 -7.04 11.04
C GLU A 66 -4.16 -7.19 11.70
N ARG A 67 -4.08 -6.92 13.00
CA ARG A 67 -2.84 -7.12 13.77
C ARG A 67 -2.36 -8.56 13.72
N ILE A 68 -1.04 -8.75 13.68
CA ILE A 68 -0.46 -10.05 14.01
C ILE A 68 0.59 -9.86 15.10
N PRO A 69 0.38 -10.47 16.30
CA PRO A 69 -0.84 -11.16 16.71
C PRO A 69 -1.84 -10.17 17.32
N HIS A 70 -2.82 -10.68 18.06
CA HIS A 70 -3.81 -9.89 18.79
C HIS A 70 -4.84 -9.21 17.88
N ALA A 71 -5.13 -9.84 16.75
CA ALA A 71 -6.11 -9.33 15.80
C ALA A 71 -7.49 -9.07 16.40
N LYS A 72 -7.94 -9.95 17.29
CA LYS A 72 -9.30 -9.83 17.86
C LYS A 72 -9.30 -9.11 19.19
N GLY A 73 -9.83 -7.89 19.22
CA GLY A 73 -9.85 -7.12 20.43
C GLY A 73 -10.87 -6.01 20.43
N HIS A 74 -10.85 -5.21 21.49
CA HIS A 74 -11.87 -4.18 21.71
C HIS A 74 -11.37 -3.30 22.83
N GLY A 75 -11.98 -2.14 23.02
CA GLY A 75 -11.47 -1.28 24.07
C GLY A 75 -12.37 -0.16 24.52
N ALA A 76 -11.77 0.79 25.22
CA ALA A 76 -12.52 1.84 25.87
C ALA A 76 -11.58 2.95 26.27
N PHE A 77 -12.15 4.02 26.84
CA PHE A 77 -11.36 5.15 27.28
C PHE A 77 -11.67 5.43 28.74
N GLY A 78 -10.80 6.20 29.40
CA GLY A 78 -11.00 6.42 30.82
C GLY A 78 -9.96 7.34 31.42
N GLU A 79 -9.67 7.14 32.69
CA GLU A 79 -8.86 8.07 33.46
C GLU A 79 -7.92 7.33 34.39
N LEU A 80 -6.69 7.80 34.46
CA LEU A 80 -5.76 7.34 35.50
C LEU A 80 -5.73 8.37 36.61
N HIS A 81 -6.00 8.03 37.91
CA HIS A 81 -5.93 8.82 39.13
C HIS A 81 -4.80 8.29 40.03
N ILE A 82 -3.83 9.23 40.24
CA ILE A 82 -2.75 8.93 41.19
C ILE A 82 -3.22 9.25 42.61
N THR A 83 -3.00 8.34 43.55
CA THR A 83 -3.44 8.56 44.93
C THR A 83 -2.31 8.41 45.95
N GLU A 84 -1.12 8.05 45.48
CA GLU A 84 0.06 7.93 46.34
C GLU A 84 1.18 8.85 45.86
N ASP A 85 2.26 8.93 46.64
CA ASP A 85 3.42 9.72 46.25
C ASP A 85 4.58 8.78 45.93
N VAL A 86 4.88 8.62 44.65
CA VAL A 86 5.99 7.78 44.19
C VAL A 86 7.09 8.64 43.59
N SER A 87 7.05 9.94 43.86
CA SER A 87 8.01 10.90 43.30
C SER A 87 9.45 10.60 43.69
N GLU A 88 9.64 9.84 44.76
CA GLU A 88 11.00 9.46 45.14
CA GLU A 88 10.97 9.40 45.18
C GLU A 88 11.58 8.44 44.16
N TYR A 89 10.70 7.77 43.42
CA TYR A 89 11.10 6.72 42.48
C TYR A 89 11.09 7.12 41.01
N THR A 90 10.15 7.98 40.63
CA THR A 90 10.03 8.38 39.23
C THR A 90 9.60 9.83 39.12
N LYS A 91 10.11 10.50 38.08
CA LYS A 91 9.74 11.89 37.80
C LYS A 91 8.71 11.93 36.68
N ALA A 92 8.27 10.75 36.23
CA ALA A 92 7.30 10.66 35.14
C ALA A 92 6.07 11.49 35.47
N ASP A 93 5.69 12.40 34.58
CA ASP A 93 4.66 13.38 34.90
C ASP A 93 3.33 12.77 35.32
N LEU A 94 2.89 11.75 34.59
CA LEU A 94 1.57 11.15 34.86
C LEU A 94 1.50 10.47 36.24
N PHE A 95 2.65 10.17 36.83
CA PHE A 95 2.70 9.43 38.10
C PHE A 95 2.89 10.34 39.32
N GLN A 96 3.01 11.64 39.08
CA GLN A 96 3.19 12.61 40.17
C GLN A 96 1.90 12.76 41.00
N PRO A 97 2.02 13.18 42.28
CA PRO A 97 0.85 13.19 43.17
C PRO A 97 -0.34 13.95 42.61
N GLY A 98 -1.53 13.36 42.71
CA GLY A 98 -2.75 14.04 42.33
C GLY A 98 -3.06 14.05 40.84
N LYS A 99 -2.14 13.58 40.01
CA LYS A 99 -2.32 13.65 38.56
C LYS A 99 -3.50 12.81 38.08
N VAL A 100 -4.30 13.39 37.19
CA VAL A 100 -5.37 12.67 36.50
C VAL A 100 -5.08 12.72 35.00
N THR A 101 -5.01 11.54 34.36
CA THR A 101 -4.57 11.44 32.97
C THR A 101 -5.59 10.67 32.13
N PRO A 102 -5.98 11.22 30.97
CA PRO A 102 -6.89 10.47 30.09
C PRO A 102 -6.22 9.18 29.58
N LEU A 103 -6.99 8.11 29.41
CA LEU A 103 -6.42 6.87 28.91
C LEU A 103 -7.24 6.21 27.83
N ALA A 104 -6.58 5.34 27.06
CA ALA A 104 -7.25 4.40 26.17
C ALA A 104 -6.81 3.01 26.59
N VAL A 105 -7.63 1.99 26.31
CA VAL A 105 -7.25 0.60 26.55
C VAL A 105 -7.74 -0.28 25.42
N ARG A 106 -6.95 -1.28 25.05
CA ARG A 106 -7.45 -2.33 24.16
C ARG A 106 -7.16 -3.69 24.77
N PHE A 107 -8.20 -4.51 24.87
CA PHE A 107 -8.05 -5.90 25.31
C PHE A 107 -8.15 -6.79 24.08
N SER A 108 -7.67 -8.03 24.18
CA SER A 108 -7.62 -8.89 23.00
C SER A 108 -7.27 -10.31 23.37
N THR A 109 -7.42 -11.22 22.42
CA THR A 109 -6.76 -12.52 22.49
C THR A 109 -5.45 -12.42 21.72
N VAL A 110 -4.83 -13.56 21.40
CA VAL A 110 -3.52 -13.55 20.72
C VAL A 110 -3.55 -14.17 19.32
N ALA A 111 -3.97 -15.43 19.25
CA ALA A 111 -3.77 -16.23 18.03
C ALA A 111 -4.82 -16.04 16.95
N GLY A 112 -6.09 -15.92 17.36
CA GLY A 112 -7.18 -15.92 16.40
C GLY A 112 -7.25 -14.66 15.57
N GLU A 113 -7.92 -14.76 14.43
CA GLU A 113 -8.06 -13.63 13.53
C GLU A 113 -9.26 -12.78 13.93
N GLN A 114 -9.51 -11.75 13.13
CA GLN A 114 -10.54 -10.73 13.39
C GLN A 114 -11.94 -11.26 13.73
N GLY A 115 -12.30 -12.43 13.20
CA GLY A 115 -13.64 -12.93 13.46
C GLY A 115 -13.74 -13.94 14.59
N SER A 116 -12.59 -14.31 15.17
CA SER A 116 -12.51 -15.44 16.09
C SER A 116 -13.09 -15.11 17.48
N PRO A 117 -13.37 -16.14 18.30
CA PRO A 117 -14.01 -15.92 19.62
C PRO A 117 -13.13 -15.29 20.69
N ASP A 118 -13.74 -14.42 21.51
CA ASP A 118 -13.04 -13.80 22.63
C ASP A 118 -12.64 -14.84 23.67
N THR A 119 -13.40 -15.94 23.73
CA THR A 119 -13.22 -16.92 24.81
C THR A 119 -12.52 -18.24 24.45
N TRP A 120 -11.84 -18.29 23.30
CA TRP A 120 -10.86 -19.36 23.10
C TRP A 120 -9.85 -19.27 24.25
N ARG A 121 -9.26 -20.40 24.65
CA ARG A 121 -8.19 -20.35 25.64
C ARG A 121 -7.03 -19.61 25.00
N ASP A 122 -6.55 -18.57 25.67
CA ASP A 122 -5.47 -17.75 25.13
C ASP A 122 -5.02 -16.79 26.21
N VAL A 123 -3.81 -16.25 26.05
CA VAL A 123 -3.38 -15.07 26.79
C VAL A 123 -4.33 -13.96 26.36
N HIS A 124 -4.62 -13.02 27.25
CA HIS A 124 -5.36 -11.83 26.82
C HIS A 124 -4.51 -10.58 26.92
N GLY A 125 -4.50 -9.79 25.84
CA GLY A 125 -3.80 -8.53 25.83
C GLY A 125 -4.45 -7.50 26.74
N PHE A 126 -3.64 -6.63 27.33
CA PHE A 126 -4.10 -5.63 28.29
C PHE A 126 -3.25 -4.39 28.00
N ALA A 127 -3.65 -3.62 26.98
CA ALA A 127 -2.78 -2.58 26.44
C ALA A 127 -3.31 -1.18 26.71
N LEU A 128 -2.54 -0.40 27.45
CA LEU A 128 -2.98 0.91 27.94
C LEU A 128 -2.22 2.04 27.28
N ARG A 129 -2.91 3.13 26.96
CA ARG A 129 -2.26 4.37 26.55
C ARG A 129 -2.65 5.45 27.55
N PHE A 130 -1.65 6.12 28.12
CA PHE A 130 -1.94 7.32 28.91
C PHE A 130 -1.55 8.54 28.11
N TYR A 131 -2.53 9.43 27.89
CA TYR A 131 -2.26 10.67 27.17
C TYR A 131 -1.68 11.71 28.13
N THR A 132 -0.37 11.64 28.36
CA THR A 132 0.27 12.51 29.36
C THR A 132 0.73 13.86 28.80
N GLU A 133 1.10 14.76 29.71
CA GLU A 133 1.54 16.09 29.31
CA GLU A 133 1.56 16.10 29.34
C GLU A 133 2.93 16.06 28.70
N GLU A 134 3.62 14.94 28.85
CA GLU A 134 4.94 14.78 28.26
C GLU A 134 4.95 13.72 27.16
N GLY A 135 3.78 13.45 26.59
CA GLY A 135 3.65 12.51 25.48
C GLY A 135 2.78 11.31 25.81
N ASN A 136 2.41 10.52 24.79
CA ASN A 136 1.70 9.27 25.06
C ASN A 136 2.63 8.23 25.68
N TYR A 137 2.25 7.73 26.86
CA TYR A 137 2.97 6.63 27.50
C TYR A 137 2.07 5.40 27.41
N ASP A 138 2.51 4.40 26.65
CA ASP A 138 1.76 3.15 26.51
C ASP A 138 2.41 2.08 27.36
N ILE A 139 1.59 1.40 28.15
CA ILE A 139 2.04 0.18 28.81
C ILE A 139 1.26 -0.95 28.15
N VAL A 140 1.91 -1.60 27.20
CA VAL A 140 1.26 -2.65 26.41
C VAL A 140 1.52 -3.96 27.12
N GLY A 141 0.58 -4.35 27.98
CA GLY A 141 0.78 -5.53 28.81
C GLY A 141 -0.12 -6.68 28.43
N ASN A 142 -0.13 -7.71 29.28
CA ASN A 142 -0.98 -8.89 29.09
C ASN A 142 -1.60 -9.21 30.43
N ASN A 143 -2.50 -10.19 30.45
CA ASN A 143 -3.15 -10.58 31.71
C ASN A 143 -2.34 -11.66 32.43
N THR A 144 -1.04 -11.64 32.19
CA THR A 144 -0.10 -12.56 32.83
C THR A 144 1.15 -11.77 33.19
N PRO A 145 1.74 -12.08 34.37
CA PRO A 145 2.94 -11.38 34.82
C PRO A 145 4.19 -11.88 34.10
N THR A 146 4.06 -12.89 33.26
CA THR A 146 5.22 -13.48 32.58
C THR A 146 4.89 -13.78 31.10
N PHE A 147 5.74 -14.53 30.40
CA PHE A 147 5.44 -14.88 29.01
C PHE A 147 6.22 -16.13 28.56
N PHE A 148 5.97 -16.58 27.33
CA PHE A 148 6.47 -17.86 26.86
C PHE A 148 7.96 -17.92 26.50
N LEU A 149 8.57 -16.76 26.28
CA LEU A 149 9.94 -16.73 25.72
C LEU A 149 10.79 -15.66 26.36
N ARG A 150 12.11 -15.77 26.19
CA ARG A 150 13.02 -14.75 26.69
C ARG A 150 13.92 -14.14 25.59
N ASP A 151 13.57 -14.41 24.33
CA ASP A 151 14.32 -13.82 23.23
C ASP A 151 13.38 -13.54 22.05
N GLY A 152 13.40 -12.31 21.57
CA GLY A 152 12.53 -11.89 20.49
C GLY A 152 12.76 -12.67 19.21
N MET A 153 13.97 -13.20 19.05
CA MET A 153 14.29 -14.02 17.88
C MET A 153 13.30 -15.17 17.70
N LYS A 154 12.75 -15.65 18.83
CA LYS A 154 11.86 -16.81 18.80
C LYS A 154 10.37 -16.44 18.67
N PHE A 155 10.05 -15.16 18.74
CA PHE A 155 8.64 -14.75 18.76
C PHE A 155 7.84 -15.18 17.52
N PRO A 156 8.37 -14.96 16.30
CA PRO A 156 7.60 -15.41 15.14
C PRO A 156 7.41 -16.92 15.09
N ASP A 157 8.33 -17.66 15.68
CA ASP A 157 8.19 -19.13 15.75
C ASP A 157 7.04 -19.49 16.65
N PHE A 158 6.97 -18.87 17.83
CA PHE A 158 5.87 -19.14 18.74
C PHE A 158 4.53 -18.77 18.09
N ILE A 159 4.45 -17.57 17.51
CA ILE A 159 3.19 -17.12 16.91
C ILE A 159 2.76 -17.97 15.70
N HIS A 160 3.86 -18.32 14.73
CA HIS A 160 3.35 -19.28 13.75
C HIS A 160 2.85 -20.55 14.43
N SER A 161 3.34 -21.09 15.39
CA SER A 161 2.92 -22.37 15.96
C SER A 161 1.52 -22.31 16.58
N GLN A 162 1.10 -21.11 16.95
CA GLN A 162 -0.22 -20.89 17.54
C GLN A 162 -1.27 -20.61 16.49
N LYS A 163 -0.82 -20.40 15.26
CA LYS A 163 -1.72 -20.07 14.16
C LYS A 163 -1.96 -21.25 13.23
N ARG A 164 -2.05 -21.02 11.92
CA ARG A 164 -2.48 -22.06 11.00
C ARG A 164 -1.35 -22.69 10.17
N LEU A 165 -1.42 -24.01 10.00
CA LEU A 165 -0.47 -24.74 9.17
C LEU A 165 -0.47 -24.15 7.77
N ASN A 166 0.68 -24.12 7.12
CA ASN A 166 0.76 -23.51 5.82
C ASN A 166 -0.05 -24.23 4.75
N LYS A 167 -0.22 -25.55 4.90
CA LYS A 167 -0.82 -26.33 3.82
C LYS A 167 -2.33 -26.20 3.72
N ASN A 168 -3.04 -26.12 4.85
CA ASN A 168 -4.48 -26.28 4.83
C ASN A 168 -5.24 -25.24 5.65
N GLY A 169 -4.50 -24.34 6.29
CA GLY A 169 -5.13 -23.25 7.02
C GLY A 169 -5.86 -23.71 8.26
N LEU A 170 -5.37 -24.79 8.88
CA LEU A 170 -5.95 -25.28 10.13
C LEU A 170 -4.98 -25.05 11.29
N ARG A 171 -5.50 -24.67 12.45
CA ARG A 171 -4.69 -24.63 13.68
C ARG A 171 -4.38 -26.08 14.07
N ASP A 172 -3.36 -26.31 14.88
CA ASP A 172 -2.89 -27.70 15.02
C ASP A 172 -2.28 -27.98 16.39
N ALA A 173 -2.88 -28.91 17.13
CA ALA A 173 -2.39 -29.25 18.46
C ALA A 173 -0.95 -29.76 18.45
N ASP A 174 -0.59 -30.59 17.46
CA ASP A 174 0.74 -31.16 17.45
C ASP A 174 1.80 -30.05 17.32
N MET A 175 1.53 -29.11 16.43
CA MET A 175 2.44 -27.99 16.21
C MET A 175 2.61 -27.17 17.48
N GLN A 176 1.50 -26.90 18.18
CA GLN A 176 1.57 -26.09 19.40
C GLN A 176 2.46 -26.74 20.46
N TRP A 177 2.30 -28.04 20.66
CA TRP A 177 3.06 -28.74 21.69
C TRP A 177 4.45 -29.11 21.21
N ASP A 178 4.61 -29.35 19.91
CA ASP A 178 5.95 -29.59 19.36
C ASP A 178 6.82 -28.36 19.66
N PHE A 179 6.29 -27.17 19.41
CA PHE A 179 7.06 -25.96 19.70
C PHE A 179 7.30 -25.80 21.20
N TRP A 180 6.24 -25.91 21.98
CA TRP A 180 6.34 -25.69 23.42
C TRP A 180 7.35 -26.63 24.11
N THR A 181 7.33 -27.91 23.77
CA THR A 181 8.25 -28.85 24.41
C THR A 181 9.67 -28.69 23.91
N ARG A 182 9.83 -28.21 22.67
CA ARG A 182 11.17 -27.95 22.16
C ARG A 182 11.70 -26.58 22.57
N ALA A 183 10.81 -25.76 23.14
CA ALA A 183 11.19 -24.47 23.72
C ALA A 183 10.74 -24.44 25.18
N PRO A 184 11.42 -25.22 26.04
CA PRO A 184 10.98 -25.46 27.42
C PRO A 184 10.95 -24.20 28.27
N GLU A 185 11.55 -23.09 27.80
CA GLU A 185 11.44 -21.82 28.51
C GLU A 185 9.97 -21.41 28.59
N SER A 186 9.15 -22.01 27.72
CA SER A 186 7.71 -21.73 27.70
C SER A 186 6.95 -22.28 28.91
N ALA A 187 7.60 -23.13 29.72
CA ALA A 187 6.88 -23.86 30.77
C ALA A 187 6.11 -22.98 31.77
N HIS A 188 6.72 -21.89 32.23
CA HIS A 188 6.05 -21.01 33.19
C HIS A 188 4.72 -20.48 32.63
N GLN A 189 4.75 -19.88 31.44
CA GLN A 189 3.53 -19.27 30.89
C GLN A 189 2.51 -20.33 30.45
N VAL A 190 2.99 -21.45 29.92
CA VAL A 190 2.07 -22.52 29.53
C VAL A 190 1.29 -23.04 30.76
N THR A 191 1.96 -23.13 31.90
CA THR A 191 1.28 -23.53 33.15
C THR A 191 0.21 -22.50 33.58
N TYR A 192 0.53 -21.22 33.45
CA TYR A 192 -0.43 -20.15 33.73
C TYR A 192 -1.59 -20.22 32.74
N LEU A 193 -1.25 -20.40 31.46
CA LEU A 193 -2.25 -20.47 30.38
C LEU A 193 -3.21 -21.63 30.50
N MET A 194 -2.70 -22.78 30.97
CA MET A 194 -3.50 -24.01 30.99
C MET A 194 -4.34 -24.09 32.26
N GLY A 195 -4.19 -23.11 33.14
CA GLY A 195 -4.94 -23.10 34.38
C GLY A 195 -6.23 -22.30 34.21
N ASP A 196 -6.86 -21.95 35.33
CA ASP A 196 -8.10 -21.19 35.28
C ASP A 196 -7.96 -19.87 34.51
N ARG A 197 -6.83 -19.20 34.68
CA ARG A 197 -6.69 -17.87 34.11
C ARG A 197 -6.53 -17.85 32.58
N GLY A 198 -6.51 -19.04 31.98
CA GLY A 198 -6.50 -19.14 30.53
C GLY A 198 -7.85 -18.78 29.94
N THR A 199 -8.89 -18.80 30.78
CA THR A 199 -10.24 -18.51 30.31
C THR A 199 -11.01 -17.56 31.24
N PRO A 200 -10.53 -16.31 31.35
CA PRO A 200 -11.23 -15.31 32.16
C PRO A 200 -12.58 -15.02 31.50
N LYS A 201 -13.63 -14.84 32.29
CA LYS A 201 -14.96 -14.64 31.71
C LYS A 201 -15.06 -13.36 30.88
N THR A 202 -14.47 -12.28 31.38
CA THR A 202 -14.58 -10.97 30.75
C THR A 202 -13.24 -10.25 30.72
N SER A 203 -13.23 -9.07 30.12
CA SER A 203 -12.05 -8.21 30.16
C SER A 203 -11.93 -7.53 31.51
N ARG A 204 -13.05 -7.43 32.22
CA ARG A 204 -13.09 -6.72 33.49
C ARG A 204 -12.61 -7.58 34.65
N HIS A 205 -12.72 -8.89 34.47
CA HIS A 205 -12.46 -9.85 35.54
C HIS A 205 -11.11 -10.55 35.37
N GLN A 206 -10.08 -9.75 35.10
CA GLN A 206 -8.70 -10.26 35.02
C GLN A 206 -7.77 -9.14 35.45
N ASP A 207 -6.60 -9.49 35.98
CA ASP A 207 -5.55 -8.49 36.23
C ASP A 207 -4.85 -8.13 34.92
N GLY A 208 -4.11 -7.02 34.93
CA GLY A 208 -3.20 -6.73 33.85
C GLY A 208 -1.80 -6.60 34.41
N PHE A 209 -0.80 -6.81 33.57
CA PHE A 209 0.60 -6.71 34.00
C PHE A 209 1.46 -6.10 32.90
N GLY A 210 2.50 -5.37 33.30
CA GLY A 210 3.49 -4.91 32.32
C GLY A 210 4.34 -6.10 31.88
N SER A 211 4.37 -7.13 32.72
CA SER A 211 5.19 -8.33 32.56
C SER A 211 6.70 -8.06 32.64
N HIS A 212 7.23 -7.27 31.72
CA HIS A 212 8.66 -6.93 31.73
C HIS A 212 9.07 -6.13 32.97
N THR A 213 10.35 -6.24 33.32
CA THR A 213 11.00 -5.24 34.17
C THR A 213 11.21 -3.98 33.35
N PHE A 214 10.72 -2.85 33.88
CA PHE A 214 11.05 -1.56 33.29
C PHE A 214 11.90 -0.79 34.28
N GLN A 215 12.22 0.45 33.95
CA GLN A 215 12.99 1.28 34.89
C GLN A 215 12.21 2.56 35.23
N TRP A 216 12.29 2.97 36.49
CA TRP A 216 11.83 4.29 36.91
C TRP A 216 13.03 5.13 37.27
N ILE A 217 13.05 6.39 36.84
CA ILE A 217 14.14 7.29 37.22
C ILE A 217 13.56 8.56 37.84
N ASN A 218 14.11 8.99 38.97
CA ASN A 218 13.59 10.18 39.65
C ASN A 218 14.23 11.48 39.16
N ALA A 219 13.80 12.62 39.72
CA ALA A 219 14.31 13.92 39.29
C ALA A 219 15.82 14.03 39.46
N GLU A 220 16.38 13.29 40.40
CA GLU A 220 17.81 13.38 40.67
CA GLU A 220 17.81 13.35 40.69
C GLU A 220 18.63 12.43 39.78
N GLY A 221 17.94 11.66 38.94
CA GLY A 221 18.62 10.76 38.02
C GLY A 221 18.86 9.36 38.56
N LYS A 222 18.32 9.06 39.74
CA LYS A 222 18.50 7.74 40.32
C LYS A 222 17.47 6.73 39.80
N PRO A 223 17.94 5.57 39.34
CA PRO A 223 17.06 4.54 38.76
C PRO A 223 16.68 3.43 39.73
N VAL A 224 15.48 2.90 39.58
CA VAL A 224 15.10 1.65 40.23
C VAL A 224 14.43 0.76 39.18
N TRP A 225 14.46 -0.55 39.38
CA TRP A 225 13.73 -1.44 38.47
C TRP A 225 12.29 -1.63 38.96
N VAL A 226 11.32 -1.66 38.04
CA VAL A 226 9.91 -1.81 38.44
C VAL A 226 9.17 -2.82 37.57
N LYS A 227 8.14 -3.43 38.16
CA LYS A 227 7.14 -4.21 37.43
C LYS A 227 5.75 -3.67 37.74
N TYR A 228 4.94 -3.51 36.69
CA TYR A 228 3.58 -2.98 36.84
C TYR A 228 2.57 -4.09 37.08
N HIS A 229 1.68 -3.88 38.05
CA HIS A 229 0.60 -4.79 38.32
C HIS A 229 -0.70 -4.02 38.34
N PHE A 230 -1.67 -4.43 37.53
CA PHE A 230 -2.96 -3.76 37.50
C PHE A 230 -3.98 -4.73 38.07
N LYS A 231 -4.38 -4.49 39.32
CA LYS A 231 -5.15 -5.47 40.07
C LYS A 231 -6.65 -5.19 39.96
N THR A 232 -7.40 -6.12 39.39
CA THR A 232 -8.79 -5.86 39.08
C THR A 232 -9.67 -5.71 40.32
N ARG A 233 -10.45 -4.63 40.38
CA ARG A 233 -11.38 -4.45 41.49
C ARG A 233 -12.61 -5.34 41.33
N GLN A 234 -12.82 -5.86 40.12
CA GLN A 234 -13.96 -6.75 39.87
C GLN A 234 -13.64 -8.17 40.30
N GLY A 235 -12.34 -8.47 40.37
CA GLY A 235 -11.85 -9.77 40.78
C GLY A 235 -11.63 -10.73 39.61
N TRP A 236 -10.68 -11.65 39.76
CA TRP A 236 -10.53 -12.71 38.76
C TRP A 236 -11.80 -13.56 38.77
N ASP A 237 -12.34 -13.84 37.60
CA ASP A 237 -13.50 -14.70 37.50
C ASP A 237 -13.35 -15.47 36.21
N CYS A 238 -13.31 -16.79 36.29
CA CYS A 238 -12.92 -17.60 35.13
C CYS A 238 -13.92 -18.67 34.75
N PHE A 239 -14.07 -18.91 33.44
CA PHE A 239 -14.81 -20.07 32.95
C PHE A 239 -13.98 -21.32 33.17
N THR A 240 -14.63 -22.48 33.20
CA THR A 240 -13.91 -23.74 33.06
C THR A 240 -13.63 -23.92 31.56
N ASP A 241 -12.78 -24.88 31.22
CA ASP A 241 -12.50 -25.19 29.81
C ASP A 241 -13.79 -25.39 29.02
N ALA A 242 -14.71 -26.18 29.56
CA ALA A 242 -15.97 -26.46 28.87
C ALA A 242 -16.86 -25.23 28.72
N GLU A 243 -16.94 -24.42 29.77
CA GLU A 243 -17.77 -23.22 29.72
C GLU A 243 -17.29 -22.24 28.65
N ALA A 244 -15.98 -22.03 28.58
CA ALA A 244 -15.41 -21.06 27.64
C ALA A 244 -15.66 -21.48 26.21
N ALA A 245 -15.54 -22.79 25.93
CA ALA A 245 -15.77 -23.30 24.58
C ALA A 245 -17.24 -23.17 24.19
N LYS A 246 -18.13 -23.34 25.15
CA LYS A 246 -19.56 -23.19 24.90
C LYS A 246 -19.92 -21.73 24.58
N VAL A 247 -19.33 -20.80 25.34
CA VAL A 247 -19.55 -19.36 25.14
C VAL A 247 -18.97 -18.89 23.79
N ALA A 248 -17.82 -19.44 23.42
CA ALA A 248 -17.19 -19.12 22.14
C ALA A 248 -18.16 -19.32 20.97
N GLY A 249 -19.00 -20.34 21.09
CA GLY A 249 -20.02 -20.62 20.09
C GLY A 249 -21.24 -19.71 20.20
N GLU A 250 -21.69 -19.49 21.42
CA GLU A 250 -22.89 -18.68 21.67
C GLU A 250 -22.70 -17.20 21.35
N ASN A 251 -21.51 -16.69 21.61
CA ASN A 251 -21.19 -15.29 21.37
C ASN A 251 -19.68 -15.10 21.24
N ALA A 252 -19.20 -15.04 20.00
CA ALA A 252 -17.78 -14.89 19.73
C ALA A 252 -17.26 -13.55 20.23
N ASP A 253 -18.18 -12.61 20.46
CA ASP A 253 -17.82 -11.28 20.95
C ASP A 253 -18.30 -11.09 22.37
N TYR A 254 -18.32 -12.17 23.14
CA TYR A 254 -18.82 -12.14 24.51
C TYR A 254 -18.14 -11.07 25.36
N GLN A 255 -16.83 -10.93 25.22
CA GLN A 255 -16.09 -9.97 26.03
C GLN A 255 -16.19 -8.54 25.50
N ARG A 256 -16.19 -8.40 24.18
CA ARG A 256 -16.41 -7.10 23.54
C ARG A 256 -17.77 -6.55 23.98
N GLU A 257 -18.79 -7.39 23.90
CA GLU A 257 -20.14 -6.96 24.24
C GLU A 257 -20.29 -6.67 25.74
N ASP A 258 -19.64 -7.49 26.57
CA ASP A 258 -19.66 -7.27 28.01
C ASP A 258 -19.09 -5.91 28.42
N LEU A 259 -17.94 -5.54 27.83
CA LEU A 259 -17.30 -4.27 28.18
C LEU A 259 -18.15 -3.09 27.70
N TYR A 260 -18.64 -3.18 26.46
CA TYR A 260 -19.53 -2.14 25.93
C TYR A 260 -20.75 -1.94 26.84
N ASN A 261 -21.40 -3.05 27.18
CA ASN A 261 -22.60 -3.00 28.03
C ASN A 261 -22.30 -2.43 29.41
N ALA A 262 -21.25 -2.93 30.04
CA ALA A 262 -20.88 -2.47 31.38
C ALA A 262 -20.71 -0.96 31.42
N ILE A 263 -20.03 -0.42 30.41
CA ILE A 263 -19.80 1.02 30.37
C ILE A 263 -21.08 1.78 30.04
N GLU A 264 -21.90 1.22 29.14
CA GLU A 264 -23.16 1.87 28.79
C GLU A 264 -24.08 1.95 29.99
N ASN A 265 -23.95 0.97 30.87
CA ASN A 265 -24.82 0.86 32.04
C ASN A 265 -24.25 1.58 33.26
N GLY A 266 -23.10 2.23 33.10
CA GLY A 266 -22.49 2.95 34.21
C GLY A 266 -21.73 2.08 35.21
N ASP A 267 -21.57 0.80 34.91
CA ASP A 267 -20.80 -0.08 35.78
CA ASP A 267 -20.80 -0.08 35.77
C ASP A 267 -19.33 -0.04 35.36
N PHE A 268 -18.69 1.09 35.61
CA PHE A 268 -17.32 1.33 35.17
C PHE A 268 -16.31 0.43 35.88
N PRO A 269 -15.56 -0.38 35.11
CA PRO A 269 -14.55 -1.26 35.71
C PRO A 269 -13.32 -0.47 36.17
N ILE A 270 -12.72 -0.91 37.28
CA ILE A 270 -11.60 -0.22 37.91
C ILE A 270 -10.47 -1.21 38.17
N TRP A 271 -9.23 -0.75 38.06
CA TRP A 271 -8.06 -1.53 38.42
C TRP A 271 -7.19 -0.68 39.34
N ASP A 272 -6.63 -1.30 40.36
CA ASP A 272 -5.67 -0.60 41.21
C ASP A 272 -4.27 -0.76 40.63
N VAL A 273 -3.59 0.37 40.44
CA VAL A 273 -2.26 0.38 39.84
C VAL A 273 -1.21 0.23 40.93
N LYS A 274 -0.38 -0.81 40.80
CA LYS A 274 0.68 -1.06 41.77
C LYS A 274 1.99 -1.40 41.08
N VAL A 275 3.10 -1.26 41.79
CA VAL A 275 4.38 -1.67 41.26
C VAL A 275 5.16 -2.50 42.27
N GLN A 276 6.01 -3.38 41.76
CA GLN A 276 7.10 -3.92 42.55
C GLN A 276 8.29 -3.03 42.27
N ILE A 277 9.10 -2.76 43.28
CA ILE A 277 10.24 -1.91 43.10
C ILE A 277 11.48 -2.62 43.60
N MET A 278 12.39 -2.93 42.68
CA MET A 278 13.64 -3.58 43.05
C MET A 278 14.75 -2.57 42.96
N PRO A 279 15.42 -2.29 44.09
CA PRO A 279 16.57 -1.36 44.07
C PRO A 279 17.61 -1.80 43.05
N PHE A 280 18.22 -0.83 42.38
CA PHE A 280 19.19 -1.09 41.33
C PHE A 280 20.28 -2.04 41.80
N GLU A 281 20.75 -1.84 43.03
CA GLU A 281 21.85 -2.64 43.56
C GLU A 281 21.43 -4.07 43.94
N ASP A 282 20.12 -4.36 43.88
CA ASP A 282 19.61 -5.69 44.22
C ASP A 282 19.69 -6.67 43.05
N ALA A 283 19.83 -6.13 41.84
CA ALA A 283 19.63 -6.93 40.63
C ALA A 283 20.56 -8.12 40.48
N GLU A 284 21.86 -7.87 40.63
CA GLU A 284 22.84 -8.91 40.37
CA GLU A 284 22.91 -8.88 40.45
C GLU A 284 22.70 -10.11 41.31
N ASN A 285 22.32 -9.88 42.56
CA ASN A 285 22.24 -10.99 43.49
C ASN A 285 20.85 -11.60 43.73
N TYR A 286 19.84 -11.16 42.98
CA TYR A 286 18.52 -11.81 43.11
C TYR A 286 18.59 -13.29 42.74
N ARG A 287 17.80 -14.12 43.42
CA ARG A 287 17.85 -15.57 43.20
C ARG A 287 17.53 -15.93 41.75
N TRP A 288 16.75 -15.09 41.08
CA TRP A 288 16.42 -15.24 39.66
C TRP A 288 16.95 -14.07 38.85
N ASN A 289 17.18 -14.29 37.56
CA ASN A 289 17.55 -13.18 36.68
C ASN A 289 16.37 -12.21 36.60
N PRO A 290 16.60 -10.96 37.01
CA PRO A 290 15.50 -9.98 37.14
C PRO A 290 15.03 -9.42 35.79
N PHE A 291 15.75 -9.74 34.71
CA PHE A 291 15.42 -9.23 33.37
C PHE A 291 14.91 -10.32 32.42
N ASP A 292 14.78 -11.54 32.95
CA ASP A 292 14.28 -12.69 32.20
C ASP A 292 12.77 -12.70 32.31
N LEU A 293 12.09 -12.46 31.20
CA LEU A 293 10.63 -12.34 31.17
C LEU A 293 9.91 -13.56 31.72
N THR A 294 10.53 -14.73 31.55
CA THR A 294 9.97 -15.99 32.04
C THR A 294 10.10 -16.13 33.55
N LYS A 295 10.69 -15.12 34.20
CA LYS A 295 10.88 -15.13 35.65
C LYS A 295 10.11 -13.99 36.30
N THR A 296 9.12 -14.33 37.13
CA THR A 296 8.48 -13.31 37.96
C THR A 296 9.35 -12.96 39.17
N TRP A 297 9.13 -11.78 39.73
CA TRP A 297 9.74 -11.43 41.01
C TRP A 297 8.77 -11.88 42.11
N SER A 298 9.28 -12.64 43.08
CA SER A 298 8.40 -13.08 44.17
C SER A 298 7.84 -11.88 44.93
N GLN A 299 6.54 -11.89 45.20
CA GLN A 299 5.90 -10.82 45.94
C GLN A 299 6.21 -10.91 47.44
N LYS A 300 6.90 -11.98 47.84
CA LYS A 300 7.39 -12.09 49.21
C LYS A 300 8.67 -11.27 49.33
N ASP A 301 9.39 -11.16 48.21
CA ASP A 301 10.62 -10.39 48.16
C ASP A 301 10.33 -8.94 47.80
N TYR A 302 9.38 -8.74 46.89
CA TYR A 302 9.02 -7.41 46.42
C TYR A 302 7.50 -7.28 46.37
N PRO A 303 6.91 -6.84 47.49
CA PRO A 303 5.46 -6.70 47.66
C PRO A 303 4.92 -5.62 46.72
N LEU A 304 3.62 -5.65 46.44
CA LEU A 304 3.01 -4.62 45.60
C LEU A 304 2.95 -3.28 46.34
N ILE A 305 3.45 -2.23 45.71
CA ILE A 305 3.39 -0.87 46.25
C ILE A 305 2.30 -0.10 45.52
N PRO A 306 1.35 0.51 46.25
CA PRO A 306 0.25 1.20 45.58
C PRO A 306 0.66 2.53 44.94
N VAL A 307 0.00 2.86 43.82
CA VAL A 307 0.29 4.09 43.08
C VAL A 307 -1.00 4.90 42.88
N GLY A 308 -2.04 4.22 42.41
CA GLY A 308 -3.32 4.85 42.11
C GLY A 308 -4.29 3.84 41.53
N TYR A 309 -5.25 4.33 40.74
CA TYR A 309 -6.19 3.44 40.06
C TYR A 309 -6.55 4.01 38.70
N PHE A 310 -7.10 3.17 37.82
CA PHE A 310 -7.68 3.69 36.59
C PHE A 310 -9.08 3.15 36.39
N ILE A 311 -9.89 3.89 35.66
CA ILE A 311 -11.27 3.53 35.48
C ILE A 311 -11.62 3.69 34.00
N LEU A 312 -12.44 2.78 33.49
CA LEU A 312 -12.89 2.87 32.10
C LEU A 312 -14.33 3.40 32.14
N ASN A 313 -14.52 4.61 31.62
CA ASN A 313 -15.82 5.25 31.70
C ASN A 313 -16.34 5.85 30.39
N ARG A 314 -15.75 5.41 29.27
CA ARG A 314 -16.15 5.95 27.98
C ARG A 314 -15.96 4.91 26.86
N ASN A 315 -17.06 4.54 26.20
CA ASN A 315 -16.98 3.69 25.03
C ASN A 315 -16.46 4.50 23.86
N PRO A 316 -15.80 3.84 22.88
CA PRO A 316 -15.42 4.54 21.64
C PRO A 316 -16.65 5.09 20.91
N ARG A 317 -16.46 6.17 20.15
CA ARG A 317 -17.51 6.71 19.29
C ARG A 317 -17.60 5.91 18.00
N ASN A 318 -16.44 5.46 17.51
CA ASN A 318 -16.37 4.66 16.29
C ASN A 318 -15.29 3.59 16.48
N PHE A 319 -15.70 2.32 16.43
CA PHE A 319 -14.83 1.19 16.77
C PHE A 319 -13.62 1.10 15.83
N PHE A 320 -13.88 1.13 14.52
CA PHE A 320 -12.78 1.02 13.57
C PHE A 320 -11.80 2.16 13.71
N ALA A 321 -12.33 3.39 13.67
CA ALA A 321 -11.46 4.56 13.62
C ALA A 321 -10.62 4.70 14.88
N GLN A 322 -11.16 4.25 16.01
CA GLN A 322 -10.52 4.54 17.30
C GLN A 322 -9.95 3.32 18.01
N ILE A 323 -10.39 2.12 17.65
CA ILE A 323 -9.88 0.90 18.28
C ILE A 323 -9.07 0.08 17.30
N GLU A 324 -9.65 -0.28 16.17
CA GLU A 324 -8.87 -1.00 15.16
C GLU A 324 -7.63 -0.19 14.75
N GLN A 325 -7.80 1.13 14.63
CA GLN A 325 -6.70 1.99 14.19
C GLN A 325 -5.80 2.51 15.31
N ILE A 326 -6.11 2.21 16.56
CA ILE A 326 -5.17 2.61 17.61
C ILE A 326 -3.84 1.89 17.38
N ALA A 327 -2.74 2.56 17.70
CA ALA A 327 -1.42 2.00 17.49
C ALA A 327 -0.66 1.97 18.83
N LEU A 328 -0.94 0.94 19.63
CA LEU A 328 -0.35 0.84 20.96
C LEU A 328 1.06 0.28 20.83
N ASP A 329 2.01 0.86 21.56
CA ASP A 329 3.42 0.63 21.28
C ASP A 329 4.24 0.80 22.57
N PRO A 330 4.93 -0.28 23.01
CA PRO A 330 5.68 -0.17 24.26
C PRO A 330 6.86 0.79 24.14
N GLY A 331 7.24 1.13 22.90
CA GLY A 331 8.27 2.13 22.68
C GLY A 331 7.79 3.55 22.96
N ASN A 332 6.49 3.71 23.19
CA ASN A 332 5.97 5.01 23.59
C ASN A 332 6.25 5.25 25.06
N ILE A 333 7.50 5.55 25.38
CA ILE A 333 7.87 5.85 26.76
C ILE A 333 8.06 7.35 26.91
N VAL A 334 8.15 7.81 28.15
CA VAL A 334 8.20 9.24 28.47
C VAL A 334 9.30 9.46 29.52
N PRO A 335 9.71 10.72 29.75
CA PRO A 335 10.75 10.92 30.77
C PRO A 335 10.33 10.35 32.14
N GLY A 336 11.28 9.76 32.85
CA GLY A 336 10.99 9.11 34.12
C GLY A 336 10.73 7.61 34.01
N VAL A 337 10.68 7.11 32.78
CA VAL A 337 10.46 5.69 32.52
C VAL A 337 11.53 5.20 31.54
N GLY A 338 12.08 4.01 31.81
CA GLY A 338 13.06 3.43 30.91
C GLY A 338 12.87 1.93 30.67
N LEU A 339 13.74 1.37 29.83
CA LEU A 339 13.66 -0.03 29.49
C LEU A 339 14.57 -0.85 30.43
N SER A 340 15.00 -2.02 29.97
CA SER A 340 15.87 -2.91 30.75
C SER A 340 16.47 -3.91 29.78
N PRO A 341 17.50 -4.65 30.23
CA PRO A 341 18.07 -5.67 29.32
C PRO A 341 17.23 -6.94 29.22
N ASP A 342 15.93 -6.77 29.05
CA ASP A 342 15.01 -7.86 28.72
C ASP A 342 14.98 -7.92 27.19
N ARG A 343 15.52 -8.99 26.59
CA ARG A 343 15.62 -9.07 25.14
C ARG A 343 14.29 -9.09 24.41
N MET A 344 13.25 -9.61 25.06
CA MET A 344 11.92 -9.62 24.46
C MET A 344 11.44 -8.19 24.36
N LEU A 345 11.66 -7.44 25.44
CA LEU A 345 11.26 -6.04 25.47
C LEU A 345 11.99 -5.24 24.42
N GLN A 346 13.30 -5.44 24.30
CA GLN A 346 14.08 -4.65 23.35
C GLN A 346 13.68 -4.91 21.89
N ALA A 347 13.32 -6.15 21.60
CA ALA A 347 12.77 -6.47 20.28
C ALA A 347 11.42 -5.79 20.05
N ARG A 348 10.55 -5.81 21.06
CA ARG A 348 9.23 -5.14 20.96
C ARG A 348 9.34 -3.65 20.66
N ILE A 349 10.36 -3.01 21.25
CA ILE A 349 10.55 -1.57 21.06
C ILE A 349 10.68 -1.24 19.57
N PHE A 350 11.29 -2.16 18.81
CA PHE A 350 11.31 -2.03 17.36
C PHE A 350 9.98 -2.42 16.69
N ALA A 351 9.45 -3.57 17.08
CA ALA A 351 8.48 -4.30 16.23
C ALA A 351 7.10 -3.64 16.04
N TYR A 352 6.60 -2.90 17.03
CA TYR A 352 5.21 -2.43 16.94
C TYR A 352 5.08 -1.32 15.93
N ALA A 353 5.95 -0.31 16.06
CA ALA A 353 5.91 0.84 15.16
C ALA A 353 6.18 0.35 13.75
N ASP A 354 7.06 -0.65 13.64
CA ASP A 354 7.33 -1.24 12.34
C ASP A 354 6.06 -1.82 11.71
N GLN A 355 5.30 -2.63 12.46
CA GLN A 355 4.09 -3.20 11.88
C GLN A 355 3.04 -2.12 11.60
N GLN A 356 2.97 -1.13 12.49
CA GLN A 356 1.97 -0.06 12.37
C GLN A 356 2.17 0.79 11.11
N ARG A 357 3.44 1.00 10.76
CA ARG A 357 3.76 1.73 9.54
C ARG A 357 3.17 1.04 8.33
N TYR A 358 3.09 -0.28 8.39
CA TYR A 358 2.51 -1.08 7.31
C TYR A 358 0.99 -1.25 7.46
N ARG A 359 0.59 -1.66 8.65
CA ARG A 359 -0.80 -2.01 8.94
C ARG A 359 -1.75 -0.82 8.78
N ILE A 360 -1.29 0.34 9.23
CA ILE A 360 -2.08 1.56 9.13
C ILE A 360 -1.56 2.47 8.02
N GLY A 361 -0.29 2.86 8.14
CA GLY A 361 0.31 3.75 7.16
C GLY A 361 1.46 4.53 7.75
N ALA A 362 2.30 5.10 6.89
CA ALA A 362 3.46 5.88 7.33
C ALA A 362 3.03 6.99 8.30
N ASN A 363 1.84 7.54 8.09
CA ASN A 363 1.39 8.66 8.92
C ASN A 363 0.40 8.33 10.03
N TYR A 364 0.44 7.08 10.49
CA TYR A 364 -0.51 6.57 11.48
C TYR A 364 -0.51 7.39 12.77
N ARG A 365 0.62 8.04 13.08
CA ARG A 365 0.73 8.83 14.31
C ARG A 365 -0.18 10.04 14.29
N ASP A 366 -0.59 10.45 13.10
CA ASP A 366 -1.41 11.66 12.97
C ASP A 366 -2.90 11.40 13.17
N LEU A 367 -3.32 10.14 13.18
CA LEU A 367 -4.74 9.81 13.36
C LEU A 367 -5.14 10.26 14.75
N PRO A 368 -6.37 10.79 14.89
CA PRO A 368 -6.85 11.35 16.16
C PRO A 368 -6.49 10.54 17.41
N VAL A 369 -6.74 9.24 17.42
CA VAL A 369 -6.53 8.43 18.63
C VAL A 369 -5.05 8.25 18.93
N ASN A 370 -4.19 8.44 17.92
CA ASN A 370 -2.75 8.28 18.13
C ASN A 370 -1.97 9.57 18.42
N ARG A 371 -2.58 10.73 18.22
CA ARG A 371 -1.96 12.01 18.53
C ARG A 371 -1.93 12.24 20.04
N PRO A 372 -0.79 12.76 20.56
CA PRO A 372 -0.72 13.11 21.98
C PRO A 372 -1.49 14.40 22.26
N ILE A 373 -1.59 14.82 23.52
CA ILE A 373 -2.27 16.09 23.79
C ILE A 373 -1.34 17.29 23.62
N ASN A 374 -0.04 17.06 23.71
CA ASN A 374 0.91 18.15 23.43
C ASN A 374 1.27 18.20 21.94
N GLU A 375 1.85 19.31 21.49
CA GLU A 375 2.15 19.48 20.07
C GLU A 375 3.40 18.68 19.71
N VAL A 376 3.37 18.00 18.57
CA VAL A 376 4.54 17.27 18.10
C VAL A 376 5.44 18.23 17.34
N ASN A 377 6.71 18.31 17.75
CA ASN A 377 7.67 19.17 17.06
C ASN A 377 8.68 18.29 16.35
N THR A 378 8.47 18.04 15.06
CA THR A 378 9.28 17.07 14.34
C THR A 378 9.78 17.58 12.99
N TYR A 379 10.90 17.03 12.52
CA TYR A 379 11.40 17.34 11.18
C TYR A 379 10.92 16.32 10.16
N SER A 380 10.22 15.28 10.62
CA SER A 380 9.61 14.33 9.68
C SER A 380 8.58 15.05 8.81
N ARG A 381 8.36 14.53 7.61
CA ARG A 381 7.52 15.22 6.64
C ARG A 381 6.98 14.24 5.61
N GLU A 382 5.99 14.71 4.84
CA GLU A 382 5.45 13.96 3.72
C GLU A 382 4.98 12.56 4.13
N GLY A 383 5.11 11.59 3.22
CA GLY A 383 4.50 10.27 3.42
C GLY A 383 3.06 10.24 2.96
N SER A 384 2.57 9.03 2.67
CA SER A 384 1.19 8.84 2.22
CA SER A 384 1.19 8.85 2.21
C SER A 384 0.19 9.44 3.19
N MET A 385 -0.84 10.06 2.65
CA MET A 385 -1.94 10.59 3.46
C MET A 385 -1.49 11.54 4.57
N GLN A 386 -0.66 12.53 4.22
CA GLN A 386 -0.27 13.53 5.22
C GLN A 386 -1.40 14.52 5.45
N TYR A 387 -1.99 14.46 6.62
CA TYR A 387 -3.10 15.32 7.00
CA TYR A 387 -3.09 15.36 6.96
C TYR A 387 -2.54 16.58 7.65
N ILE A 388 -1.59 16.38 8.57
CA ILE A 388 -1.04 17.46 9.38
C ILE A 388 0.33 17.85 8.87
N PHE A 389 0.59 19.16 8.74
CA PHE A 389 1.89 19.62 8.26
C PHE A 389 2.33 20.83 9.07
N ASP A 390 3.65 21.10 9.06
CA ASP A 390 4.19 22.18 9.88
C ASP A 390 3.77 23.56 9.38
N ALA A 391 3.88 24.55 10.26
CA ALA A 391 3.68 25.95 9.87
C ALA A 391 4.49 26.34 8.63
N GLU A 392 3.86 27.13 7.76
CA GLU A 392 4.43 27.47 6.45
C GLU A 392 5.89 27.91 6.50
N GLY A 393 6.74 27.23 5.74
CA GLY A 393 8.12 27.68 5.58
C GLY A 393 9.08 27.29 6.68
N GLU A 394 8.59 26.59 7.70
CA GLU A 394 9.48 26.08 8.74
C GLU A 394 10.54 25.15 8.17
N PRO A 395 11.73 25.11 8.80
CA PRO A 395 12.85 24.34 8.26
C PRO A 395 12.60 22.83 8.31
N SER A 396 13.21 22.12 7.37
CA SER A 396 13.06 20.67 7.28
C SER A 396 14.26 19.92 7.85
N TYR A 397 15.27 20.66 8.31
CA TYR A 397 16.54 20.06 8.69
C TYR A 397 17.04 20.74 9.96
N SER A 398 17.77 20.00 10.81
CA SER A 398 18.53 20.65 11.90
C SER A 398 19.95 20.11 11.86
N PRO A 399 20.95 20.91 12.27
CA PRO A 399 20.85 22.28 12.80
C PRO A 399 20.47 23.28 11.73
N ASN A 400 19.75 24.33 12.12
CA ASN A 400 19.40 25.38 11.18
C ASN A 400 19.54 26.77 11.80
N ARG A 401 19.40 27.81 10.98
CA ARG A 401 19.54 29.18 11.46
C ARG A 401 18.24 29.76 12.02
N TYR A 402 17.22 28.93 12.18
CA TYR A 402 15.94 29.41 12.68
C TYR A 402 15.64 28.98 14.13
N ASP A 403 14.36 28.86 14.48
CA ASP A 403 13.97 28.67 15.88
C ASP A 403 13.33 27.32 16.21
N LYS A 404 13.06 26.51 15.20
CA LYS A 404 12.32 25.25 15.40
C LYS A 404 12.97 24.35 16.46
N GLY A 405 14.30 24.31 16.47
CA GLY A 405 15.01 23.63 17.54
C GLY A 405 15.55 22.25 17.21
N ALA A 406 16.21 21.66 18.20
CA ALA A 406 16.75 20.31 18.07
C ALA A 406 16.51 19.54 19.37
N GLY A 407 17.33 18.54 19.67
CA GLY A 407 17.13 17.75 20.87
C GLY A 407 17.59 18.49 22.12
N TYR A 408 17.12 18.07 23.30
CA TYR A 408 17.43 18.80 24.54
C TYR A 408 18.89 18.65 24.96
N LEU A 409 19.58 17.64 24.42
CA LEU A 409 21.01 17.52 24.65
C LEU A 409 21.82 18.40 23.69
N ASP A 410 21.24 18.73 22.54
CA ASP A 410 21.92 19.54 21.53
C ASP A 410 21.87 21.03 21.89
N ASN A 411 22.62 21.86 21.17
CA ASN A 411 22.53 23.31 21.44
C ASN A 411 21.58 24.05 20.49
N GLY A 412 21.05 23.34 19.50
CA GLY A 412 20.08 23.91 18.58
C GLY A 412 20.71 24.68 17.42
N THR A 413 22.05 24.81 17.45
CA THR A 413 22.73 25.64 16.44
C THR A 413 23.79 24.92 15.61
N ASP A 414 24.32 23.81 16.11
CA ASP A 414 25.26 23.00 15.33
C ASP A 414 25.02 21.50 15.45
N SER A 415 25.88 20.73 14.77
CA SER A 415 25.73 19.28 14.68
C SER A 415 26.38 18.49 15.82
N SER A 416 26.86 19.17 16.86
CA SER A 416 27.59 18.49 17.96
C SER A 416 28.86 17.81 17.47
N SER A 417 29.59 18.48 16.60
CA SER A 417 30.90 17.96 16.21
C SER A 417 31.93 18.44 17.24
N ASN A 418 33.18 18.58 16.82
CA ASN A 418 34.27 18.89 17.74
C ASN A 418 34.31 17.96 18.94
N HIS A 419 34.09 16.90 18.73
CA HIS A 419 34.04 15.80 19.69
C HIS A 419 33.18 16.08 20.92
N THR A 420 31.98 16.37 20.73
CA THR A 420 30.97 16.56 21.77
C THR A 420 30.42 15.21 22.23
N SER A 421 30.40 14.97 23.55
CA SER A 421 29.80 13.74 24.08
C SER A 421 28.72 14.12 25.07
N TYR A 422 27.67 13.30 25.17
CA TYR A 422 26.57 13.59 26.11
C TYR A 422 26.53 12.67 27.31
N GLY A 423 27.24 11.54 27.24
CA GLY A 423 27.24 10.61 28.36
C GLY A 423 26.09 9.62 28.35
N GLN A 424 25.79 9.05 29.52
CA GLN A 424 24.91 7.89 29.63
C GLN A 424 23.49 8.19 29.15
N ALA A 425 22.96 7.29 28.33
CA ALA A 425 21.66 7.49 27.72
C ALA A 425 20.56 7.01 28.66
N ASP A 426 20.36 7.75 29.76
CA ASP A 426 19.43 7.33 30.80
C ASP A 426 17.97 7.30 30.36
N ASP A 427 17.64 8.10 29.35
CA ASP A 427 16.30 8.12 28.76
C ASP A 427 15.94 6.78 28.10
N ILE A 428 16.96 6.01 27.73
CA ILE A 428 16.73 4.64 27.26
C ILE A 428 16.67 3.73 28.47
N TYR A 429 17.81 3.55 29.14
CA TYR A 429 17.84 3.14 30.56
C TYR A 429 19.23 3.34 31.13
N VAL A 430 19.31 3.50 32.45
CA VAL A 430 20.61 3.38 33.10
C VAL A 430 20.95 1.89 33.11
N ASN A 431 22.00 1.51 32.38
CA ASN A 431 22.27 0.10 32.19
C ASN A 431 23.02 -0.51 33.37
N PRO A 432 22.77 -1.78 33.65
CA PRO A 432 23.65 -2.47 34.60
C PRO A 432 24.89 -2.94 33.87
N ASP A 433 25.74 -3.71 34.54
CA ASP A 433 26.93 -4.32 33.94
C ASP A 433 26.49 -5.18 32.76
N PRO A 434 27.13 -5.01 31.59
CA PRO A 434 26.76 -5.86 30.44
C PRO A 434 27.41 -7.23 30.54
N HIS A 435 28.37 -7.38 31.58
CA HIS A 435 29.09 -8.66 31.63
C HIS A 435 29.82 -9.00 30.35
N GLY A 436 30.27 -8.20 29.62
CA GLY A 436 31.13 -8.52 28.50
C GLY A 436 31.35 -7.30 27.64
N THR A 437 32.39 -7.35 26.82
CA THR A 437 32.78 -6.22 26.00
C THR A 437 32.60 -6.49 24.50
N ASP A 438 31.98 -7.62 24.15
CA ASP A 438 31.89 -8.04 22.75
C ASP A 438 30.45 -8.24 22.29
N LEU A 439 30.20 -8.06 20.99
CA LEU A 439 28.94 -8.52 20.41
C LEU A 439 28.94 -10.03 20.52
N VAL A 440 27.89 -10.59 21.11
CA VAL A 440 27.82 -12.02 21.33
C VAL A 440 26.39 -12.53 21.16
N ARG A 441 26.26 -13.83 21.04
CA ARG A 441 24.96 -14.46 21.24
C ARG A 441 25.12 -15.37 22.44
N ALA A 442 24.55 -14.98 23.58
CA ALA A 442 24.86 -15.61 24.86
C ALA A 442 23.61 -15.87 25.67
N ALA A 443 23.74 -16.75 26.66
CA ALA A 443 22.67 -16.94 27.64
C ALA A 443 22.55 -15.69 28.49
N TYR A 444 21.40 -15.50 29.14
CA TYR A 444 21.27 -14.47 30.17
C TYR A 444 22.24 -14.82 31.29
N VAL A 445 22.67 -13.82 32.05
CA VAL A 445 23.49 -14.07 33.22
C VAL A 445 22.76 -15.09 34.09
N LYS A 446 23.44 -16.15 34.50
CA LYS A 446 22.78 -17.21 35.25
C LYS A 446 22.71 -16.92 36.74
N HIS A 447 21.50 -16.77 37.25
CA HIS A 447 21.31 -16.59 38.68
C HIS A 447 21.05 -17.94 39.36
N GLN A 448 21.23 -17.97 40.68
CA GLN A 448 21.17 -19.21 41.46
C GLN A 448 20.04 -20.19 41.12
N ASP A 449 18.82 -19.68 41.02
CA ASP A 449 17.66 -20.54 40.81
C ASP A 449 17.09 -20.46 39.40
N ASP A 450 17.88 -19.98 38.44
CA ASP A 450 17.40 -19.88 37.06
C ASP A 450 17.30 -21.23 36.38
N ASP A 451 16.08 -21.65 36.06
CA ASP A 451 15.88 -22.78 35.16
C ASP A 451 14.54 -22.58 34.45
N ASP A 452 14.11 -23.53 33.63
CA ASP A 452 12.87 -23.34 32.88
C ASP A 452 11.62 -23.80 33.62
N PHE A 453 11.81 -24.51 34.75
CA PHE A 453 10.71 -25.24 35.37
C PHE A 453 10.37 -24.93 36.82
N ILE A 454 11.28 -24.29 37.55
CA ILE A 454 11.08 -24.12 38.99
C ILE A 454 9.87 -23.23 39.35
N GLN A 455 9.70 -22.12 38.64
CA GLN A 455 8.59 -21.22 38.96
C GLN A 455 7.18 -21.75 38.70
N PRO A 456 6.95 -22.42 37.55
CA PRO A 456 5.62 -23.03 37.46
C PRO A 456 5.45 -24.20 38.45
N GLY A 457 6.55 -24.86 38.81
CA GLY A 457 6.49 -25.90 39.82
C GLY A 457 6.09 -25.33 41.19
N ILE A 458 6.65 -24.17 41.51
CA ILE A 458 6.30 -23.46 42.75
C ILE A 458 4.83 -23.04 42.73
N LEU A 459 4.37 -22.54 41.59
CA LEU A 459 2.96 -22.19 41.41
C LEU A 459 2.09 -23.40 41.73
N TYR A 460 2.46 -24.56 41.18
CA TYR A 460 1.70 -25.77 41.40
C TYR A 460 1.78 -26.25 42.85
N ARG A 461 2.99 -26.29 43.39
CA ARG A 461 3.22 -26.90 44.71
C ARG A 461 2.87 -26.00 45.89
N GLU A 462 2.97 -24.68 45.71
CA GLU A 462 2.83 -23.78 46.85
C GLU A 462 1.67 -22.78 46.73
N VAL A 463 1.15 -22.58 45.52
CA VAL A 463 0.15 -21.54 45.30
C VAL A 463 -1.26 -22.05 44.99
N LEU A 464 -1.36 -22.94 44.01
CA LEU A 464 -2.68 -23.40 43.54
C LEU A 464 -3.42 -24.19 44.62
N ASP A 465 -4.74 -24.04 44.69
CA ASP A 465 -5.54 -24.90 45.57
C ASP A 465 -5.76 -26.24 44.88
N GLU A 466 -6.37 -27.20 45.58
CA GLU A 466 -6.52 -28.54 45.03
C GLU A 466 -7.40 -28.59 43.77
N GLY A 467 -8.44 -27.76 43.72
CA GLY A 467 -9.32 -27.71 42.56
C GLY A 467 -8.58 -27.16 41.35
N GLU A 468 -7.82 -26.08 41.58
CA GLU A 468 -7.03 -25.48 40.52
C GLU A 468 -6.01 -26.48 39.94
N LYS A 469 -5.37 -27.24 40.83
CA LYS A 469 -4.38 -28.23 40.42
C LYS A 469 -4.99 -29.32 39.54
N GLU A 470 -6.19 -29.77 39.92
CA GLU A 470 -6.87 -30.82 39.16
C GLU A 470 -7.42 -30.29 37.85
N ARG A 471 -8.06 -29.12 37.88
CA ARG A 471 -8.56 -28.52 36.62
C ARG A 471 -7.39 -28.25 35.65
N LEU A 472 -6.23 -27.90 36.19
CA LEU A 472 -5.03 -27.68 35.37
C LEU A 472 -4.67 -28.95 34.58
N ALA A 473 -4.58 -30.07 35.28
CA ALA A 473 -4.24 -31.33 34.61
C ALA A 473 -5.29 -31.69 33.58
N ASP A 474 -6.56 -31.39 33.90
CA ASP A 474 -7.67 -31.72 33.01
C ASP A 474 -7.63 -30.83 31.76
N ASN A 475 -7.35 -29.54 31.95
CA ASN A 475 -7.24 -28.60 30.83
C ASN A 475 -6.09 -28.98 29.90
N ILE A 476 -4.93 -29.26 30.49
CA ILE A 476 -3.76 -29.65 29.72
C ILE A 476 -4.06 -30.89 28.87
N SER A 477 -4.61 -31.92 29.51
CA SER A 477 -4.92 -33.15 28.79
C SER A 477 -5.95 -32.93 27.67
N ASN A 478 -6.86 -31.97 27.84
CA ASN A 478 -7.78 -31.62 26.75
C ASN A 478 -7.06 -30.99 25.56
N ALA A 479 -6.14 -30.07 25.86
CA ALA A 479 -5.40 -29.36 24.81
C ALA A 479 -4.42 -30.27 24.09
N MET A 480 -4.11 -31.41 24.70
CA MET A 480 -3.20 -32.38 24.10
C MET A 480 -3.86 -33.23 23.02
N GLN A 481 -5.18 -33.28 23.01
CA GLN A 481 -5.88 -34.13 22.06
CA GLN A 481 -5.88 -34.13 22.06
C GLN A 481 -5.52 -33.72 20.63
N GLY A 482 -5.06 -34.68 19.85
CA GLY A 482 -4.65 -34.39 18.49
C GLY A 482 -3.16 -34.41 18.25
N ILE A 483 -2.35 -34.41 19.33
CA ILE A 483 -0.90 -34.50 19.14
C ILE A 483 -0.54 -35.87 18.58
N SER A 484 0.60 -35.95 17.91
CA SER A 484 1.08 -37.20 17.33
C SER A 484 1.73 -38.09 18.38
N GLU A 485 1.95 -39.35 18.02
CA GLU A 485 2.63 -40.29 18.91
C GLU A 485 4.04 -39.82 19.24
N ALA A 486 4.72 -39.20 18.28
CA ALA A 486 6.06 -38.69 18.53
C ALA A 486 6.03 -37.63 19.64
N THR A 487 5.02 -36.77 19.58
CA THR A 487 4.96 -35.65 20.49
C THR A 487 4.53 -36.04 21.91
N GLU A 488 3.80 -37.14 22.04
CA GLU A 488 3.30 -37.56 23.35
C GLU A 488 4.37 -37.65 24.47
N PRO A 489 5.47 -38.41 24.23
CA PRO A 489 6.47 -38.48 25.31
C PRO A 489 7.18 -37.15 25.60
N ARG A 490 7.29 -36.28 24.60
CA ARG A 490 7.85 -34.96 24.85
C ARG A 490 6.94 -34.20 25.82
N VAL A 491 5.63 -34.28 25.59
CA VAL A 491 4.67 -33.60 26.47
C VAL A 491 4.65 -34.22 27.88
N TYR A 492 4.73 -35.55 27.97
CA TYR A 492 4.84 -36.21 29.27
C TYR A 492 6.06 -35.71 30.06
N ASP A 493 7.21 -35.63 29.39
CA ASP A 493 8.45 -35.19 30.05
C ASP A 493 8.37 -33.75 30.51
N TYR A 494 7.79 -32.91 29.65
CA TYR A 494 7.62 -31.48 29.90
C TYR A 494 6.84 -31.29 31.19
N TRP A 495 5.69 -31.94 31.31
CA TRP A 495 4.91 -31.73 32.53
C TRP A 495 5.55 -32.40 33.76
N ASN A 496 6.26 -33.51 33.56
CA ASN A 496 7.01 -34.09 34.68
C ASN A 496 8.05 -33.12 35.19
N ASN A 497 8.69 -32.38 34.30
CA ASN A 497 9.71 -31.41 34.72
C ASN A 497 9.14 -30.26 35.54
N VAL A 498 7.90 -29.86 35.25
CA VAL A 498 7.24 -28.85 36.06
C VAL A 498 6.99 -29.44 37.46
N ASP A 499 6.38 -30.62 37.49
CA ASP A 499 6.11 -31.31 38.75
C ASP A 499 5.72 -32.77 38.47
N GLU A 500 6.33 -33.72 39.19
CA GLU A 500 6.11 -35.14 38.93
C GLU A 500 4.64 -35.55 39.11
N ASN A 501 4.00 -34.97 40.12
CA ASN A 501 2.60 -35.28 40.39
C ASN A 501 1.67 -34.69 39.34
N LEU A 502 1.94 -33.45 38.95
CA LEU A 502 1.19 -32.83 37.87
C LEU A 502 1.32 -33.69 36.60
N GLY A 503 2.56 -34.04 36.25
CA GLY A 503 2.80 -34.81 35.05
C GLY A 503 2.15 -36.19 35.06
N ALA A 504 2.15 -36.82 36.23
CA ALA A 504 1.50 -38.12 36.38
C ALA A 504 0.00 -37.99 36.08
N ARG A 505 -0.61 -36.95 36.65
CA ARG A 505 -2.03 -36.71 36.47
C ARG A 505 -2.37 -36.32 35.03
N VAL A 506 -1.53 -35.49 34.42
CA VAL A 506 -1.71 -35.13 33.02
C VAL A 506 -1.74 -36.38 32.13
N LYS A 507 -0.78 -37.27 32.32
CA LYS A 507 -0.71 -38.46 31.46
C LYS A 507 -1.91 -39.36 31.69
N GLU A 508 -2.26 -39.54 32.97
CA GLU A 508 -3.40 -40.35 33.36
C GLU A 508 -4.69 -39.86 32.67
N LEU A 509 -4.99 -38.57 32.79
CA LEU A 509 -6.17 -38.00 32.17
C LEU A 509 -6.11 -38.07 30.65
N TYR A 510 -4.94 -37.77 30.09
CA TYR A 510 -4.76 -37.83 28.63
C TYR A 510 -5.07 -39.20 28.06
N LEU A 511 -4.54 -40.24 28.70
CA LEU A 511 -4.77 -41.60 28.23
C LEU A 511 -6.24 -42.03 28.39
N GLN A 512 -6.89 -41.54 29.45
CA GLN A 512 -8.33 -41.80 29.64
C GLN A 512 -9.15 -41.30 28.47
N LYS A 513 -8.76 -40.15 27.93
CA LYS A 513 -9.56 -39.48 26.91
C LYS A 513 -9.25 -39.98 25.51
N LYS A 514 -8.17 -40.75 25.38
CA LYS A 514 -7.60 -41.06 24.06
C LYS A 514 -8.07 -42.35 23.38
N ALA A 515 -7.85 -43.48 24.06
CA ALA A 515 -7.76 -44.81 23.43
C ALA A 515 -8.94 -45.27 22.54
N GLU B 2 -8.31 35.59 5.32
CA GLU B 2 -9.17 35.71 4.14
C GLU B 2 -8.73 36.85 3.20
N LYS B 3 -7.47 37.24 3.31
CA LYS B 3 -6.81 38.14 2.35
C LYS B 3 -6.67 37.44 0.99
N SER B 4 -6.97 36.14 1.01
CA SER B 4 -7.45 35.41 -0.15
C SER B 4 -8.68 34.65 0.35
N ALA B 5 -9.71 34.51 -0.48
CA ALA B 5 -10.88 33.72 -0.06
C ALA B 5 -10.47 32.26 0.19
N ALA B 6 -9.29 31.89 -0.31
CA ALA B 6 -8.77 30.54 -0.14
C ALA B 6 -8.11 30.28 1.22
N ASP B 7 -7.97 31.32 2.04
CA ASP B 7 -7.31 31.18 3.36
C ASP B 7 -7.95 30.12 4.26
N GLN B 8 -9.28 30.02 4.21
CA GLN B 8 -9.99 28.97 4.96
C GLN B 8 -9.54 27.56 4.55
N ILE B 9 -9.28 27.37 3.26
CA ILE B 9 -8.87 26.07 2.73
C ILE B 9 -7.39 25.77 3.02
N VAL B 10 -6.52 26.74 2.73
CA VAL B 10 -5.08 26.50 2.82
C VAL B 10 -4.57 26.41 4.25
N ASP B 11 -5.36 26.88 5.21
CA ASP B 11 -4.93 26.81 6.61
C ASP B 11 -5.30 25.48 7.25
N ARG B 12 -6.14 24.70 6.57
CA ARG B 12 -6.56 23.41 7.11
C ARG B 12 -5.38 22.44 7.31
N GLY B 13 -5.22 21.94 8.54
CA GLY B 13 -4.21 20.94 8.82
C GLY B 13 -2.84 21.46 9.25
N MET B 14 -2.65 22.77 9.18
CA MET B 14 -1.33 23.37 9.46
C MET B 14 -1.11 23.56 10.95
N ARG B 15 0.05 23.12 11.44
CA ARG B 15 0.40 23.27 12.85
C ARG B 15 0.77 24.72 13.14
N PRO B 16 0.61 25.15 14.40
CA PRO B 16 1.18 26.44 14.78
C PRO B 16 2.70 26.36 14.72
N LYS B 17 3.35 27.50 14.69
CA LYS B 17 4.81 27.52 14.71
C LYS B 17 5.33 27.00 16.05
N LEU B 18 6.39 26.18 16.02
CA LEU B 18 6.88 25.55 17.23
C LEU B 18 8.35 25.89 17.46
N SER B 19 8.74 25.91 18.72
CA SER B 19 10.11 26.27 19.08
C SER B 19 10.53 25.46 20.28
N GLY B 20 11.77 25.65 20.72
CA GLY B 20 12.27 24.92 21.87
C GLY B 20 12.98 23.67 21.38
N ASN B 21 12.54 22.53 21.86
CA ASN B 21 13.17 21.28 21.51
C ASN B 21 12.20 20.40 20.75
N THR B 22 12.73 19.51 19.92
CA THR B 22 11.90 18.58 19.16
C THR B 22 11.36 17.46 20.05
N THR B 23 10.31 16.80 19.58
CA THR B 23 9.73 15.67 20.30
C THR B 23 9.61 14.51 19.34
N ARG B 24 9.55 13.29 19.88
CA ARG B 24 9.20 12.13 19.05
C ARG B 24 7.73 12.21 18.68
N HIS B 25 7.36 11.30 17.93
CA HIS B 25 5.99 11.37 17.42
C HIS B 25 4.95 11.00 18.48
N ASN B 26 5.32 10.47 19.53
CA ASN B 26 4.41 10.26 20.66
C ASN B 26 4.37 11.49 21.56
N GLY B 27 5.24 12.47 21.29
CA GLY B 27 5.24 13.72 22.04
C GLY B 27 6.31 13.82 23.11
N ALA B 28 7.06 12.74 23.32
CA ALA B 28 8.14 12.76 24.31
C ALA B 28 9.34 13.53 23.75
N PRO B 29 10.10 14.21 24.63
CA PRO B 29 11.27 14.99 24.19
C PRO B 29 12.32 14.16 23.48
N VAL B 30 12.88 14.72 22.41
CA VAL B 30 14.00 14.12 21.68
C VAL B 30 15.30 14.49 22.38
N PRO B 31 16.14 13.50 22.71
CA PRO B 31 17.42 13.83 23.32
C PRO B 31 18.38 14.48 22.31
N SER B 32 18.58 13.87 21.14
CA SER B 32 19.51 14.46 20.17
C SER B 32 19.05 14.28 18.72
N GLU B 33 19.25 15.31 17.91
CA GLU B 33 19.09 15.17 16.47
C GLU B 33 20.44 14.93 15.81
N ASN B 34 21.50 14.82 16.62
CA ASN B 34 22.86 14.79 16.09
C ASN B 34 23.63 13.49 16.30
N ILE B 35 23.42 12.86 17.45
CA ILE B 35 24.19 11.68 17.85
C ILE B 35 23.29 10.51 18.21
N SER B 36 23.63 9.33 17.64
CA SER B 36 22.90 8.10 17.96
C SER B 36 23.55 7.31 19.09
N ALA B 37 22.75 6.46 19.73
CA ALA B 37 23.18 5.78 20.97
C ALA B 37 23.93 4.48 20.67
N THR B 38 25.10 4.32 21.30
CA THR B 38 25.93 3.13 21.08
C THR B 38 26.29 2.48 22.41
N ALA B 39 26.71 1.22 22.36
CA ALA B 39 27.08 0.51 23.58
C ALA B 39 28.57 0.72 23.84
N GLY B 40 28.91 1.87 24.42
CA GLY B 40 30.28 2.36 24.45
C GLY B 40 30.47 3.28 23.25
N PRO B 41 31.38 4.27 23.35
CA PRO B 41 31.54 5.22 22.23
C PRO B 41 31.93 4.53 20.92
N GLN B 42 32.73 3.47 21.00
CA GLN B 42 33.16 2.75 19.80
C GLN B 42 32.40 1.42 19.68
N GLY B 43 31.43 1.23 20.57
CA GLY B 43 30.63 0.01 20.55
C GLY B 43 29.57 0.04 19.46
N PRO B 44 28.81 -1.05 19.31
CA PRO B 44 27.79 -1.10 18.26
C PRO B 44 26.63 -0.15 18.54
N ASN B 45 25.95 0.30 17.50
CA ASN B 45 24.71 1.06 17.67
C ASN B 45 23.68 0.14 18.29
N VAL B 46 22.93 0.66 19.27
CA VAL B 46 21.89 -0.12 19.92
C VAL B 46 20.59 -0.10 19.10
N LEU B 47 19.79 -1.16 19.24
CA LEU B 47 18.52 -1.24 18.55
C LEU B 47 17.57 -0.17 19.08
N ASN B 48 17.59 0.03 20.40
CA ASN B 48 16.58 0.87 21.01
C ASN B 48 16.92 2.35 21.09
N ASP B 49 17.51 2.89 20.03
CA ASP B 49 17.53 4.35 19.87
C ASP B 49 16.21 4.63 19.17
N ILE B 50 15.17 4.90 19.95
CA ILE B 50 13.81 4.98 19.43
C ILE B 50 13.66 6.13 18.43
N HIS B 51 14.21 7.29 18.77
CA HIS B 51 14.14 8.43 17.85
C HIS B 51 14.89 8.11 16.54
N LEU B 52 16.07 7.53 16.64
CA LEU B 52 16.83 7.22 15.42
C LEU B 52 16.00 6.40 14.44
N ILE B 53 15.45 5.30 14.94
CA ILE B 53 14.67 4.41 14.09
C ILE B 53 13.42 5.11 13.56
N GLU B 54 12.74 5.86 14.42
CA GLU B 54 11.54 6.57 14.01
C GLU B 54 11.85 7.60 12.92
N LYS B 55 12.97 8.30 13.09
CA LYS B 55 13.40 9.34 12.16
C LYS B 55 13.78 8.73 10.81
N LEU B 56 14.51 7.61 10.83
CA LEU B 56 14.92 6.96 9.59
C LEU B 56 13.73 6.30 8.90
N ALA B 57 12.85 5.69 9.68
CA ALA B 57 11.74 4.94 9.12
C ALA B 57 10.72 5.88 8.47
N HIS B 58 10.53 7.06 9.04
CA HIS B 58 9.58 7.97 8.40
C HIS B 58 10.19 8.60 7.15
N PHE B 59 11.48 8.93 7.26
CA PHE B 59 12.27 9.35 6.12
C PHE B 59 12.17 8.32 4.97
N ASN B 60 12.28 7.04 5.30
CA ASN B 60 12.16 5.97 4.30
C ASN B 60 10.80 5.91 3.60
N ARG B 61 9.80 6.61 4.15
CA ARG B 61 8.43 6.51 3.62
C ARG B 61 7.87 7.85 3.12
N GLU B 62 8.75 8.81 2.84
CA GLU B 62 8.31 10.13 2.43
C GLU B 62 7.70 10.12 1.04
N ASN B 63 8.25 9.30 0.16
CA ASN B 63 7.81 9.28 -1.23
C ASN B 63 6.55 8.45 -1.46
N VAL B 64 5.75 8.89 -2.42
CA VAL B 64 4.52 8.22 -2.81
C VAL B 64 4.53 8.16 -4.33
N PRO B 65 3.71 7.27 -4.93
CA PRO B 65 3.73 7.23 -6.39
C PRO B 65 3.41 8.59 -7.00
N GLU B 66 4.18 9.01 -8.01
CA GLU B 66 3.83 10.25 -8.72
C GLU B 66 2.66 9.98 -9.66
N ARG B 67 1.98 11.04 -10.11
CA ARG B 67 0.90 10.94 -11.08
C ARG B 67 1.40 10.32 -12.38
N ILE B 68 0.56 9.50 -13.01
CA ILE B 68 0.76 9.18 -14.41
C ILE B 68 -0.53 9.51 -15.19
N PRO B 69 -0.45 10.47 -16.13
CA PRO B 69 0.72 11.31 -16.42
C PRO B 69 0.66 12.61 -15.61
N HIS B 70 1.42 13.63 -16.03
CA HIS B 70 1.43 14.94 -15.37
C HIS B 70 2.13 14.93 -13.99
N ALA B 71 3.14 14.09 -13.83
CA ALA B 71 3.89 14.02 -12.58
C ALA B 71 4.52 15.35 -12.15
N LYS B 72 5.05 16.12 -13.10
CA LYS B 72 5.77 17.35 -12.78
C LYS B 72 4.81 18.54 -12.80
N GLY B 73 4.50 19.08 -11.62
CA GLY B 73 3.55 20.16 -11.56
C GLY B 73 3.72 21.03 -10.34
N HIS B 74 2.88 22.07 -10.26
CA HIS B 74 2.97 23.07 -9.20
C HIS B 74 1.67 23.86 -9.25
N GLY B 75 1.36 24.58 -8.18
CA GLY B 75 0.08 25.26 -8.15
C GLY B 75 -0.02 26.40 -7.16
N ALA B 76 -1.27 26.84 -6.94
CA ALA B 76 -1.52 28.02 -6.16
C ALA B 76 -2.99 28.02 -5.82
N PHE B 77 -3.40 28.95 -4.97
CA PHE B 77 -4.81 29.11 -4.64
C PHE B 77 -5.28 30.51 -5.02
N GLY B 78 -6.60 30.69 -5.11
CA GLY B 78 -7.15 31.98 -5.53
C GLY B 78 -8.66 32.07 -5.46
N GLU B 79 -9.25 32.85 -6.37
CA GLU B 79 -10.67 33.17 -6.30
C GLU B 79 -11.26 33.26 -7.70
N LEU B 80 -12.46 32.70 -7.87
CA LEU B 80 -13.24 32.89 -9.07
C LEU B 80 -14.27 33.99 -8.81
N HIS B 81 -14.37 34.94 -9.73
CA HIS B 81 -15.30 36.07 -9.60
C HIS B 81 -16.21 36.13 -10.80
N ILE B 82 -17.53 36.00 -10.58
CA ILE B 82 -18.49 36.09 -11.68
C ILE B 82 -18.87 37.56 -11.96
N THR B 83 -18.79 37.98 -13.22
CA THR B 83 -19.07 39.37 -13.57
C THR B 83 -20.20 39.50 -14.59
N GLU B 84 -20.68 38.37 -15.10
CA GLU B 84 -21.78 38.38 -16.07
C GLU B 84 -22.94 37.55 -15.55
N ASP B 85 -24.06 37.55 -16.28
CA ASP B 85 -25.22 36.76 -15.90
C ASP B 85 -25.41 35.62 -16.90
N VAL B 86 -25.02 34.42 -16.49
CA VAL B 86 -25.20 33.24 -17.34
C VAL B 86 -26.28 32.34 -16.77
N SER B 87 -27.13 32.90 -15.92
CA SER B 87 -28.17 32.11 -15.24
C SER B 87 -29.18 31.50 -16.20
N GLU B 88 -29.27 32.04 -17.42
CA GLU B 88 -30.22 31.48 -18.39
C GLU B 88 -29.69 30.18 -18.97
N TYR B 89 -28.40 29.93 -18.76
CA TYR B 89 -27.73 28.74 -19.29
C TYR B 89 -27.45 27.68 -18.22
N THR B 90 -27.06 28.12 -17.02
CA THR B 90 -26.73 27.17 -15.96
C THR B 90 -27.21 27.60 -14.58
N LYS B 91 -27.64 26.63 -13.78
CA LYS B 91 -28.01 26.88 -12.39
C LYS B 91 -26.85 26.56 -11.45
N ALA B 92 -25.70 26.20 -12.03
CA ALA B 92 -24.53 25.86 -11.20
C ALA B 92 -24.25 27.00 -10.23
N ASP B 93 -24.17 26.67 -8.94
CA ASP B 93 -24.11 27.71 -7.91
C ASP B 93 -22.95 28.67 -8.07
N LEU B 94 -21.78 28.15 -8.46
CA LEU B 94 -20.57 28.96 -8.50
C LEU B 94 -20.60 29.98 -9.64
N PHE B 95 -21.48 29.74 -10.61
CA PHE B 95 -21.54 30.56 -11.83
C PHE B 95 -22.65 31.60 -11.79
N GLN B 96 -23.36 31.67 -10.67
CA GLN B 96 -24.45 32.64 -10.52
C GLN B 96 -23.88 34.06 -10.35
N PRO B 97 -24.68 35.09 -10.69
CA PRO B 97 -24.20 36.48 -10.65
C PRO B 97 -23.56 36.89 -9.33
N GLY B 98 -22.39 37.52 -9.42
CA GLY B 98 -21.70 38.06 -8.26
C GLY B 98 -20.98 37.05 -7.38
N LYS B 99 -21.10 35.77 -7.69
CA LYS B 99 -20.49 34.73 -6.85
C LYS B 99 -18.97 34.83 -6.80
N VAL B 100 -18.41 34.72 -5.59
CA VAL B 100 -16.96 34.62 -5.39
C VAL B 100 -16.65 33.24 -4.77
N THR B 101 -15.77 32.48 -5.41
CA THR B 101 -15.51 31.10 -4.98
C THR B 101 -14.01 30.85 -4.83
N PRO B 102 -13.60 30.22 -3.72
CA PRO B 102 -12.19 29.82 -3.55
C PRO B 102 -11.81 28.79 -4.60
N LEU B 103 -10.58 28.83 -5.08
CA LEU B 103 -10.09 27.83 -6.02
C LEU B 103 -8.70 27.34 -5.68
N ALA B 104 -8.36 26.20 -6.26
CA ALA B 104 -6.97 25.74 -6.30
C ALA B 104 -6.66 25.54 -7.77
N VAL B 105 -5.38 25.60 -8.12
CA VAL B 105 -5.00 25.26 -9.48
C VAL B 105 -3.71 24.46 -9.44
N ARG B 106 -3.56 23.51 -10.36
CA ARG B 106 -2.26 22.88 -10.57
C ARG B 106 -1.91 22.93 -12.06
N PHE B 107 -0.69 23.37 -12.36
CA PHE B 107 -0.18 23.33 -13.73
C PHE B 107 0.85 22.24 -13.78
N SER B 108 1.16 21.74 -14.98
CA SER B 108 2.05 20.61 -15.11
C SER B 108 2.50 20.43 -16.55
N THR B 109 3.46 19.53 -16.74
CA THR B 109 3.73 18.95 -18.04
C THR B 109 3.00 17.61 -18.05
N VAL B 110 3.30 16.76 -19.03
CA VAL B 110 2.56 15.50 -19.16
C VAL B 110 3.45 14.28 -19.00
N ALA B 111 4.49 14.20 -19.83
CA ALA B 111 5.25 12.95 -19.97
C ALA B 111 6.34 12.73 -18.92
N GLY B 112 7.05 13.80 -18.56
CA GLY B 112 8.21 13.65 -17.69
C GLY B 112 7.83 13.32 -16.25
N GLU B 113 8.77 12.76 -15.52
CA GLU B 113 8.59 12.41 -14.10
C GLU B 113 8.80 13.64 -13.20
N GLN B 114 8.65 13.50 -11.88
N GLN B 114 8.61 13.43 -11.90
CA GLN B 114 8.54 14.69 -11.02
CA GLN B 114 9.04 14.38 -10.89
C GLN B 114 9.83 15.50 -10.78
C GLN B 114 10.49 14.73 -11.15
N GLY B 115 10.95 15.07 -11.36
N GLY B 115 10.84 16.00 -10.98
CA GLY B 115 12.19 15.84 -11.26
CA GLY B 115 12.21 16.43 -11.19
C GLY B 115 12.51 16.55 -12.56
C GLY B 115 12.51 16.75 -12.64
N SER B 116 11.72 16.23 -13.59
CA SER B 116 11.97 16.61 -14.98
C SER B 116 11.70 18.09 -15.23
N PRO B 117 12.41 18.69 -16.21
CA PRO B 117 12.27 20.13 -16.48
C PRO B 117 10.87 20.57 -16.91
N ASP B 118 10.45 21.73 -16.41
CA ASP B 118 9.17 22.33 -16.74
C ASP B 118 9.08 22.71 -18.23
N THR B 119 10.23 22.91 -18.86
CA THR B 119 10.25 23.51 -20.20
C THR B 119 10.67 22.55 -21.30
N TRP B 120 10.52 21.24 -21.04
CA TRP B 120 10.53 20.27 -22.13
C TRP B 120 9.35 20.61 -23.02
N ARG B 121 9.46 20.39 -24.33
CA ARG B 121 8.30 20.59 -25.19
C ARG B 121 7.24 19.59 -24.75
N ASP B 122 6.03 20.07 -24.49
CA ASP B 122 4.96 19.19 -24.01
C ASP B 122 3.68 20.00 -23.91
N VAL B 123 2.55 19.30 -23.86
CA VAL B 123 1.29 19.91 -23.45
C VAL B 123 1.46 20.37 -22.00
N HIS B 124 0.79 21.44 -21.58
CA HIS B 124 0.77 21.80 -20.16
C HIS B 124 -0.61 21.63 -19.51
N GLY B 125 -0.63 20.95 -18.38
CA GLY B 125 -1.86 20.78 -17.61
C GLY B 125 -2.32 22.09 -17.03
N PHE B 126 -3.63 22.27 -16.92
CA PHE B 126 -4.23 23.51 -16.44
C PHE B 126 -5.49 23.11 -15.67
N ALA B 127 -5.33 22.72 -14.41
CA ALA B 127 -6.37 21.99 -13.69
C ALA B 127 -6.88 22.77 -12.48
N LEU B 128 -8.17 23.16 -12.55
CA LEU B 128 -8.79 24.00 -11.55
C LEU B 128 -9.74 23.23 -10.62
N ARG B 129 -9.71 23.58 -9.33
CA ARG B 129 -10.77 23.19 -8.41
C ARG B 129 -11.49 24.42 -7.89
N PHE B 130 -12.82 24.42 -7.98
CA PHE B 130 -13.61 25.46 -7.34
C PHE B 130 -14.30 24.86 -6.12
N TYR B 131 -14.10 25.48 -4.96
CA TYR B 131 -14.72 24.99 -3.73
C TYR B 131 -16.10 25.60 -3.58
N THR B 132 -17.10 25.01 -4.25
CA THR B 132 -18.43 25.60 -4.31
C THR B 132 -19.32 25.19 -3.15
N GLU B 133 -20.44 25.89 -2.99
CA GLU B 133 -21.40 25.61 -1.91
CA GLU B 133 -21.38 25.60 -1.90
C GLU B 133 -22.15 24.31 -2.13
N GLU B 134 -22.07 23.79 -3.36
CA GLU B 134 -22.70 22.51 -3.69
C GLU B 134 -21.63 21.46 -4.03
N GLY B 135 -20.42 21.67 -3.50
CA GLY B 135 -19.37 20.68 -3.62
C GLY B 135 -18.19 21.17 -4.45
N ASN B 136 -17.11 20.38 -4.46
CA ASN B 136 -15.95 20.72 -5.29
C ASN B 136 -16.25 20.47 -6.77
N TYR B 137 -16.11 21.53 -7.57
CA TYR B 137 -16.24 21.41 -9.02
C TYR B 137 -14.86 21.59 -9.65
N ASP B 138 -14.33 20.51 -10.24
CA ASP B 138 -13.02 20.60 -10.88
C ASP B 138 -13.17 20.70 -12.39
N ILE B 139 -12.47 21.65 -13.00
CA ILE B 139 -12.30 21.64 -14.44
C ILE B 139 -10.82 21.34 -14.72
N VAL B 140 -10.56 20.09 -15.06
CA VAL B 140 -9.20 19.61 -15.27
C VAL B 140 -8.86 19.77 -16.75
N GLY B 141 -8.27 20.92 -17.09
CA GLY B 141 -8.04 21.24 -18.49
C GLY B 141 -6.58 21.20 -18.86
N ASN B 142 -6.27 21.63 -20.08
CA ASN B 142 -4.90 21.69 -20.60
C ASN B 142 -4.74 23.06 -21.25
N ASN B 143 -3.53 23.38 -21.68
CA ASN B 143 -3.32 24.66 -22.38
C ASN B 143 -3.60 24.55 -23.88
N THR B 144 -4.45 23.60 -24.26
CA THR B 144 -4.86 23.44 -25.65
C THR B 144 -6.37 23.18 -25.73
N PRO B 145 -7.03 23.65 -26.81
CA PRO B 145 -8.47 23.47 -26.92
C PRO B 145 -8.85 22.09 -27.43
N THR B 146 -7.85 21.28 -27.79
CA THR B 146 -8.11 19.97 -28.38
C THR B 146 -7.19 18.93 -27.72
N PHE B 147 -7.10 17.73 -28.29
CA PHE B 147 -6.18 16.71 -27.76
C PHE B 147 -5.91 15.67 -28.83
N PHE B 148 -5.02 14.72 -28.53
CA PHE B 148 -4.47 13.80 -29.53
C PHE B 148 -5.41 12.69 -29.96
N LEU B 149 -6.45 12.43 -29.18
CA LEU B 149 -7.25 11.20 -29.37
C LEU B 149 -8.72 11.45 -29.11
N ARG B 150 -9.57 10.55 -29.60
CA ARG B 150 -11.01 10.66 -29.42
C ARG B 150 -11.60 9.42 -28.73
N ASP B 151 -10.73 8.56 -28.21
CA ASP B 151 -11.19 7.38 -27.49
C ASP B 151 -10.23 6.98 -26.39
N GLY B 152 -10.76 6.80 -25.18
CA GLY B 152 -9.93 6.50 -24.02
C GLY B 152 -9.24 5.16 -24.06
N MET B 153 -9.72 4.26 -24.91
CA MET B 153 -9.05 2.99 -25.11
C MET B 153 -7.60 3.21 -25.53
N LYS B 154 -7.35 4.31 -26.24
CA LYS B 154 -6.02 4.58 -26.79
C LYS B 154 -5.12 5.42 -25.88
N PHE B 155 -5.67 5.94 -24.79
CA PHE B 155 -4.89 6.83 -23.93
C PHE B 155 -3.60 6.20 -23.35
N PRO B 156 -3.68 4.97 -22.82
CA PRO B 156 -2.40 4.42 -22.32
C PRO B 156 -1.38 4.13 -23.42
N ASP B 157 -1.84 3.84 -24.64
CA ASP B 157 -0.90 3.69 -25.76
C ASP B 157 -0.16 5.00 -26.02
N PHE B 158 -0.91 6.10 -26.09
CA PHE B 158 -0.29 7.40 -26.31
C PHE B 158 0.71 7.74 -25.21
N ILE B 159 0.28 7.61 -23.95
CA ILE B 159 1.16 7.96 -22.84
C ILE B 159 2.40 7.05 -22.76
N HIS B 160 2.32 5.61 -22.91
CA HIS B 160 3.56 4.87 -23.03
C HIS B 160 4.39 5.44 -24.19
N SER B 161 3.83 5.79 -25.28
CA SER B 161 4.67 6.24 -26.40
C SER B 161 5.42 7.55 -26.08
N GLN B 162 4.88 8.33 -25.16
CA GLN B 162 5.50 9.60 -24.77
C GLN B 162 6.49 9.43 -23.63
N LYS B 163 6.44 8.27 -22.97
CA LYS B 163 7.35 7.98 -21.87
C LYS B 163 8.57 7.18 -22.32
N ARG B 164 8.97 6.19 -21.54
CA ARG B 164 10.26 5.54 -21.77
C ARG B 164 10.13 4.11 -22.29
N LEU B 165 11.02 3.74 -23.20
CA LEU B 165 11.12 2.38 -23.72
C LEU B 165 11.29 1.38 -22.57
N ASN B 166 10.67 0.21 -22.70
CA ASN B 166 10.74 -0.78 -21.64
C ASN B 166 12.15 -1.32 -21.39
N LYS B 167 12.97 -1.41 -22.44
CA LYS B 167 14.27 -2.05 -22.26
C LYS B 167 15.30 -1.20 -21.51
N ASN B 168 15.32 0.11 -21.78
CA ASN B 168 16.45 0.94 -21.32
C ASN B 168 16.06 2.26 -20.64
N GLY B 169 14.77 2.48 -20.40
CA GLY B 169 14.33 3.70 -19.72
C GLY B 169 14.64 4.99 -20.46
N LEU B 170 14.74 4.92 -21.79
CA LEU B 170 14.97 6.13 -22.59
C LEU B 170 13.69 6.54 -23.33
N ARG B 171 13.39 7.84 -23.34
CA ARG B 171 12.35 8.36 -24.22
C ARG B 171 12.86 8.18 -25.64
N ASP B 172 11.97 8.13 -26.62
CA ASP B 172 12.39 7.72 -27.96
C ASP B 172 11.57 8.37 -29.07
N ALA B 173 12.27 9.03 -29.99
CA ALA B 173 11.61 9.73 -31.08
C ALA B 173 10.85 8.78 -32.00
N ASP B 174 11.47 7.64 -32.34
CA ASP B 174 10.81 6.68 -33.24
C ASP B 174 9.47 6.24 -32.67
N MET B 175 9.46 5.88 -31.39
CA MET B 175 8.24 5.46 -30.73
C MET B 175 7.17 6.56 -30.75
N GLN B 176 7.57 7.81 -30.50
CA GLN B 176 6.59 8.89 -30.50
C GLN B 176 5.94 9.07 -31.87
N TRP B 177 6.77 9.07 -32.92
CA TRP B 177 6.26 9.28 -34.28
C TRP B 177 5.59 8.03 -34.84
N ASP B 178 6.10 6.85 -34.49
CA ASP B 178 5.44 5.61 -34.91
C ASP B 178 4.00 5.63 -34.40
N PHE B 179 3.81 5.97 -33.12
CA PHE B 179 2.45 6.05 -32.61
C PHE B 179 1.62 7.13 -33.30
N TRP B 180 2.11 8.36 -33.31
CA TRP B 180 1.36 9.48 -33.90
C TRP B 180 0.94 9.24 -35.37
N THR B 181 1.83 8.68 -36.19
CA THR B 181 1.51 8.48 -37.59
C THR B 181 0.55 7.32 -37.81
N ARG B 182 0.59 6.34 -36.89
CA ARG B 182 -0.38 5.24 -36.96
C ARG B 182 -1.67 5.58 -36.24
N ALA B 183 -1.67 6.69 -35.50
CA ALA B 183 -2.90 7.25 -34.92
C ALA B 183 -3.14 8.66 -35.46
N PRO B 184 -3.52 8.76 -36.74
CA PRO B 184 -3.54 10.07 -37.42
C PRO B 184 -4.55 11.03 -36.85
N GLU B 185 -5.46 10.55 -35.99
CA GLU B 185 -6.36 11.46 -35.30
C GLU B 185 -5.55 12.44 -34.45
N SER B 186 -4.28 12.11 -34.21
CA SER B 186 -3.39 12.97 -33.42
C SER B 186 -2.94 14.24 -34.15
N ALA B 187 -3.23 14.33 -35.44
CA ALA B 187 -2.69 15.44 -36.26
C ALA B 187 -3.00 16.84 -35.71
N HIS B 188 -4.24 17.07 -35.29
CA HIS B 188 -4.62 18.40 -34.83
C HIS B 188 -3.76 18.85 -33.63
N GLN B 189 -3.64 17.99 -32.63
CA GLN B 189 -2.91 18.39 -31.42
C GLN B 189 -1.39 18.40 -31.60
N VAL B 190 -0.87 17.51 -32.45
CA VAL B 190 0.57 17.49 -32.72
C VAL B 190 0.98 18.79 -33.44
N THR B 191 0.11 19.31 -34.30
CA THR B 191 0.39 20.57 -34.99
C THR B 191 0.46 21.71 -33.98
N TYR B 192 -0.45 21.70 -33.01
CA TYR B 192 -0.49 22.68 -31.93
C TYR B 192 0.75 22.53 -31.06
N LEU B 193 1.03 21.28 -30.66
CA LEU B 193 2.18 20.97 -29.82
C LEU B 193 3.54 21.34 -30.46
N MET B 194 3.65 21.16 -31.77
CA MET B 194 4.92 21.41 -32.44
C MET B 194 5.14 22.89 -32.83
N GLY B 195 4.11 23.70 -32.60
CA GLY B 195 4.20 25.14 -32.84
C GLY B 195 4.78 25.88 -31.64
N ASP B 196 4.67 27.22 -31.64
CA ASP B 196 5.23 28.01 -30.55
C ASP B 196 4.67 27.59 -29.19
N ARG B 197 3.39 27.23 -29.18
CA ARG B 197 2.69 27.00 -27.91
C ARG B 197 3.09 25.71 -27.21
N GLY B 198 3.95 24.92 -27.87
CA GLY B 198 4.50 23.74 -27.22
C GLY B 198 5.54 24.12 -26.18
N THR B 199 5.95 25.38 -26.18
CA THR B 199 6.95 25.86 -25.24
C THR B 199 6.61 27.23 -24.63
N PRO B 200 5.51 27.30 -23.88
CA PRO B 200 5.16 28.55 -23.20
C PRO B 200 6.23 28.85 -22.16
N LYS B 201 6.54 30.12 -21.93
CA LYS B 201 7.63 30.43 -21.01
C LYS B 201 7.26 30.13 -19.55
N THR B 202 6.01 30.40 -19.20
CA THR B 202 5.54 30.24 -17.82
C THR B 202 4.16 29.58 -17.77
N SER B 203 3.62 29.42 -16.56
CA SER B 203 2.25 28.94 -16.40
C SER B 203 1.28 30.11 -16.52
N ARG B 204 1.79 31.32 -16.35
CA ARG B 204 0.97 32.53 -16.41
C ARG B 204 0.72 32.98 -17.86
N HIS B 205 1.63 32.65 -18.70
CA HIS B 205 1.61 33.14 -20.07
C HIS B 205 1.08 32.10 -21.05
N GLN B 206 -0.04 31.51 -20.77
CA GLN B 206 -0.70 30.52 -21.60
C GLN B 206 -2.18 30.57 -21.28
N ASP B 207 -3.03 30.23 -22.26
CA ASP B 207 -4.45 30.09 -22.00
C ASP B 207 -4.70 28.74 -21.32
N GLY B 208 -5.90 28.56 -20.78
CA GLY B 208 -6.34 27.25 -20.33
C GLY B 208 -7.64 26.89 -21.03
N PHE B 209 -7.92 25.60 -21.18
CA PHE B 209 -9.15 25.16 -21.85
C PHE B 209 -9.72 23.93 -21.17
N GLY B 210 -11.04 23.78 -21.19
CA GLY B 210 -11.66 22.54 -20.73
C GLY B 210 -11.49 21.47 -21.79
N SER B 211 -11.23 21.91 -23.03
CA SER B 211 -11.03 21.04 -24.20
C SER B 211 -12.31 20.30 -24.60
N HIS B 212 -12.87 19.50 -23.68
CA HIS B 212 -14.10 18.75 -23.94
C HIS B 212 -15.33 19.64 -24.09
N THR B 213 -16.31 19.14 -24.83
CA THR B 213 -17.66 19.68 -24.76
C THR B 213 -18.24 19.19 -23.45
N PHE B 214 -18.77 20.10 -22.64
CA PHE B 214 -19.50 19.72 -21.44
C PHE B 214 -20.94 20.18 -21.62
N GLN B 215 -21.75 19.99 -20.58
CA GLN B 215 -23.12 20.45 -20.64
C GLN B 215 -23.43 21.42 -19.51
N TRP B 216 -24.18 22.47 -19.82
CA TRP B 216 -24.73 23.34 -18.78
C TRP B 216 -26.24 23.12 -18.74
N ILE B 217 -26.82 23.12 -17.54
CA ILE B 217 -28.28 22.97 -17.42
C ILE B 217 -28.88 24.04 -16.53
N ASN B 218 -29.91 24.74 -17.03
CA ASN B 218 -30.50 25.82 -16.24
C ASN B 218 -31.52 25.35 -15.23
N ALA B 219 -32.09 26.29 -14.48
CA ALA B 219 -33.00 25.94 -13.39
C ALA B 219 -34.25 25.19 -13.86
N GLU B 220 -34.64 25.39 -15.12
CA GLU B 220 -35.80 24.68 -15.66
C GLU B 220 -35.44 23.40 -16.41
N GLY B 221 -34.19 22.97 -16.30
CA GLY B 221 -33.81 21.67 -16.84
C GLY B 221 -33.46 21.72 -18.32
N LYS B 222 -33.24 22.92 -18.85
CA LYS B 222 -32.85 23.04 -20.26
C LYS B 222 -31.32 22.98 -20.41
N PRO B 223 -30.83 22.11 -21.31
CA PRO B 223 -29.38 21.95 -21.48
C PRO B 223 -28.85 22.70 -22.70
N VAL B 224 -27.59 23.13 -22.61
CA VAL B 224 -26.85 23.58 -23.79
C VAL B 224 -25.46 22.96 -23.72
N TRP B 225 -24.80 22.82 -24.87
CA TRP B 225 -23.43 22.33 -24.90
C TRP B 225 -22.47 23.51 -24.75
N VAL B 226 -21.40 23.32 -23.98
CA VAL B 226 -20.47 24.41 -23.69
C VAL B 226 -19.01 23.95 -23.78
N LYS B 227 -18.12 24.89 -24.11
CA LYS B 227 -16.68 24.66 -24.01
C LYS B 227 -16.08 25.81 -23.20
N TYR B 228 -15.22 25.49 -22.23
CA TYR B 228 -14.56 26.51 -21.40
C TYR B 228 -13.26 27.05 -21.99
N HIS B 229 -12.87 28.21 -21.95
CA HIS B 229 -11.72 28.99 -22.41
C HIS B 229 -11.24 29.93 -21.29
N PHE B 230 -10.11 29.72 -20.85
CA PHE B 230 -9.51 30.59 -19.84
C PHE B 230 -8.43 31.44 -20.49
N LYS B 231 -8.73 32.73 -20.69
CA LYS B 231 -7.87 33.59 -21.52
C LYS B 231 -6.92 34.41 -20.66
N THR B 232 -5.62 34.18 -20.82
CA THR B 232 -4.61 34.80 -19.96
C THR B 232 -4.55 36.31 -20.13
N ARG B 233 -4.59 37.04 -19.02
CA ARG B 233 -4.42 38.49 -19.09
C ARG B 233 -2.96 38.84 -19.22
N GLN B 234 -2.10 37.87 -18.92
CA GLN B 234 -0.67 38.05 -19.08
C GLN B 234 -0.28 37.89 -20.54
N GLY B 235 -1.07 37.11 -21.29
CA GLY B 235 -0.82 36.89 -22.71
C GLY B 235 0.08 35.71 -23.01
N TRP B 236 -0.13 35.05 -24.15
CA TRP B 236 0.76 33.98 -24.58
C TRP B 236 2.18 34.53 -24.77
N ASP B 237 3.17 33.78 -24.29
CA ASP B 237 4.57 34.16 -24.44
C ASP B 237 5.39 32.88 -24.45
N CYS B 238 6.05 32.59 -25.57
CA CYS B 238 6.68 31.28 -25.76
C CYS B 238 8.18 31.36 -26.05
N PHE B 239 8.92 30.40 -25.51
CA PHE B 239 10.33 30.21 -25.88
C PHE B 239 10.40 29.65 -27.30
N THR B 240 11.55 29.81 -27.95
CA THR B 240 11.81 29.00 -29.15
C THR B 240 12.21 27.61 -28.66
N ASP B 241 12.30 26.64 -29.57
CA ASP B 241 12.75 25.29 -29.22
C ASP B 241 14.11 25.34 -28.52
N ALA B 242 15.05 26.09 -29.09
CA ALA B 242 16.39 26.20 -28.49
C ALA B 242 16.37 26.87 -27.12
N GLU B 243 15.60 27.95 -26.98
CA GLU B 243 15.50 28.65 -25.70
C GLU B 243 14.94 27.76 -24.58
N ALA B 244 13.95 26.95 -24.90
CA ALA B 244 13.32 26.08 -23.90
C ALA B 244 14.31 25.05 -23.35
N ALA B 245 15.14 24.51 -24.24
CA ALA B 245 16.12 23.51 -23.84
C ALA B 245 17.20 24.15 -22.97
N LYS B 246 17.57 25.38 -23.31
CA LYS B 246 18.57 26.11 -22.54
C LYS B 246 18.07 26.39 -21.12
N VAL B 247 16.82 26.86 -21.02
CA VAL B 247 16.18 27.08 -19.72
C VAL B 247 16.05 25.77 -18.92
N ALA B 248 15.81 24.66 -19.60
CA ALA B 248 15.72 23.35 -18.95
C ALA B 248 16.99 23.01 -18.17
N GLY B 249 18.14 23.40 -18.72
CA GLY B 249 19.43 23.14 -18.08
C GLY B 249 19.78 24.15 -16.99
N GLU B 250 19.31 25.38 -17.15
CA GLU B 250 19.55 26.43 -16.16
C GLU B 250 18.61 26.28 -14.97
N ASN B 251 17.35 25.98 -15.24
CA ASN B 251 16.36 25.85 -14.16
C ASN B 251 15.28 24.87 -14.56
N ALA B 252 15.38 23.63 -14.08
CA ALA B 252 14.40 22.60 -14.38
C ALA B 252 13.05 22.93 -13.76
N ASP B 253 13.03 23.88 -12.84
CA ASP B 253 11.78 24.27 -12.17
C ASP B 253 11.42 25.70 -12.51
N TYR B 254 11.78 26.13 -13.71
CA TYR B 254 11.61 27.51 -14.10
C TYR B 254 10.16 28.00 -13.95
N GLN B 255 9.19 27.18 -14.34
CA GLN B 255 7.79 27.61 -14.25
C GLN B 255 7.24 27.56 -12.82
N ARG B 256 7.64 26.54 -12.07
CA ARG B 256 7.28 26.43 -10.66
C ARG B 256 7.79 27.65 -9.91
N GLU B 257 9.04 28.04 -10.19
CA GLU B 257 9.67 29.16 -9.51
C GLU B 257 9.04 30.48 -9.96
N ASP B 258 8.75 30.60 -11.25
CA ASP B 258 8.12 31.80 -11.78
C ASP B 258 6.80 32.09 -11.07
N LEU B 259 5.96 31.06 -10.91
CA LEU B 259 4.65 31.26 -10.31
C LEU B 259 4.76 31.62 -8.82
N TYR B 260 5.65 30.93 -8.12
CA TYR B 260 5.92 31.22 -6.72
C TYR B 260 6.33 32.68 -6.52
N ASN B 261 7.32 33.11 -7.30
CA ASN B 261 7.86 34.46 -7.20
C ASN B 261 6.80 35.51 -7.51
N ALA B 262 6.00 35.25 -8.55
CA ALA B 262 5.02 36.22 -8.99
C ALA B 262 4.01 36.47 -7.88
N ILE B 263 3.50 35.39 -7.30
CA ILE B 263 2.50 35.53 -6.24
C ILE B 263 3.11 36.11 -4.96
N GLU B 264 4.35 35.70 -4.66
CA GLU B 264 5.07 36.26 -3.51
C GLU B 264 5.25 37.78 -3.68
N ASN B 265 5.43 38.23 -4.92
CA ASN B 265 5.66 39.66 -5.17
C ASN B 265 4.39 40.46 -5.37
N GLY B 266 3.23 39.80 -5.27
CA GLY B 266 1.96 40.47 -5.38
C GLY B 266 1.52 40.67 -6.82
N ASP B 267 2.25 40.06 -7.75
CA ASP B 267 1.90 40.14 -9.16
C ASP B 267 0.96 38.98 -9.53
N PHE B 268 -0.28 39.07 -9.04
CA PHE B 268 -1.23 37.97 -9.14
C PHE B 268 -1.75 37.76 -10.55
N PRO B 269 -1.49 36.58 -11.15
CA PRO B 269 -1.96 36.37 -12.52
C PRO B 269 -3.49 36.18 -12.59
N ILE B 270 -4.06 36.57 -13.73
CA ILE B 270 -5.51 36.55 -13.92
C ILE B 270 -5.85 35.94 -15.28
N TRP B 271 -6.97 35.22 -15.36
CA TRP B 271 -7.49 34.67 -16.60
C TRP B 271 -8.93 35.09 -16.72
N ASP B 272 -9.36 35.51 -17.91
CA ASP B 272 -10.79 35.77 -18.09
C ASP B 272 -11.50 34.46 -18.41
N VAL B 273 -12.58 34.18 -17.69
CA VAL B 273 -13.33 32.95 -17.90
C VAL B 273 -14.43 33.17 -18.94
N LYS B 274 -14.38 32.40 -20.02
CA LYS B 274 -15.36 32.54 -21.10
C LYS B 274 -15.81 31.15 -21.55
N VAL B 275 -16.96 31.07 -22.22
CA VAL B 275 -17.41 29.81 -22.80
C VAL B 275 -17.85 29.99 -24.23
N GLN B 276 -17.83 28.90 -25.01
CA GLN B 276 -18.60 28.86 -26.24
C GLN B 276 -19.88 28.15 -25.85
N ILE B 277 -21.00 28.58 -26.42
CA ILE B 277 -22.29 27.98 -26.10
C ILE B 277 -22.96 27.49 -27.39
N MET B 278 -23.06 26.18 -27.53
CA MET B 278 -23.76 25.60 -28.68
C MET B 278 -25.13 25.08 -28.28
N PRO B 279 -26.20 25.71 -28.80
CA PRO B 279 -27.57 25.24 -28.51
C PRO B 279 -27.71 23.74 -28.81
N PHE B 280 -28.45 23.05 -27.94
CA PHE B 280 -28.70 21.62 -28.08
C PHE B 280 -29.14 21.26 -29.51
N GLU B 281 -29.97 22.11 -30.11
CA GLU B 281 -30.51 21.85 -31.45
C GLU B 281 -29.50 22.02 -32.60
N ASP B 282 -28.37 22.66 -32.31
CA ASP B 282 -27.33 22.88 -33.32
C ASP B 282 -26.42 21.65 -33.50
N ALA B 283 -26.37 20.78 -32.50
CA ALA B 283 -25.34 19.73 -32.45
C ALA B 283 -25.30 18.79 -33.64
N GLU B 284 -26.45 18.21 -34.00
CA GLU B 284 -26.46 17.18 -35.04
C GLU B 284 -25.98 17.66 -36.41
N ASN B 285 -26.24 18.93 -36.74
CA ASN B 285 -25.91 19.41 -38.07
C ASN B 285 -24.64 20.27 -38.19
N TYR B 286 -23.89 20.43 -37.09
CA TYR B 286 -22.66 21.19 -37.18
C TYR B 286 -21.68 20.53 -38.16
N ARG B 287 -20.87 21.34 -38.84
CA ARG B 287 -19.96 20.81 -39.87
C ARG B 287 -18.98 19.77 -39.31
N TRP B 288 -18.66 19.89 -38.02
CA TRP B 288 -17.84 18.90 -37.33
C TRP B 288 -18.63 18.24 -36.19
N ASN B 289 -18.29 17.00 -35.85
CA ASN B 289 -18.90 16.33 -34.70
C ASN B 289 -18.56 17.14 -33.45
N PRO B 290 -19.59 17.59 -32.71
CA PRO B 290 -19.39 18.52 -31.58
C PRO B 290 -18.84 17.84 -30.33
N PHE B 291 -18.77 16.51 -30.33
CA PHE B 291 -18.34 15.74 -29.17
C PHE B 291 -17.00 15.04 -29.41
N ASP B 292 -16.38 15.29 -30.56
CA ASP B 292 -15.07 14.73 -30.92
C ASP B 292 -13.96 15.65 -30.40
N LEU B 293 -13.23 15.19 -29.38
CA LEU B 293 -12.21 16.02 -28.72
C LEU B 293 -11.20 16.60 -29.70
N THR B 294 -10.93 15.88 -30.78
CA THR B 294 -9.96 16.34 -31.78
C THR B 294 -10.52 17.42 -32.70
N LYS B 295 -11.76 17.83 -32.46
CA LYS B 295 -12.38 18.91 -33.22
C LYS B 295 -12.75 20.08 -32.32
N THR B 296 -12.15 21.25 -32.57
CA THR B 296 -12.56 22.47 -31.89
C THR B 296 -13.82 23.00 -32.58
N TRP B 297 -14.61 23.80 -31.86
CA TRP B 297 -15.72 24.54 -32.45
C TRP B 297 -15.15 25.86 -32.95
N SER B 298 -15.43 26.21 -34.20
CA SER B 298 -14.91 27.47 -34.73
C SER B 298 -15.47 28.65 -33.98
N GLN B 299 -14.60 29.56 -33.55
CA GLN B 299 -15.00 30.75 -32.82
CA GLN B 299 -15.00 30.75 -32.82
C GLN B 299 -15.71 31.76 -33.72
N LYS B 300 -15.74 31.47 -35.02
CA LYS B 300 -16.52 32.27 -35.97
C LYS B 300 -17.98 31.80 -35.89
N ASP B 301 -18.16 30.50 -35.62
CA ASP B 301 -19.49 29.92 -35.46
C ASP B 301 -20.03 30.14 -34.05
N TYR B 302 -19.14 29.98 -33.07
CA TYR B 302 -19.49 30.15 -31.66
C TYR B 302 -18.44 30.99 -30.93
N PRO B 303 -18.68 32.31 -30.86
CA PRO B 303 -17.74 33.27 -30.26
C PRO B 303 -17.68 33.07 -28.76
N LEU B 304 -16.61 33.56 -28.13
CA LEU B 304 -16.49 33.46 -26.68
C LEU B 304 -17.46 34.41 -25.96
N ILE B 305 -18.11 33.88 -24.93
CA ILE B 305 -19.06 34.63 -24.13
C ILE B 305 -18.44 34.79 -22.76
N PRO B 306 -18.34 36.03 -22.25
CA PRO B 306 -17.67 36.24 -20.96
C PRO B 306 -18.51 35.72 -19.80
N VAL B 307 -17.84 35.22 -18.76
CA VAL B 307 -18.51 34.76 -17.54
C VAL B 307 -17.97 35.53 -16.34
N GLY B 308 -16.65 35.61 -16.26
CA GLY B 308 -15.98 36.30 -15.18
C GLY B 308 -14.48 36.16 -15.31
N TYR B 309 -13.80 36.11 -14.17
CA TYR B 309 -12.35 35.93 -14.17
C TYR B 309 -11.90 35.16 -12.93
N PHE B 310 -10.71 34.56 -12.99
CA PHE B 310 -10.12 34.03 -11.77
C PHE B 310 -8.71 34.59 -11.57
N ILE B 311 -8.32 34.69 -10.30
CA ILE B 311 -7.05 35.27 -9.94
C ILE B 311 -6.31 34.35 -8.98
N LEU B 312 -5.01 34.19 -9.20
CA LEU B 312 -4.18 33.39 -8.30
C LEU B 312 -3.45 34.31 -7.33
N ASN B 313 -3.83 34.25 -6.05
CA ASN B 313 -3.31 35.18 -5.07
C ASN B 313 -2.77 34.57 -3.78
N ARG B 314 -2.56 33.24 -3.79
CA ARG B 314 -2.04 32.59 -2.58
C ARG B 314 -1.16 31.41 -2.94
N ASN B 315 0.09 31.43 -2.47
CA ASN B 315 0.96 30.25 -2.62
C ASN B 315 0.52 29.21 -1.61
N PRO B 316 0.78 27.93 -1.89
CA PRO B 316 0.47 26.93 -0.86
C PRO B 316 1.32 27.12 0.40
N ARG B 317 0.81 26.65 1.53
CA ARG B 317 1.57 26.66 2.78
C ARG B 317 2.60 25.52 2.76
N ASN B 318 2.19 24.38 2.23
CA ASN B 318 3.06 23.21 2.13
C ASN B 318 2.83 22.52 0.79
N PHE B 319 3.87 22.51 -0.06
CA PHE B 319 3.75 22.01 -1.43
C PHE B 319 3.29 20.54 -1.52
N PHE B 320 3.94 19.65 -0.78
CA PHE B 320 3.57 18.23 -0.83
C PHE B 320 2.15 18.01 -0.35
N ALA B 321 1.82 18.58 0.81
CA ALA B 321 0.53 18.28 1.43
C ALA B 321 -0.66 18.82 0.63
N GLN B 322 -0.45 19.94 -0.07
CA GLN B 322 -1.57 20.63 -0.71
C GLN B 322 -1.54 20.57 -2.23
N ILE B 323 -0.39 20.32 -2.82
CA ILE B 323 -0.30 20.26 -4.27
C ILE B 323 -0.03 18.82 -4.74
N GLU B 324 1.02 18.20 -4.20
CA GLU B 324 1.28 16.81 -4.58
C GLU B 324 0.07 15.95 -4.24
N GLN B 325 -0.55 16.20 -3.08
CA GLN B 325 -1.68 15.38 -2.65
C GLN B 325 -3.05 15.86 -3.11
N ILE B 326 -3.13 17.00 -3.80
CA ILE B 326 -4.43 17.38 -4.36
C ILE B 326 -4.91 16.29 -5.32
N ALA B 327 -6.22 16.03 -5.34
CA ALA B 327 -6.73 15.00 -6.23
C ALA B 327 -7.74 15.64 -7.17
N LEU B 328 -7.22 16.23 -8.26
CA LEU B 328 -8.08 16.90 -9.23
C LEU B 328 -8.72 15.86 -10.15
N ASP B 329 -9.99 16.05 -10.48
CA ASP B 329 -10.79 14.97 -11.06
C ASP B 329 -11.95 15.59 -11.85
N PRO B 330 -12.00 15.35 -13.18
CA PRO B 330 -13.09 15.93 -13.98
C PRO B 330 -14.46 15.38 -13.58
N GLY B 331 -14.47 14.26 -12.85
CA GLY B 331 -15.69 13.69 -12.33
C GLY B 331 -16.27 14.43 -11.14
N ASN B 332 -15.49 15.37 -10.59
CA ASN B 332 -16.01 16.28 -9.60
C ASN B 332 -16.89 17.32 -10.28
N ILE B 333 -18.08 16.91 -10.68
CA ILE B 333 -19.08 17.85 -11.19
C ILE B 333 -20.11 18.23 -10.11
N VAL B 334 -20.95 19.22 -10.42
CA VAL B 334 -21.92 19.75 -9.45
C VAL B 334 -23.23 19.99 -10.21
N PRO B 335 -24.35 20.21 -9.47
CA PRO B 335 -25.59 20.54 -10.18
C PRO B 335 -25.44 21.71 -11.16
N GLY B 336 -26.04 21.59 -12.34
CA GLY B 336 -25.96 22.64 -13.36
C GLY B 336 -24.86 22.39 -14.37
N VAL B 337 -24.06 21.36 -14.12
CA VAL B 337 -23.00 20.96 -15.02
C VAL B 337 -23.14 19.48 -15.35
N GLY B 338 -22.93 19.12 -16.62
CA GLY B 338 -23.03 17.74 -17.05
C GLY B 338 -21.94 17.35 -18.02
N LEU B 339 -21.97 16.11 -18.46
CA LEU B 339 -20.96 15.56 -19.37
C LEU B 339 -21.44 15.65 -20.83
N SER B 340 -20.94 14.74 -21.66
CA SER B 340 -21.28 14.72 -23.09
C SER B 340 -20.81 13.38 -23.64
N PRO B 341 -21.27 13.01 -24.86
CA PRO B 341 -20.81 11.78 -25.53
C PRO B 341 -19.39 11.84 -26.07
N ASP B 342 -18.49 12.54 -25.39
CA ASP B 342 -17.07 12.53 -25.71
C ASP B 342 -16.48 11.30 -24.98
N ARG B 343 -16.03 10.31 -25.73
CA ARG B 343 -15.58 9.05 -25.11
C ARG B 343 -14.33 9.21 -24.26
N MET B 344 -13.51 10.21 -24.60
CA MET B 344 -12.34 10.55 -23.80
C MET B 344 -12.77 11.06 -22.43
N LEU B 345 -13.68 12.03 -22.42
CA LEU B 345 -14.26 12.54 -21.18
C LEU B 345 -14.84 11.42 -20.33
N GLN B 346 -15.67 10.57 -20.94
CA GLN B 346 -16.31 9.49 -20.17
C GLN B 346 -15.29 8.52 -19.55
N ALA B 347 -14.20 8.24 -20.27
CA ALA B 347 -13.14 7.42 -19.68
C ALA B 347 -12.47 8.14 -18.52
N ARG B 348 -12.25 9.45 -18.67
CA ARG B 348 -11.62 10.26 -17.61
C ARG B 348 -12.46 10.25 -16.33
N ILE B 349 -13.78 10.28 -16.49
CA ILE B 349 -14.69 10.33 -15.35
C ILE B 349 -14.44 9.13 -14.44
N PHE B 350 -14.06 8.00 -15.03
CA PHE B 350 -13.63 6.85 -14.25
C PHE B 350 -12.20 6.96 -13.73
N ALA B 351 -11.28 7.30 -14.62
CA ALA B 351 -9.86 7.04 -14.40
C ALA B 351 -9.18 7.80 -13.26
N TYR B 352 -9.61 9.03 -12.96
CA TYR B 352 -8.86 9.87 -12.02
C TYR B 352 -9.03 9.41 -10.57
N ALA B 353 -10.27 9.22 -10.16
CA ALA B 353 -10.55 8.73 -8.81
C ALA B 353 -9.92 7.36 -8.61
N ASP B 354 -9.94 6.54 -9.66
CA ASP B 354 -9.30 5.22 -9.61
C ASP B 354 -7.80 5.31 -9.30
N GLN B 355 -7.07 6.18 -10.01
CA GLN B 355 -5.64 6.30 -9.73
C GLN B 355 -5.44 6.90 -8.34
N GLN B 356 -6.29 7.85 -8.00
CA GLN B 356 -6.15 8.57 -6.74
C GLN B 356 -6.35 7.66 -5.51
N ARG B 357 -7.25 6.68 -5.61
CA ARG B 357 -7.43 5.70 -4.54
C ARG B 357 -6.15 4.90 -4.31
N TYR B 358 -5.36 4.72 -5.37
CA TYR B 358 -4.08 4.03 -5.26
C TYR B 358 -2.93 4.96 -4.88
N ARG B 359 -2.84 6.08 -5.60
CA ARG B 359 -1.72 7.01 -5.50
C ARG B 359 -1.66 7.68 -4.12
N ILE B 360 -2.84 8.00 -3.60
CA ILE B 360 -2.94 8.67 -2.32
C ILE B 360 -3.41 7.67 -1.25
N GLY B 361 -4.58 7.07 -1.48
CA GLY B 361 -5.15 6.13 -0.51
C GLY B 361 -6.67 6.12 -0.60
N ALA B 362 -7.29 5.11 -0.02
CA ALA B 362 -8.74 4.97 -0.11
C ALA B 362 -9.47 6.19 0.46
N ASN B 363 -8.87 6.85 1.44
CA ASN B 363 -9.51 7.99 2.09
C ASN B 363 -8.96 9.35 1.68
N TYR B 364 -8.48 9.44 0.44
CA TYR B 364 -7.85 10.66 -0.07
C TYR B 364 -8.79 11.86 -0.04
N ARG B 365 -10.09 11.61 -0.16
CA ARG B 365 -11.10 12.67 -0.14
C ARG B 365 -11.14 13.41 1.18
N ASP B 366 -10.58 12.80 2.23
CA ASP B 366 -10.64 13.38 3.57
C ASP B 366 -9.48 14.33 3.87
N LEU B 367 -8.46 14.35 3.00
CA LEU B 367 -7.34 15.25 3.22
C LEU B 367 -7.80 16.70 3.07
N PRO B 368 -7.20 17.61 3.86
CA PRO B 368 -7.62 19.02 3.90
C PRO B 368 -7.87 19.64 2.53
N VAL B 369 -6.96 19.48 1.59
CA VAL B 369 -7.09 20.14 0.29
C VAL B 369 -8.20 19.49 -0.58
N ASN B 370 -8.59 18.28 -0.24
CA ASN B 370 -9.61 17.57 -1.02
C ASN B 370 -11.03 17.61 -0.43
N ARG B 371 -11.18 18.07 0.81
CA ARG B 371 -12.53 18.19 1.39
C ARG B 371 -13.26 19.40 0.84
N PRO B 372 -14.57 19.26 0.56
CA PRO B 372 -15.35 20.45 0.16
C PRO B 372 -15.63 21.36 1.34
N ILE B 373 -16.27 22.50 1.11
CA ILE B 373 -16.57 23.42 2.20
C ILE B 373 -17.86 23.03 2.92
N ASN B 374 -18.72 22.27 2.24
CA ASN B 374 -19.93 21.75 2.87
C ASN B 374 -19.69 20.37 3.49
N GLU B 375 -20.51 19.95 4.44
CA GLU B 375 -20.33 18.64 5.08
C GLU B 375 -20.70 17.51 4.14
N VAL B 376 -19.85 16.49 4.10
CA VAL B 376 -20.11 15.28 3.31
C VAL B 376 -21.03 14.35 4.10
N ASN B 377 -22.13 13.94 3.49
CA ASN B 377 -23.05 13.00 4.12
C ASN B 377 -22.99 11.67 3.38
N THR B 378 -22.23 10.72 3.91
CA THR B 378 -21.98 9.48 3.17
C THR B 378 -22.11 8.24 4.05
N TYR B 379 -22.48 7.12 3.43
CA TYR B 379 -22.49 5.82 4.11
C TYR B 379 -21.16 5.08 3.97
N SER B 380 -20.24 5.62 3.15
CA SER B 380 -18.89 5.03 3.10
C SER B 380 -18.22 5.10 4.48
N ARG B 381 -17.37 4.13 4.77
CA ARG B 381 -16.76 4.02 6.09
C ARG B 381 -15.44 3.30 6.00
N GLU B 382 -14.69 3.32 7.10
CA GLU B 382 -13.46 2.56 7.24
C GLU B 382 -12.46 2.85 6.13
N GLY B 383 -11.62 1.87 5.79
CA GLY B 383 -10.52 2.12 4.88
C GLY B 383 -9.29 2.63 5.63
N SER B 384 -8.14 2.46 4.99
CA SER B 384 -6.84 2.87 5.55
CA SER B 384 -6.86 2.87 5.58
C SER B 384 -6.84 4.33 5.97
N MET B 385 -6.20 4.62 7.11
CA MET B 385 -6.00 5.99 7.56
C MET B 385 -7.31 6.78 7.59
N GLN B 386 -8.32 6.24 8.26
CA GLN B 386 -9.57 6.99 8.39
C GLN B 386 -9.44 8.03 9.50
N TYR B 387 -9.32 9.29 9.09
CA TYR B 387 -9.21 10.37 10.07
CA TYR B 387 -9.19 10.41 10.02
C TYR B 387 -10.57 10.84 10.51
N ILE B 388 -11.50 10.92 9.57
CA ILE B 388 -12.83 11.47 9.81
C ILE B 388 -13.90 10.37 9.83
N PHE B 389 -14.77 10.41 10.83
CA PHE B 389 -15.85 9.43 10.92
C PHE B 389 -17.18 10.08 11.29
N ASP B 390 -18.27 9.38 11.01
CA ASP B 390 -19.61 9.92 11.25
C ASP B 390 -19.95 10.02 12.74
N ALA B 391 -20.93 10.86 13.06
CA ALA B 391 -21.46 10.96 14.42
C ALA B 391 -21.71 9.58 15.03
N GLU B 392 -21.43 9.44 16.32
CA GLU B 392 -21.54 8.16 17.02
C GLU B 392 -22.87 7.45 16.81
N GLY B 393 -22.81 6.19 16.36
CA GLY B 393 -24.01 5.37 16.26
C GLY B 393 -24.87 5.59 15.03
N GLU B 394 -24.48 6.52 14.15
CA GLU B 394 -25.23 6.75 12.91
C GLU B 394 -25.23 5.49 12.02
N PRO B 395 -26.31 5.29 11.27
CA PRO B 395 -26.46 4.05 10.50
C PRO B 395 -25.47 3.93 9.34
N SER B 396 -25.12 2.70 8.99
CA SER B 396 -24.13 2.46 7.96
C SER B 396 -24.78 2.06 6.64
N TYR B 397 -26.11 1.99 6.63
CA TYR B 397 -26.85 1.44 5.48
C TYR B 397 -28.10 2.30 5.21
N SER B 398 -28.50 2.42 3.95
CA SER B 398 -29.81 2.99 3.63
C SER B 398 -30.53 2.06 2.67
N PRO B 399 -31.87 2.00 2.74
CA PRO B 399 -32.79 2.71 3.65
C PRO B 399 -32.70 2.20 5.08
N ASN B 400 -32.89 3.11 6.03
CA ASN B 400 -32.88 2.76 7.43
C ASN B 400 -34.00 3.49 8.15
N ARG B 401 -34.22 3.13 9.42
CA ARG B 401 -35.28 3.74 10.21
C ARG B 401 -34.86 5.02 10.94
N TYR B 402 -33.69 5.54 10.62
CA TYR B 402 -33.22 6.77 11.26
C TYR B 402 -33.32 7.96 10.30
N ASP B 403 -32.48 8.98 10.49
CA ASP B 403 -32.67 10.23 9.76
C ASP B 403 -31.49 10.68 8.92
N LYS B 404 -30.44 9.85 8.83
CA LYS B 404 -29.26 10.21 8.03
C LYS B 404 -29.60 10.55 6.58
N GLY B 405 -30.50 9.77 5.97
CA GLY B 405 -31.05 10.13 4.67
C GLY B 405 -30.59 9.24 3.52
N ALA B 406 -31.07 9.55 2.32
CA ALA B 406 -30.65 8.81 1.14
C ALA B 406 -30.54 9.80 -0.01
N GLY B 407 -30.70 9.35 -1.24
CA GLY B 407 -30.54 10.23 -2.40
C GLY B 407 -31.71 11.20 -2.52
N TYR B 408 -31.55 12.28 -3.28
CA TYR B 408 -32.63 13.26 -3.37
C TYR B 408 -33.81 12.73 -4.21
N LEU B 409 -33.56 11.70 -4.99
CA LEU B 409 -34.63 11.06 -5.75
C LEU B 409 -35.40 10.02 -4.92
N ASP B 410 -34.75 9.51 -3.88
CA ASP B 410 -35.33 8.45 -3.05
C ASP B 410 -36.28 9.06 -2.02
N ASN B 411 -37.03 8.23 -1.31
CA ASN B 411 -37.91 8.74 -0.26
C ASN B 411 -37.30 8.66 1.13
N GLY B 412 -36.14 8.00 1.23
CA GLY B 412 -35.42 7.93 2.48
C GLY B 412 -35.93 6.84 3.42
N THR B 413 -36.95 6.11 2.99
CA THR B 413 -37.54 5.09 3.88
C THR B 413 -37.54 3.69 3.28
N ASP B 414 -37.43 3.58 1.96
CA ASP B 414 -37.39 2.26 1.33
C ASP B 414 -36.41 2.20 0.16
N SER B 415 -36.36 1.04 -0.50
CA SER B 415 -35.39 0.77 -1.55
C SER B 415 -35.84 1.13 -2.98
N SER B 416 -36.96 1.85 -3.10
CA SER B 416 -37.51 2.23 -4.42
C SER B 416 -37.88 1.00 -5.25
N SER B 417 -38.39 -0.03 -4.59
CA SER B 417 -38.90 -1.19 -5.31
C SER B 417 -40.30 -0.85 -5.83
N ASN B 418 -41.13 -1.88 -6.08
CA ASN B 418 -42.48 -1.67 -6.62
C ASN B 418 -42.44 -0.93 -7.95
N HIS B 419 -41.54 -1.19 -8.58
CA HIS B 419 -41.20 -0.61 -9.88
C HIS B 419 -41.18 0.91 -9.92
N THR B 420 -40.43 1.49 -9.15
CA THR B 420 -40.22 2.93 -9.10
C THR B 420 -39.21 3.34 -10.18
N SER B 421 -39.54 4.39 -10.93
CA SER B 421 -38.62 4.94 -11.94
C SER B 421 -38.43 6.42 -11.71
N TYR B 422 -37.22 6.93 -11.97
CA TYR B 422 -36.93 8.35 -11.78
C TYR B 422 -36.81 9.13 -13.09
N GLY B 423 -36.50 8.44 -14.18
CA GLY B 423 -36.42 9.11 -15.47
C GLY B 423 -35.01 9.51 -15.85
N GLN B 424 -34.91 10.48 -16.75
CA GLN B 424 -33.64 10.83 -17.40
C GLN B 424 -32.60 11.33 -16.40
N ALA B 425 -31.39 10.79 -16.47
CA ALA B 425 -30.32 11.17 -15.55
C ALA B 425 -29.62 12.44 -16.03
N ASP B 426 -30.29 13.57 -15.86
CA ASP B 426 -29.78 14.85 -16.35
C ASP B 426 -28.54 15.29 -15.58
N ASP B 427 -28.40 14.83 -14.34
CA ASP B 427 -27.22 15.14 -13.52
C ASP B 427 -25.92 14.55 -14.09
N ILE B 428 -26.06 13.51 -14.91
CA ILE B 428 -24.92 12.98 -15.66
C ILE B 428 -24.79 13.81 -16.95
N TYR B 429 -25.81 13.72 -17.80
CA TYR B 429 -26.08 14.72 -18.85
C TYR B 429 -27.42 14.41 -19.53
N VAL B 430 -28.04 15.43 -20.11
CA VAL B 430 -29.19 15.20 -20.97
C VAL B 430 -28.61 14.70 -22.28
N ASN B 431 -28.84 13.43 -22.62
CA ASN B 431 -28.21 12.86 -23.80
C ASN B 431 -28.89 13.26 -25.10
N PRO B 432 -28.10 13.34 -26.19
CA PRO B 432 -28.70 13.45 -27.52
C PRO B 432 -29.05 12.04 -28.02
N ASP B 433 -29.50 11.96 -29.26
CA ASP B 433 -29.76 10.68 -29.93
C ASP B 433 -28.51 9.81 -29.85
N PRO B 434 -28.66 8.54 -29.41
CA PRO B 434 -27.49 7.65 -29.38
C PRO B 434 -27.17 7.11 -30.78
N HIS B 435 -28.22 7.38 -31.83
CA HIS B 435 -27.96 6.78 -33.14
C HIS B 435 -27.81 5.25 -33.12
N GLY B 436 -28.32 4.56 -32.25
CA GLY B 436 -28.31 3.11 -32.31
C GLY B 436 -28.96 2.55 -31.06
N THR B 437 -29.35 1.28 -31.10
CA THR B 437 -30.01 0.64 -29.96
C THR B 437 -29.15 -0.46 -29.35
N ASP B 438 -27.94 -0.67 -29.88
CA ASP B 438 -27.10 -1.80 -29.47
C ASP B 438 -25.77 -1.40 -28.86
N LEU B 439 -25.24 -2.26 -27.99
CA LEU B 439 -23.86 -2.09 -27.54
C LEU B 439 -23.00 -2.30 -28.77
N VAL B 440 -22.17 -1.30 -29.08
CA VAL B 440 -21.33 -1.36 -30.26
C VAL B 440 -19.92 -0.82 -30.01
N ARG B 441 -19.01 -1.17 -30.90
CA ARG B 441 -17.76 -0.43 -31.07
C ARG B 441 -17.87 0.22 -32.45
N ALA B 442 -18.09 1.54 -32.45
CA ALA B 442 -18.47 2.23 -33.67
C ALA B 442 -17.69 3.52 -33.81
N ALA B 443 -17.70 4.08 -35.02
CA ALA B 443 -17.12 5.40 -35.24
C ALA B 443 -18.03 6.44 -34.62
N TYR B 444 -17.49 7.64 -34.41
CA TYR B 444 -18.36 8.76 -34.05
C TYR B 444 -19.27 9.03 -35.25
N VAL B 445 -20.46 9.56 -34.97
CA VAL B 445 -21.38 9.98 -36.03
C VAL B 445 -20.59 10.89 -36.96
N LYS B 446 -20.62 10.59 -38.26
CA LYS B 446 -19.82 11.33 -39.22
C LYS B 446 -20.48 12.62 -39.66
N HIS B 447 -19.86 13.75 -39.33
CA HIS B 447 -20.35 15.03 -39.81
C HIS B 447 -19.59 15.44 -41.08
N GLN B 448 -20.17 16.39 -41.81
CA GLN B 448 -19.72 16.77 -43.15
C GLN B 448 -18.20 16.95 -43.30
N ASP B 449 -17.59 17.72 -42.40
CA ASP B 449 -16.16 18.02 -42.53
C ASP B 449 -15.24 17.25 -41.56
N ASP B 450 -15.71 16.12 -41.05
CA ASP B 450 -14.89 15.31 -40.14
C ASP B 450 -13.81 14.50 -40.87
N ASP B 451 -12.55 14.82 -40.60
CA ASP B 451 -11.42 13.96 -40.91
C ASP B 451 -10.30 14.28 -39.93
N ASP B 452 -9.14 13.64 -40.07
CA ASP B 452 -8.07 13.83 -39.09
C ASP B 452 -7.17 15.03 -39.36
N PHE B 453 -7.36 15.69 -40.52
CA PHE B 453 -6.37 16.66 -40.98
C PHE B 453 -6.88 18.07 -41.27
N ILE B 454 -8.19 18.23 -41.48
CA ILE B 454 -8.69 19.53 -41.93
C ILE B 454 -8.40 20.67 -40.93
N GLN B 455 -8.61 20.43 -39.64
CA GLN B 455 -8.45 21.53 -38.69
C GLN B 455 -7.01 22.00 -38.48
N PRO B 456 -6.05 21.06 -38.37
CA PRO B 456 -4.67 21.56 -38.32
C PRO B 456 -4.25 22.15 -39.66
N GLY B 457 -4.86 21.72 -40.77
CA GLY B 457 -4.58 22.33 -42.07
C GLY B 457 -5.08 23.75 -42.12
N ILE B 458 -6.28 23.98 -41.58
CA ILE B 458 -6.84 25.33 -41.49
C ILE B 458 -5.94 26.22 -40.62
N LEU B 459 -5.49 25.70 -39.49
CA LEU B 459 -4.57 26.44 -38.62
C LEU B 459 -3.35 26.91 -39.40
N TYR B 460 -2.74 25.99 -40.15
CA TYR B 460 -1.52 26.30 -40.90
C TYR B 460 -1.78 27.30 -42.02
N ARG B 461 -2.86 27.08 -42.76
CA ARG B 461 -3.14 27.88 -43.94
C ARG B 461 -3.81 29.22 -43.65
N GLU B 462 -4.60 29.28 -42.58
CA GLU B 462 -5.47 30.45 -42.37
C GLU B 462 -5.17 31.27 -41.12
N VAL B 463 -4.42 30.69 -40.19
CA VAL B 463 -4.20 31.34 -38.91
C VAL B 463 -2.74 31.74 -38.67
N LEU B 464 -1.82 30.79 -38.89
CA LEU B 464 -0.41 31.00 -38.60
C LEU B 464 0.25 32.00 -39.54
N ASP B 465 1.08 32.91 -39.01
CA ASP B 465 1.86 33.79 -39.86
C ASP B 465 3.09 33.06 -40.41
N GLU B 466 3.85 33.70 -41.30
CA GLU B 466 4.95 33.00 -41.96
C GLU B 466 6.01 32.54 -40.97
N GLY B 467 6.29 33.37 -39.96
CA GLY B 467 7.25 32.99 -38.93
C GLY B 467 6.78 31.77 -38.17
N GLU B 468 5.51 31.77 -37.77
CA GLU B 468 4.92 30.64 -37.06
C GLU B 468 4.99 29.36 -37.90
N LYS B 469 4.67 29.49 -39.19
CA LYS B 469 4.73 28.36 -40.10
C LYS B 469 6.13 27.80 -40.23
N GLU B 470 7.14 28.68 -40.30
CA GLU B 470 8.52 28.23 -40.46
C GLU B 470 9.08 27.59 -39.17
N ARG B 471 8.78 28.19 -38.03
CA ARG B 471 9.21 27.63 -36.74
C ARG B 471 8.55 26.28 -36.50
N LEU B 472 7.29 26.15 -36.92
CA LEU B 472 6.59 24.87 -36.81
C LEU B 472 7.35 23.78 -37.57
N ALA B 473 7.67 24.04 -38.83
CA ALA B 473 8.45 23.10 -39.63
C ALA B 473 9.81 22.80 -38.98
N ASP B 474 10.45 23.84 -38.45
CA ASP B 474 11.77 23.67 -37.85
C ASP B 474 11.65 22.82 -36.59
N ASN B 475 10.64 23.11 -35.77
CA ASN B 475 10.43 22.36 -34.54
C ASN B 475 10.17 20.89 -34.83
N ILE B 476 9.29 20.65 -35.79
CA ILE B 476 8.92 19.29 -36.17
C ILE B 476 10.16 18.53 -36.60
N SER B 477 10.95 19.13 -37.48
CA SER B 477 12.13 18.46 -38.01
C SER B 477 13.18 18.21 -36.91
N ASN B 478 13.26 19.09 -35.92
CA ASN B 478 14.08 18.81 -34.73
C ASN B 478 13.55 17.56 -34.00
N ALA B 479 12.25 17.52 -33.78
CA ALA B 479 11.61 16.42 -33.03
C ALA B 479 11.75 15.07 -33.73
N MET B 480 11.92 15.10 -35.06
CA MET B 480 12.07 13.88 -35.85
C MET B 480 13.46 13.24 -35.74
N GLN B 481 14.43 13.98 -35.23
CA GLN B 481 15.79 13.45 -35.17
C GLN B 481 15.85 12.17 -34.34
N GLY B 482 16.30 11.09 -34.96
CA GLY B 482 16.37 9.81 -34.28
C GLY B 482 15.37 8.77 -34.78
N ILE B 483 14.37 9.18 -35.54
CA ILE B 483 13.42 8.21 -36.10
C ILE B 483 14.13 7.23 -37.04
N SER B 484 13.57 6.03 -37.16
CA SER B 484 14.17 5.01 -38.03
C SER B 484 13.85 5.33 -39.48
N GLU B 485 14.48 4.60 -40.40
CA GLU B 485 14.22 4.80 -41.82
C GLU B 485 12.82 4.30 -42.18
N ALA B 486 12.33 3.32 -41.45
CA ALA B 486 10.96 2.85 -41.64
C ALA B 486 9.94 3.94 -41.30
N THR B 487 10.25 4.72 -40.27
CA THR B 487 9.31 5.73 -39.78
C THR B 487 9.31 7.01 -40.63
N GLU B 488 10.45 7.33 -41.25
CA GLU B 488 10.56 8.55 -42.06
C GLU B 488 9.41 8.77 -43.06
N PRO B 489 9.13 7.79 -43.94
CA PRO B 489 8.04 8.09 -44.90
C PRO B 489 6.67 8.23 -44.24
N ARG B 490 6.43 7.54 -43.11
CA ARG B 490 5.18 7.71 -42.38
C ARG B 490 5.04 9.15 -41.91
N VAL B 491 6.14 9.71 -41.41
CA VAL B 491 6.11 11.08 -40.93
C VAL B 491 5.92 12.08 -42.08
N TYR B 492 6.60 11.84 -43.21
CA TYR B 492 6.43 12.70 -44.39
C TYR B 492 4.95 12.76 -44.78
N ASP B 493 4.34 11.56 -44.86
CA ASP B 493 2.93 11.43 -45.24
CA ASP B 493 2.92 11.37 -45.20
C ASP B 493 1.98 12.16 -44.29
N TYR B 494 2.22 12.02 -43.00
CA TYR B 494 1.43 12.64 -41.95
C TYR B 494 1.38 14.15 -42.17
N TRP B 495 2.54 14.78 -42.32
CA TRP B 495 2.58 16.22 -42.49
C TRP B 495 2.03 16.69 -43.84
N ASN B 496 2.29 15.92 -44.89
CA ASN B 496 1.71 16.21 -46.20
C ASN B 496 0.18 16.21 -46.11
N ASN B 497 -0.37 15.29 -45.32
CA ASN B 497 -1.83 15.24 -45.14
C ASN B 497 -2.36 16.47 -44.41
N VAL B 498 -1.55 17.05 -43.51
CA VAL B 498 -1.95 18.30 -42.87
C VAL B 498 -1.93 19.44 -43.90
N ASP B 499 -0.82 19.54 -44.63
CA ASP B 499 -0.66 20.56 -45.66
C ASP B 499 0.55 20.22 -46.50
N GLU B 500 0.40 20.21 -47.82
CA GLU B 500 1.47 19.75 -48.69
C GLU B 500 2.70 20.66 -48.63
N ASN B 501 2.47 21.96 -48.41
CA ASN B 501 3.57 22.92 -48.27
C ASN B 501 4.31 22.73 -46.94
N LEU B 502 3.55 22.54 -45.86
CA LEU B 502 4.17 22.26 -44.57
C LEU B 502 4.99 20.98 -44.66
N GLY B 503 4.38 19.95 -45.25
CA GLY B 503 5.02 18.66 -45.38
C GLY B 503 6.31 18.75 -46.19
N ALA B 504 6.26 19.51 -47.28
CA ALA B 504 7.45 19.68 -48.12
C ALA B 504 8.57 20.35 -47.32
N ARG B 505 8.23 21.35 -46.52
CA ARG B 505 9.22 22.11 -45.77
C ARG B 505 9.79 21.31 -44.60
N VAL B 506 8.91 20.54 -43.94
CA VAL B 506 9.35 19.63 -42.87
C VAL B 506 10.43 18.68 -43.39
N LYS B 507 10.17 18.08 -44.55
CA LYS B 507 11.10 17.08 -45.10
C LYS B 507 12.39 17.76 -45.49
N GLU B 508 12.26 18.94 -46.09
CA GLU B 508 13.42 19.73 -46.49
C GLU B 508 14.37 19.99 -45.32
N LEU B 509 13.81 20.51 -44.23
CA LEU B 509 14.61 20.82 -43.05
C LEU B 509 15.16 19.56 -42.39
N TYR B 510 14.34 18.51 -42.38
CA TYR B 510 14.73 17.25 -41.77
C TYR B 510 15.96 16.66 -42.44
N LEU B 511 15.96 16.65 -43.77
CA LEU B 511 17.09 16.10 -44.52
C LEU B 511 18.34 16.96 -44.33
N GLN B 512 18.14 18.28 -44.22
CA GLN B 512 19.26 19.19 -43.96
C GLN B 512 19.98 18.83 -42.66
N LYS B 513 19.21 18.48 -41.64
CA LYS B 513 19.76 18.22 -40.30
C LYS B 513 20.26 16.81 -40.13
N LYS B 514 19.73 15.88 -40.92
CA LYS B 514 20.10 14.48 -40.83
C LYS B 514 21.59 14.33 -41.12
N ALA B 515 22.16 15.39 -41.72
CA ALA B 515 23.60 15.61 -41.83
C ALA B 515 24.29 14.78 -42.90
N LYS C 3 -2.61 -38.14 -9.35
CA LYS C 3 -2.61 -37.30 -10.55
C LYS C 3 -3.88 -36.45 -10.70
N SER C 4 -3.69 -35.21 -11.11
CA SER C 4 -4.79 -34.27 -11.34
C SER C 4 -4.41 -33.33 -12.49
N ALA C 5 -5.38 -32.93 -13.29
CA ALA C 5 -5.12 -31.99 -14.39
C ALA C 5 -4.64 -30.64 -13.86
N ALA C 6 -4.98 -30.38 -12.59
CA ALA C 6 -4.59 -29.14 -11.94
C ALA C 6 -3.14 -29.13 -11.45
N ASP C 7 -2.42 -30.24 -11.60
CA ASP C 7 -1.08 -30.38 -11.03
C ASP C 7 -0.08 -29.33 -11.53
N GLN C 8 -0.08 -29.04 -12.82
CA GLN C 8 0.84 -28.04 -13.34
C GLN C 8 0.51 -26.65 -12.75
N ILE C 9 -0.77 -26.34 -12.56
CA ILE C 9 -1.16 -25.08 -11.93
C ILE C 9 -0.68 -25.05 -10.48
N VAL C 10 -0.98 -26.11 -9.75
CA VAL C 10 -0.83 -26.06 -8.29
C VAL C 10 0.64 -26.21 -7.87
N ASP C 11 1.51 -26.60 -8.80
CA ASP C 11 2.94 -26.69 -8.49
C ASP C 11 3.71 -25.41 -8.79
N ARG C 12 3.10 -24.52 -9.59
CA ARG C 12 3.69 -23.22 -9.89
C ARG C 12 4.07 -22.49 -8.60
N GLY C 13 5.33 -22.09 -8.52
CA GLY C 13 5.79 -21.25 -7.43
C GLY C 13 6.29 -21.99 -6.21
N MET C 14 6.11 -23.31 -6.17
CA MET C 14 6.48 -24.08 -4.96
C MET C 14 7.97 -24.43 -4.95
N ARG C 15 8.65 -24.15 -3.84
CA ARG C 15 10.05 -24.54 -3.69
C ARG C 15 10.24 -26.05 -3.49
N PRO C 16 11.41 -26.57 -3.83
CA PRO C 16 11.72 -27.95 -3.42
C PRO C 16 11.88 -28.01 -1.91
N LYS C 17 11.66 -29.18 -1.32
CA LYS C 17 11.91 -29.34 0.12
C LYS C 17 13.38 -29.07 0.43
N LEU C 18 13.62 -28.36 1.52
CA LEU C 18 14.97 -27.94 1.89
C LEU C 18 15.30 -28.46 3.28
N SER C 19 16.55 -28.83 3.49
CA SER C 19 16.98 -29.25 4.82
C SER C 19 18.31 -28.59 5.16
N GLY C 20 18.94 -29.05 6.24
CA GLY C 20 20.17 -28.44 6.70
C GLY C 20 19.93 -27.25 7.60
N ASN C 21 20.34 -26.07 7.13
CA ASN C 21 20.25 -24.87 7.95
C ASN C 21 19.52 -23.76 7.20
N THR C 22 18.99 -22.80 7.94
CA THR C 22 18.23 -21.72 7.31
C THR C 22 19.17 -20.67 6.71
N THR C 23 18.63 -19.87 5.79
CA THR C 23 19.36 -18.74 5.22
C THR C 23 18.55 -17.47 5.40
N ARG C 24 19.21 -16.31 5.40
CA ARG C 24 18.51 -15.05 5.30
C ARG C 24 17.91 -14.93 3.90
N HIS C 25 17.15 -13.87 3.64
CA HIS C 25 16.50 -13.74 2.35
C HIS C 25 17.45 -13.36 1.22
N ASN C 26 18.69 -13.00 1.57
CA ASN C 26 19.72 -12.83 0.55
C ASN C 26 20.47 -14.13 0.27
N GLY C 27 20.16 -15.18 1.02
CA GLY C 27 20.77 -16.49 0.80
C GLY C 27 21.92 -16.81 1.74
N ALA C 28 22.31 -15.85 2.57
CA ALA C 28 23.43 -16.09 3.47
C ALA C 28 22.95 -16.95 4.66
N PRO C 29 23.86 -17.77 5.23
CA PRO C 29 23.52 -18.63 6.36
C PRO C 29 23.03 -17.86 7.59
N VAL C 30 21.98 -18.38 8.23
CA VAL C 30 21.46 -17.83 9.48
C VAL C 30 22.27 -18.44 10.61
N PRO C 31 22.83 -17.59 11.49
CA PRO C 31 23.57 -18.13 12.64
C PRO C 31 22.65 -18.80 13.66
N SER C 32 21.58 -18.13 14.08
CA SER C 32 20.66 -18.72 15.05
C SER C 32 19.21 -18.28 14.84
N GLU C 33 18.29 -19.22 15.05
CA GLU C 33 16.86 -18.90 15.10
C GLU C 33 16.41 -18.75 16.55
N ASN C 34 17.34 -18.87 17.49
CA ASN C 34 16.97 -18.92 18.90
C ASN C 34 17.46 -17.74 19.73
N ILE C 35 18.63 -17.21 19.41
CA ILE C 35 19.25 -16.19 20.27
C ILE C 35 19.60 -14.95 19.47
N SER C 36 19.27 -13.76 19.99
CA SER C 36 19.61 -12.51 19.33
C SER C 36 20.93 -11.94 19.86
N ALA C 37 21.58 -11.10 19.04
CA ALA C 37 22.92 -10.59 19.36
C ALA C 37 22.86 -9.38 20.28
N THR C 38 23.67 -9.40 21.34
CA THR C 38 23.72 -8.30 22.29
C THR C 38 25.15 -7.83 22.52
N ALA C 39 25.28 -6.62 23.04
CA ALA C 39 26.58 -6.04 23.34
C ALA C 39 26.96 -6.45 24.75
N GLY C 40 27.42 -7.69 24.89
CA GLY C 40 27.60 -8.31 26.20
C GLY C 40 26.35 -9.13 26.50
N PRO C 41 26.48 -10.20 27.31
CA PRO C 41 25.30 -11.03 27.59
C PRO C 41 24.13 -10.26 28.22
N GLN C 42 24.45 -9.28 29.06
CA GLN C 42 23.41 -8.48 29.71
C GLN C 42 23.33 -7.08 29.11
N GLY C 43 24.06 -6.87 28.01
CA GLY C 43 24.03 -5.59 27.33
C GLY C 43 22.80 -5.42 26.45
N PRO C 44 22.67 -4.25 25.83
CA PRO C 44 21.51 -4.02 24.97
C PRO C 44 21.58 -4.84 23.69
N ASN C 45 20.43 -5.14 23.10
CA ASN C 45 20.40 -5.72 21.77
C ASN C 45 21.02 -4.78 20.75
N VAL C 46 21.83 -5.33 19.84
CA VAL C 46 22.44 -4.48 18.82
C VAL C 46 21.46 -4.24 17.67
N LEU C 47 21.58 -3.10 17.00
CA LEU C 47 20.74 -2.80 15.84
C LEU C 47 20.96 -3.80 14.72
N ASN C 48 22.22 -4.17 14.52
CA ASN C 48 22.60 -4.94 13.34
C ASN C 48 22.58 -6.44 13.54
N ASP C 49 21.56 -6.95 14.22
CA ASP C 49 21.28 -8.37 14.11
C ASP C 49 20.38 -8.44 12.89
N ILE C 50 20.98 -8.61 11.71
CA ILE C 50 20.25 -8.52 10.44
C ILE C 50 19.13 -9.56 10.36
N HIS C 51 19.41 -10.81 10.74
CA HIS C 51 18.37 -11.83 10.70
C HIS C 51 17.22 -11.52 11.65
N LEU C 52 17.53 -11.04 12.86
CA LEU C 52 16.46 -10.72 13.81
C LEU C 52 15.48 -9.71 13.20
N ILE C 53 15.99 -8.62 12.65
CA ILE C 53 15.11 -7.56 12.13
C ILE C 53 14.34 -8.05 10.91
N GLU C 54 15.03 -8.79 10.04
CA GLU C 54 14.39 -9.30 8.81
C GLU C 54 13.24 -10.24 9.17
N LYS C 55 13.49 -11.09 10.15
CA LYS C 55 12.52 -12.08 10.60
C LYS C 55 11.32 -11.39 11.23
N LEU C 56 11.58 -10.42 12.10
CA LEU C 56 10.51 -9.65 12.73
C LEU C 56 9.73 -8.84 11.69
N ALA C 57 10.45 -8.19 10.78
CA ALA C 57 9.83 -7.29 9.81
C ALA C 57 8.97 -8.01 8.80
N HIS C 58 9.36 -9.22 8.47
CA HIS C 58 8.52 -9.87 7.48
C HIS C 58 7.28 -10.50 8.14
N PHE C 59 7.51 -11.01 9.41
CA PHE C 59 6.43 -11.41 10.30
C PHE C 59 5.39 -10.29 10.45
N ASN C 60 5.87 -9.06 10.69
CA ASN C 60 4.99 -7.90 10.82
C ASN C 60 4.12 -7.61 9.60
N ARG C 61 4.52 -8.19 8.46
CA ARG C 61 3.87 -7.87 7.20
C ARG C 61 3.14 -9.08 6.61
N GLU C 62 2.87 -10.10 7.44
CA GLU C 62 2.22 -11.32 6.95
C GLU C 62 0.76 -11.12 6.52
N ASN C 63 0.03 -10.30 7.28
CA ASN C 63 -1.39 -10.09 7.01
C ASN C 63 -1.66 -9.13 5.86
N VAL C 64 -2.78 -9.39 5.17
CA VAL C 64 -3.23 -8.57 4.06
C VAL C 64 -4.73 -8.37 4.29
N PRO C 65 -5.33 -7.35 3.65
CA PRO C 65 -6.78 -7.17 3.83
C PRO C 65 -7.53 -8.42 3.41
N GLU C 66 -8.47 -8.85 4.24
CA GLU C 66 -9.33 -9.96 3.87
C GLU C 66 -10.36 -9.44 2.86
N ARG C 67 -11.01 -10.35 2.16
CA ARG C 67 -12.06 -9.99 1.21
C ARG C 67 -13.23 -9.32 1.94
N ILE C 68 -13.86 -8.35 1.29
CA ILE C 68 -15.19 -7.92 1.70
C ILE C 68 -16.13 -8.02 0.50
N PRO C 69 -17.18 -8.87 0.60
CA PRO C 69 -17.42 -9.83 1.68
C PRO C 69 -16.77 -11.17 1.36
N HIS C 70 -17.18 -12.25 2.02
CA HIS C 70 -16.63 -13.61 1.78
C HIS C 70 -15.20 -13.81 2.29
N ALA C 71 -14.88 -13.13 3.39
CA ALA C 71 -13.56 -13.24 4.00
C ALA C 71 -13.21 -14.66 4.42
N LYS C 72 -14.17 -15.40 4.97
CA LYS C 72 -13.90 -16.74 5.50
C LYS C 72 -14.17 -17.81 4.45
N GLY C 73 -13.09 -18.41 3.94
CA GLY C 73 -13.27 -19.39 2.88
C GLY C 73 -12.13 -20.38 2.78
N HIS C 74 -12.10 -21.19 1.70
CA HIS C 74 -11.23 -22.36 1.64
C HIS C 74 -11.60 -23.08 0.36
N GLY C 75 -10.65 -23.76 -0.27
CA GLY C 75 -10.89 -24.29 -1.60
C GLY C 75 -10.04 -25.46 -2.00
N ALA C 76 -10.03 -25.73 -3.30
CA ALA C 76 -9.38 -26.93 -3.82
C ALA C 76 -9.25 -26.83 -5.32
N PHE C 77 -8.62 -27.84 -5.92
CA PHE C 77 -8.41 -27.86 -7.36
C PHE C 77 -8.99 -29.15 -7.92
N GLY C 78 -9.26 -29.16 -9.23
CA GLY C 78 -9.93 -30.30 -9.81
C GLY C 78 -10.04 -30.22 -11.33
N GLU C 79 -11.06 -30.89 -11.87
CA GLU C 79 -11.22 -31.00 -13.31
C GLU C 79 -12.69 -30.90 -13.71
N LEU C 80 -12.96 -30.23 -14.83
CA LEU C 80 -14.29 -30.21 -15.43
C LEU C 80 -14.26 -31.21 -16.58
N HIS C 81 -15.26 -32.09 -16.66
CA HIS C 81 -15.37 -33.05 -17.77
C HIS C 81 -16.66 -32.86 -18.55
N ILE C 82 -16.55 -32.67 -19.86
CA ILE C 82 -17.74 -32.52 -20.70
C ILE C 82 -18.22 -33.89 -21.18
N THR C 83 -19.50 -34.19 -20.98
CA THR C 83 -20.07 -35.50 -21.35
C THR C 83 -21.26 -35.37 -22.30
N GLU C 84 -21.58 -34.14 -22.68
CA GLU C 84 -22.71 -33.87 -23.57
C GLU C 84 -22.28 -32.88 -24.67
N ASP C 85 -23.06 -32.82 -25.75
CA ASP C 85 -22.76 -31.91 -26.85
C ASP C 85 -23.64 -30.66 -26.76
N VAL C 86 -23.05 -29.54 -26.38
CA VAL C 86 -23.79 -28.28 -26.29
C VAL C 86 -23.29 -27.28 -27.32
N SER C 87 -22.60 -27.77 -28.35
CA SER C 87 -22.00 -26.91 -29.37
C SER C 87 -23.04 -26.13 -30.20
N GLU C 88 -24.28 -26.59 -30.21
CA GLU C 88 -25.33 -25.84 -30.89
C GLU C 88 -25.62 -24.53 -30.14
N TYR C 89 -25.24 -24.47 -28.86
CA TYR C 89 -25.55 -23.30 -28.03
C TYR C 89 -24.35 -22.40 -27.73
N THR C 90 -23.17 -23.00 -27.59
CA THR C 90 -21.99 -22.21 -27.28
C THR C 90 -20.72 -22.71 -27.97
N LYS C 91 -19.85 -21.78 -28.35
CA LYS C 91 -18.55 -22.10 -28.92
C LYS C 91 -17.45 -22.05 -27.87
N ALA C 92 -17.84 -21.82 -26.62
CA ALA C 92 -16.87 -21.73 -25.53
C ALA C 92 -16.02 -22.99 -25.49
N ASP C 93 -14.70 -22.82 -25.57
CA ASP C 93 -13.81 -23.95 -25.78
C ASP C 93 -13.95 -25.02 -24.69
N LEU C 94 -14.04 -24.59 -23.44
CA LEU C 94 -14.10 -25.55 -22.34
C LEU C 94 -15.36 -26.40 -22.36
N PHE C 95 -16.41 -25.93 -23.03
CA PHE C 95 -17.67 -26.67 -23.04
C PHE C 95 -17.84 -27.54 -24.30
N GLN C 96 -16.82 -27.61 -25.15
CA GLN C 96 -16.93 -28.40 -26.38
C GLN C 96 -16.83 -29.90 -26.06
N PRO C 97 -17.35 -30.77 -26.96
CA PRO C 97 -17.37 -32.21 -26.66
C PRO C 97 -16.03 -32.79 -26.21
N GLY C 98 -16.08 -33.57 -25.13
CA GLY C 98 -14.91 -34.29 -24.65
C GLY C 98 -13.87 -33.49 -23.89
N LYS C 99 -14.02 -32.16 -23.81
CA LYS C 99 -13.00 -31.33 -23.16
C LYS C 99 -12.81 -31.65 -21.68
N VAL C 100 -11.56 -31.61 -21.23
CA VAL C 100 -11.24 -31.74 -19.82
C VAL C 100 -10.43 -30.51 -19.41
N THR C 101 -10.92 -29.77 -18.41
CA THR C 101 -10.30 -28.50 -18.06
C THR C 101 -9.92 -28.44 -16.57
N PRO C 102 -8.67 -28.04 -16.26
CA PRO C 102 -8.30 -27.91 -14.85
C PRO C 102 -9.16 -26.86 -14.18
N LEU C 103 -9.48 -27.02 -12.89
CA LEU C 103 -10.24 -25.99 -12.19
C LEU C 103 -9.69 -25.68 -10.81
N ALA C 104 -10.14 -24.54 -10.27
CA ALA C 104 -9.94 -24.18 -8.86
C ALA C 104 -11.32 -23.87 -8.31
N VAL C 105 -11.52 -24.02 -7.01
CA VAL C 105 -12.77 -23.58 -6.41
C VAL C 105 -12.48 -22.96 -5.05
N ARG C 106 -13.24 -21.93 -4.69
CA ARG C 106 -13.22 -21.44 -3.32
C ARG C 106 -14.64 -21.38 -2.78
N PHE C 107 -14.84 -21.94 -1.59
CA PHE C 107 -16.13 -21.87 -0.91
C PHE C 107 -15.98 -20.88 0.24
N SER C 108 -17.10 -20.34 0.74
CA SER C 108 -17.00 -19.29 1.76
C SER C 108 -18.34 -19.02 2.44
N THR C 109 -18.30 -18.28 3.53
CA THR C 109 -19.50 -17.63 4.05
C THR C 109 -19.47 -16.21 3.48
N VAL C 110 -20.33 -15.33 3.96
CA VAL C 110 -20.42 -13.96 3.43
C VAL C 110 -20.01 -12.87 4.42
N ALA C 111 -20.65 -12.84 5.57
CA ALA C 111 -20.54 -11.68 6.47
C ALA C 111 -19.34 -11.71 7.40
N GLY C 112 -19.04 -12.87 7.97
CA GLY C 112 -18.01 -12.98 8.96
C GLY C 112 -16.61 -12.67 8.43
N GLU C 113 -15.71 -12.36 9.35
CA GLU C 113 -14.31 -12.06 9.02
C GLU C 113 -13.47 -13.33 9.00
N GLN C 114 -12.18 -13.17 8.78
CA GLN C 114 -11.25 -14.28 8.59
C GLN C 114 -11.25 -15.38 9.65
N GLY C 115 -11.60 -15.04 10.88
CA GLY C 115 -11.59 -16.07 11.91
C GLY C 115 -12.94 -16.68 12.24
N SER C 116 -13.99 -16.21 11.55
CA SER C 116 -15.37 -16.54 11.94
C SER C 116 -15.76 -17.98 11.54
N PRO C 117 -16.86 -18.51 12.10
CA PRO C 117 -17.19 -19.92 11.85
C PRO C 117 -17.78 -20.21 10.47
N ASP C 118 -17.43 -21.37 9.92
CA ASP C 118 -17.99 -21.81 8.65
C ASP C 118 -19.51 -22.02 8.73
N THR C 119 -20.03 -22.27 9.93
CA THR C 119 -21.42 -22.73 10.06
C THR C 119 -22.36 -21.72 10.72
N TRP C 120 -21.98 -20.45 10.71
CA TRP C 120 -22.97 -19.39 10.96
C TRP C 120 -24.00 -19.48 9.84
N ARG C 121 -25.26 -19.16 10.13
CA ARG C 121 -26.25 -19.09 9.06
C ARG C 121 -25.84 -17.99 8.08
N ASP C 122 -25.72 -18.35 6.82
CA ASP C 122 -25.27 -17.39 5.81
C ASP C 122 -25.44 -18.02 4.44
N VAL C 123 -25.42 -17.19 3.41
CA VAL C 123 -25.22 -17.69 2.06
C VAL C 123 -23.82 -18.27 2.03
N HIS C 124 -23.57 -19.28 1.20
CA HIS C 124 -22.22 -19.75 0.99
C HIS C 124 -21.79 -19.49 -0.44
N GLY C 125 -20.59 -18.94 -0.57
CA GLY C 125 -19.98 -18.72 -1.89
C GLY C 125 -19.55 -20.02 -2.54
N PHE C 126 -19.59 -20.05 -3.87
CA PHE C 126 -19.33 -21.26 -4.64
C PHE C 126 -18.67 -20.76 -5.90
N ALA C 127 -17.37 -20.48 -5.80
CA ALA C 127 -16.65 -19.74 -6.84
C ALA C 127 -15.67 -20.63 -7.59
N LEU C 128 -15.87 -20.77 -8.89
CA LEU C 128 -15.09 -21.68 -9.71
C LEU C 128 -14.23 -20.93 -10.72
N ARG C 129 -13.00 -21.40 -10.92
CA ARG C 129 -12.19 -20.96 -12.05
C ARG C 129 -11.93 -22.14 -12.97
N PHE C 130 -12.15 -21.94 -14.26
CA PHE C 130 -11.74 -22.91 -15.26
C PHE C 130 -10.56 -22.38 -16.04
N TYR C 131 -9.44 -23.11 -16.01
CA TYR C 131 -8.25 -22.68 -16.72
C TYR C 131 -8.35 -23.18 -18.15
N THR C 132 -9.04 -22.42 -18.99
CA THR C 132 -9.36 -22.88 -20.34
C THR C 132 -8.26 -22.50 -21.32
N GLU C 133 -8.28 -23.14 -22.50
CA GLU C 133 -7.31 -22.83 -23.54
C GLU C 133 -7.54 -21.43 -24.10
N GLU C 134 -8.67 -20.82 -23.78
CA GLU C 134 -8.95 -19.46 -24.26
C GLU C 134 -9.05 -18.46 -23.11
N GLY C 135 -8.43 -18.81 -22.00
CA GLY C 135 -8.35 -17.91 -20.86
C GLY C 135 -9.03 -18.48 -19.65
N ASN C 136 -8.81 -17.84 -18.49
CA ASN C 136 -9.51 -18.24 -17.29
C ASN C 136 -10.96 -17.80 -17.34
N TYR C 137 -11.86 -18.77 -17.24
CA TYR C 137 -13.29 -18.49 -17.16
C TYR C 137 -13.76 -18.79 -15.73
N ASP C 138 -14.13 -17.74 -15.00
CA ASP C 138 -14.63 -17.90 -13.65
C ASP C 138 -16.15 -17.84 -13.62
N ILE C 139 -16.76 -18.83 -12.99
CA ILE C 139 -18.16 -18.70 -12.60
C ILE C 139 -18.19 -18.55 -11.07
N VAL C 140 -18.31 -17.31 -10.65
CA VAL C 140 -18.29 -16.97 -9.23
C VAL C 140 -19.73 -17.04 -8.73
N GLY C 141 -20.14 -18.21 -8.23
CA GLY C 141 -21.53 -18.44 -7.86
C GLY C 141 -21.78 -18.46 -6.36
N ASN C 142 -23.02 -18.79 -5.98
CA ASN C 142 -23.39 -18.97 -4.58
C ASN C 142 -24.16 -20.27 -4.48
N ASN C 143 -24.47 -20.71 -3.27
CA ASN C 143 -25.27 -21.92 -3.09
C ASN C 143 -26.77 -21.65 -3.15
N THR C 144 -27.14 -20.55 -3.81
CA THR C 144 -28.54 -20.18 -4.02
C THR C 144 -28.74 -19.74 -5.48
N PRO C 145 -29.92 -20.05 -6.05
CA PRO C 145 -30.17 -19.69 -7.44
C PRO C 145 -30.56 -18.22 -7.58
N THR C 146 -30.72 -17.52 -6.47
CA THR C 146 -31.14 -16.12 -6.51
C THR C 146 -30.31 -15.28 -5.55
N PHE C 147 -30.74 -14.07 -5.23
CA PHE C 147 -30.00 -13.22 -4.29
C PHE C 147 -30.90 -12.10 -3.77
N PHE C 148 -30.38 -11.34 -2.82
CA PHE C 148 -31.17 -10.36 -2.07
C PHE C 148 -31.60 -9.11 -2.83
N LEU C 149 -30.89 -8.76 -3.91
CA LEU C 149 -31.05 -7.44 -4.53
C LEU C 149 -31.03 -7.51 -6.04
N ARG C 150 -31.51 -6.45 -6.71
CA ARG C 150 -31.50 -6.40 -8.18
C ARG C 150 -30.76 -5.16 -8.70
N ASP C 151 -30.03 -4.49 -7.82
CA ASP C 151 -29.25 -3.33 -8.25
C ASP C 151 -27.98 -3.19 -7.42
N GLY C 152 -26.85 -3.14 -8.10
CA GLY C 152 -25.55 -3.06 -7.43
C GLY C 152 -25.40 -1.84 -6.56
N MET C 153 -26.18 -0.79 -6.82
CA MET C 153 -26.14 0.42 -6.00
C MET C 153 -26.40 0.11 -4.54
N LYS C 154 -27.19 -0.95 -4.31
CA LYS C 154 -27.61 -1.31 -2.97
C LYS C 154 -26.70 -2.34 -2.28
N PHE C 155 -25.72 -2.88 -3.00
CA PHE C 155 -24.89 -3.95 -2.42
C PHE C 155 -24.08 -3.55 -1.16
N PRO C 156 -23.44 -2.36 -1.14
CA PRO C 156 -22.77 -2.04 0.12
C PRO C 156 -23.73 -1.81 1.29
N ASP C 157 -24.97 -1.37 1.01
CA ASP C 157 -25.95 -1.19 2.08
C ASP C 157 -26.28 -2.54 2.71
N PHE C 158 -26.55 -3.54 1.89
CA PHE C 158 -26.82 -4.87 2.38
C PHE C 158 -25.64 -5.43 3.17
N ILE C 159 -24.44 -5.32 2.61
CA ILE C 159 -23.27 -5.92 3.27
C ILE C 159 -22.94 -5.20 4.57
N HIS C 160 -22.91 -3.75 4.60
CA HIS C 160 -22.80 -3.18 5.95
C HIS C 160 -23.87 -3.76 6.88
N SER C 161 -25.11 -3.88 6.51
CA SER C 161 -26.16 -4.28 7.44
C SER C 161 -25.93 -5.69 7.99
N GLN C 162 -25.17 -6.49 7.24
CA GLN C 162 -24.85 -7.87 7.64
C GLN C 162 -23.61 -7.95 8.52
N LYS C 163 -22.84 -6.85 8.57
CA LYS C 163 -21.59 -6.83 9.33
C LYS C 163 -21.76 -6.07 10.65
N ARG C 164 -20.79 -5.26 11.05
CA ARG C 164 -20.83 -4.70 12.39
C ARG C 164 -21.21 -3.23 12.45
N LEU C 165 -21.97 -2.86 13.49
CA LEU C 165 -22.29 -1.47 13.79
C LEU C 165 -21.03 -0.63 13.93
N ASN C 166 -21.07 0.60 13.45
CA ASN C 166 -19.91 1.47 13.51
C ASN C 166 -19.47 1.81 14.93
N LYS C 167 -20.42 1.87 15.87
CA LYS C 167 -20.05 2.37 17.19
C LYS C 167 -19.27 1.37 18.05
N ASN C 168 -19.65 0.09 17.98
CA ASN C 168 -19.15 -0.87 18.97
C ASN C 168 -18.64 -2.20 18.40
N GLY C 169 -18.64 -2.34 17.08
CA GLY C 169 -18.13 -3.55 16.45
C GLY C 169 -18.95 -4.80 16.71
N LEU C 170 -20.26 -4.63 16.92
CA LEU C 170 -21.13 -5.78 17.14
C LEU C 170 -22.05 -5.96 15.93
N ARG C 171 -22.26 -7.21 15.51
CA ARG C 171 -23.29 -7.48 14.50
C ARG C 171 -24.61 -7.24 15.19
N ASP C 172 -25.70 -7.06 14.44
CA ASP C 172 -26.92 -6.53 15.02
C ASP C 172 -28.19 -6.97 14.29
N ALA C 173 -29.05 -7.72 14.99
CA ALA C 173 -30.29 -8.22 14.41
C ALA C 173 -31.18 -7.09 13.89
N ASP C 174 -31.34 -6.02 14.68
CA ASP C 174 -32.21 -4.93 14.26
C ASP C 174 -31.78 -4.35 12.91
N MET C 175 -30.47 -4.13 12.78
CA MET C 175 -29.91 -3.61 11.53
C MET C 175 -30.23 -4.55 10.35
N GLN C 176 -30.02 -5.85 10.54
CA GLN C 176 -30.26 -6.80 9.46
C GLN C 176 -31.72 -6.78 8.99
N TRP C 177 -32.66 -6.75 9.94
CA TRP C 177 -34.08 -6.79 9.59
C TRP C 177 -34.61 -5.43 9.15
N ASP C 178 -34.05 -4.36 9.69
CA ASP C 178 -34.46 -3.01 9.27
C ASP C 178 -34.12 -2.88 7.80
N PHE C 179 -32.91 -3.28 7.42
CA PHE C 179 -32.58 -3.23 6.00
C PHE C 179 -33.43 -4.19 5.17
N TRP C 180 -33.55 -5.45 5.59
CA TRP C 180 -34.27 -6.44 4.79
C TRP C 180 -35.72 -6.03 4.52
N THR C 181 -36.39 -5.50 5.55
CA THR C 181 -37.80 -5.15 5.41
C THR C 181 -38.01 -3.85 4.64
N ARG C 182 -37.03 -2.96 4.64
CA ARG C 182 -37.15 -1.73 3.87
C ARG C 182 -36.63 -1.92 2.43
N ALA C 183 -36.01 -3.07 2.19
CA ALA C 183 -35.65 -3.46 0.83
C ALA C 183 -36.32 -4.79 0.52
N PRO C 184 -37.65 -4.77 0.32
CA PRO C 184 -38.44 -5.99 0.25
C PRO C 184 -38.10 -6.86 -0.96
N GLU C 185 -37.32 -6.36 -1.92
CA GLU C 185 -36.84 -7.24 -2.98
C GLU C 185 -36.03 -8.39 -2.39
N SER C 186 -35.57 -8.21 -1.14
CA SER C 186 -34.79 -9.24 -0.43
C SER C 186 -35.58 -10.51 -0.09
N ALA C 187 -36.90 -10.46 -0.18
CA ALA C 187 -37.74 -11.53 0.38
C ALA C 187 -37.44 -12.92 -0.20
N HIS C 188 -37.18 -12.99 -1.50
CA HIS C 188 -36.96 -14.31 -2.10
C HIS C 188 -35.76 -15.01 -1.45
N GLN C 189 -34.63 -14.31 -1.38
CA GLN C 189 -33.41 -14.91 -0.84
C GLN C 189 -33.43 -15.04 0.68
N VAL C 190 -34.07 -14.10 1.37
CA VAL C 190 -34.19 -14.23 2.83
C VAL C 190 -34.97 -15.50 3.17
N THR C 191 -36.02 -15.79 2.41
CA THR C 191 -36.80 -17.01 2.64
C THR C 191 -35.93 -18.25 2.43
N TYR C 192 -35.09 -18.22 1.40
CA TYR C 192 -34.15 -19.31 1.11
C TYR C 192 -33.12 -19.42 2.22
N LEU C 193 -32.55 -18.27 2.62
CA LEU C 193 -31.52 -18.21 3.67
C LEU C 193 -32.02 -18.73 5.01
N MET C 194 -33.29 -18.49 5.31
CA MET C 194 -33.82 -18.81 6.62
C MET C 194 -34.35 -20.24 6.69
N GLY C 195 -34.37 -20.93 5.55
CA GLY C 195 -34.76 -22.33 5.52
C GLY C 195 -33.60 -23.24 5.86
N ASP C 196 -33.76 -24.55 5.62
CA ASP C 196 -32.70 -25.52 5.92
C ASP C 196 -31.38 -25.17 5.23
N ARG C 197 -31.47 -24.65 4.01
CA ARG C 197 -30.28 -24.44 3.19
C ARG C 197 -29.41 -23.26 3.65
N GLY C 198 -29.88 -22.55 4.67
CA GLY C 198 -29.05 -21.53 5.29
C GLY C 198 -27.94 -22.14 6.12
N THR C 199 -28.03 -23.45 6.38
CA THR C 199 -27.04 -24.14 7.20
C THR C 199 -26.64 -25.50 6.64
N PRO C 200 -26.02 -25.52 5.45
CA PRO C 200 -25.55 -26.81 4.92
C PRO C 200 -24.42 -27.30 5.79
N LYS C 201 -24.29 -28.61 5.96
CA LYS C 201 -23.26 -29.14 6.86
C LYS C 201 -21.86 -28.90 6.35
N THR C 202 -21.68 -29.06 5.03
CA THR C 202 -20.36 -28.98 4.42
C THR C 202 -20.42 -28.25 3.09
N SER C 203 -19.25 -28.02 2.50
CA SER C 203 -19.20 -27.42 1.18
C SER C 203 -19.56 -28.46 0.12
N ARG C 204 -19.45 -29.74 0.48
CA ARG C 204 -19.68 -30.82 -0.48
C ARG C 204 -21.17 -31.14 -0.62
N HIS C 205 -21.95 -30.78 0.41
CA HIS C 205 -23.36 -31.17 0.46
C HIS C 205 -24.28 -29.99 0.21
N GLN C 206 -24.02 -29.29 -0.89
CA GLN C 206 -24.83 -28.15 -1.32
C GLN C 206 -24.66 -28.03 -2.81
N ASP C 207 -25.68 -27.49 -3.49
CA ASP C 207 -25.57 -27.15 -4.90
C ASP C 207 -24.80 -25.84 -5.04
N GLY C 208 -24.34 -25.56 -6.27
CA GLY C 208 -23.87 -24.24 -6.63
C GLY C 208 -24.68 -23.71 -7.78
N PHE C 209 -24.73 -22.39 -7.94
CA PHE C 209 -25.48 -21.76 -9.02
C PHE C 209 -24.73 -20.56 -9.51
N GLY C 210 -24.88 -20.23 -10.79
CA GLY C 210 -24.33 -18.98 -11.31
C GLY C 210 -25.23 -17.84 -10.88
N SER C 211 -26.47 -18.18 -10.53
CA SER C 211 -27.51 -17.24 -10.09
C SER C 211 -28.02 -16.31 -11.19
N HIS C 212 -27.13 -15.50 -11.75
CA HIS C 212 -27.48 -14.60 -12.85
C HIS C 212 -27.79 -15.35 -14.14
N THR C 213 -28.65 -14.72 -14.95
CA THR C 213 -28.72 -15.05 -16.36
C THR C 213 -27.44 -14.60 -17.05
N PHE C 214 -26.83 -15.52 -17.80
CA PHE C 214 -25.70 -15.20 -18.65
C PHE C 214 -26.12 -15.48 -20.07
N GLN C 215 -25.19 -15.30 -21.01
CA GLN C 215 -25.46 -15.59 -22.41
C GLN C 215 -24.48 -16.62 -22.95
N TRP C 216 -24.96 -17.51 -23.82
CA TRP C 216 -24.10 -18.41 -24.57
C TRP C 216 -24.25 -18.01 -26.03
N ILE C 217 -23.14 -18.04 -26.78
CA ILE C 217 -23.18 -17.71 -28.21
C ILE C 217 -22.46 -18.81 -28.98
N ASN C 218 -23.09 -19.30 -30.04
CA ASN C 218 -22.48 -20.40 -30.81
C ASN C 218 -21.55 -19.92 -31.91
N ALA C 219 -20.94 -20.86 -32.64
CA ALA C 219 -19.96 -20.52 -33.67
C ALA C 219 -20.50 -19.56 -34.73
N GLU C 220 -21.82 -19.57 -34.93
CA GLU C 220 -22.45 -18.74 -35.94
C GLU C 220 -22.96 -17.42 -35.38
N GLY C 221 -22.70 -17.17 -34.09
CA GLY C 221 -23.05 -15.88 -33.50
C GLY C 221 -24.44 -15.77 -32.91
N LYS C 222 -25.14 -16.89 -32.84
CA LYS C 222 -26.51 -16.90 -32.32
C LYS C 222 -26.51 -17.02 -30.79
N PRO C 223 -27.26 -16.13 -30.10
CA PRO C 223 -27.24 -16.11 -28.64
C PRO C 223 -28.42 -16.85 -27.98
N VAL C 224 -28.18 -17.45 -26.83
CA VAL C 224 -29.27 -17.91 -25.97
C VAL C 224 -29.00 -17.44 -24.54
N TRP C 225 -30.04 -17.30 -23.73
CA TRP C 225 -29.83 -16.97 -22.31
C TRP C 225 -29.70 -18.25 -21.53
N VAL C 226 -28.80 -18.27 -20.55
CA VAL C 226 -28.55 -19.48 -19.78
C VAL C 226 -28.41 -19.17 -18.30
N LYS C 227 -28.72 -20.17 -17.46
CA LYS C 227 -28.41 -20.13 -16.04
C LYS C 227 -27.68 -21.41 -15.68
N TYR C 228 -26.63 -21.28 -14.87
CA TYR C 228 -25.85 -22.44 -14.43
C TYR C 228 -26.38 -23.07 -13.15
N HIS C 229 -26.41 -24.29 -13.01
CA HIS C 229 -26.77 -25.15 -11.90
C HIS C 229 -25.72 -26.25 -11.78
N PHE C 230 -25.10 -26.24 -10.57
CA PHE C 230 -24.17 -27.32 -10.25
C PHE C 230 -24.80 -28.21 -9.18
N LYS C 231 -25.21 -29.41 -9.58
CA LYS C 231 -26.01 -30.25 -8.68
C LYS C 231 -25.12 -31.24 -7.98
N THR C 232 -25.10 -31.16 -6.66
CA THR C 232 -24.18 -31.97 -5.86
C THR C 232 -24.51 -33.45 -5.91
N ARG C 233 -23.51 -34.26 -6.22
CA ARG C 233 -23.69 -35.72 -6.17
C ARG C 233 -23.70 -36.23 -4.74
N GLN C 234 -23.22 -35.42 -3.80
CA GLN C 234 -23.23 -35.81 -2.40
C GLN C 234 -24.61 -35.52 -1.80
N GLY C 235 -25.37 -34.66 -2.46
CA GLY C 235 -26.71 -34.29 -2.03
C GLY C 235 -26.74 -33.22 -0.96
N TRP C 236 -27.82 -32.44 -0.92
CA TRP C 236 -28.01 -31.47 0.16
C TRP C 236 -28.08 -32.17 1.50
N ASP C 237 -27.41 -31.61 2.50
CA ASP C 237 -27.46 -32.13 3.86
C ASP C 237 -27.25 -30.94 4.78
N CYS C 238 -28.27 -30.62 5.57
CA CYS C 238 -28.24 -29.39 6.37
C CYS C 238 -28.34 -29.63 7.87
N PHE C 239 -27.66 -28.79 8.64
CA PHE C 239 -27.85 -28.75 10.08
C PHE C 239 -29.18 -28.10 10.40
N THR C 240 -29.70 -28.35 11.60
CA THR C 240 -30.77 -27.49 12.11
C THR C 240 -30.12 -26.19 12.58
N ASP C 241 -30.93 -25.18 12.90
CA ASP C 241 -30.41 -23.92 13.43
C ASP C 241 -29.51 -24.18 14.65
N ALA C 242 -30.02 -24.99 15.58
CA ALA C 242 -29.31 -25.28 16.83
C ALA C 242 -28.01 -26.05 16.59
N GLU C 243 -28.06 -27.01 15.66
CA GLU C 243 -26.89 -27.83 15.33
C GLU C 243 -25.75 -26.99 14.74
N ALA C 244 -26.09 -26.09 13.82
CA ALA C 244 -25.09 -25.26 13.17
C ALA C 244 -24.42 -24.33 14.17
N ALA C 245 -25.22 -23.82 15.10
CA ALA C 245 -24.69 -22.93 16.13
C ALA C 245 -23.76 -23.69 17.07
N LYS C 246 -24.10 -24.95 17.35
CA LYS C 246 -23.25 -25.77 18.21
C LYS C 246 -21.89 -26.09 17.53
N VAL C 247 -21.93 -26.49 16.27
CA VAL C 247 -20.73 -26.81 15.50
C VAL C 247 -19.86 -25.57 15.33
N ALA C 248 -20.50 -24.42 15.16
CA ALA C 248 -19.80 -23.15 15.05
C ALA C 248 -18.82 -22.93 16.20
N GLY C 249 -19.22 -23.33 17.40
CA GLY C 249 -18.33 -23.22 18.55
C GLY C 249 -17.38 -24.39 18.70
N GLU C 250 -17.77 -25.57 18.23
CA GLU C 250 -16.93 -26.77 18.37
C GLU C 250 -15.78 -26.74 17.38
N ASN C 251 -16.09 -26.35 16.13
CA ASN C 251 -15.08 -26.23 15.09
C ASN C 251 -15.43 -25.09 14.15
N ALA C 252 -14.78 -23.94 14.34
CA ALA C 252 -15.05 -22.77 13.50
C ALA C 252 -14.70 -23.06 12.05
N ASP C 253 -13.84 -24.05 11.85
CA ASP C 253 -13.37 -24.43 10.51
C ASP C 253 -13.92 -25.79 10.08
N TYR C 254 -15.12 -26.11 10.54
CA TYR C 254 -15.76 -27.38 10.22
C TYR C 254 -15.74 -27.73 8.73
N GLN C 255 -16.13 -26.79 7.88
CA GLN C 255 -16.24 -27.06 6.44
C GLN C 255 -14.88 -27.03 5.76
N ARG C 256 -14.00 -26.14 6.23
CA ARG C 256 -12.63 -26.10 5.71
C ARG C 256 -11.97 -27.45 6.00
N GLU C 257 -12.08 -27.92 7.24
CA GLU C 257 -11.50 -29.21 7.60
C GLU C 257 -12.17 -30.38 6.86
N ASP C 258 -13.49 -30.33 6.71
CA ASP C 258 -14.21 -31.41 6.03
C ASP C 258 -13.70 -31.60 4.60
N LEU C 259 -13.58 -30.48 3.87
CA LEU C 259 -13.14 -30.55 2.47
C LEU C 259 -11.71 -31.07 2.33
N TYR C 260 -10.81 -30.58 3.18
CA TYR C 260 -9.42 -31.01 3.11
C TYR C 260 -9.32 -32.50 3.40
N ASN C 261 -10.05 -32.95 4.43
CA ASN C 261 -10.05 -34.36 4.82
C ASN C 261 -10.63 -35.27 3.73
N ALA C 262 -11.74 -34.84 3.12
CA ALA C 262 -12.37 -35.65 2.07
C ALA C 262 -11.40 -35.90 0.94
N ILE C 263 -10.69 -34.85 0.55
CA ILE C 263 -9.78 -34.96 -0.59
C ILE C 263 -8.53 -35.77 -0.21
N GLU C 264 -8.00 -35.55 0.99
CA GLU C 264 -6.89 -36.37 1.49
C GLU C 264 -7.23 -37.86 1.51
N ASN C 265 -8.46 -38.18 1.87
CA ASN C 265 -8.90 -39.57 1.97
C ASN C 265 -9.36 -40.16 0.64
N GLY C 266 -9.30 -39.35 -0.42
CA GLY C 266 -9.69 -39.81 -1.75
C GLY C 266 -11.19 -39.81 -2.00
N ASP C 267 -11.96 -39.29 -1.05
CA ASP C 267 -13.39 -39.12 -1.24
C ASP C 267 -13.67 -37.83 -2.01
N PHE C 268 -13.40 -37.84 -3.32
CA PHE C 268 -13.48 -36.63 -4.15
C PHE C 268 -14.93 -36.20 -4.41
N PRO C 269 -15.31 -34.99 -3.97
CA PRO C 269 -16.69 -34.55 -4.21
C PRO C 269 -16.92 -34.19 -5.67
N ILE C 270 -18.13 -34.44 -6.17
CA ILE C 270 -18.48 -34.26 -7.58
C ILE C 270 -19.78 -33.47 -7.69
N TRP C 271 -19.87 -32.59 -8.70
CA TRP C 271 -21.12 -31.90 -9.01
C TRP C 271 -21.44 -32.13 -10.48
N ASP C 272 -22.71 -32.37 -10.78
CA ASP C 272 -23.13 -32.44 -12.17
C ASP C 272 -23.42 -31.04 -12.67
N VAL C 273 -22.82 -30.68 -13.81
CA VAL C 273 -22.97 -29.35 -14.38
C VAL C 273 -24.12 -29.32 -15.39
N LYS C 274 -25.14 -28.50 -15.10
CA LYS C 274 -26.31 -28.40 -15.96
C LYS C 274 -26.67 -26.94 -16.21
N VAL C 275 -27.42 -26.68 -17.28
CA VAL C 275 -27.91 -25.33 -17.53
C VAL C 275 -29.40 -25.30 -17.82
N GLN C 276 -30.01 -24.15 -17.58
CA GLN C 276 -31.29 -23.85 -18.17
C GLN C 276 -31.00 -23.02 -19.41
N ILE C 277 -31.73 -23.28 -20.49
CA ILE C 277 -31.50 -22.52 -21.72
C ILE C 277 -32.79 -21.84 -22.18
N MET C 278 -32.78 -20.52 -22.20
CA MET C 278 -33.95 -19.76 -22.62
C MET C 278 -33.67 -19.15 -23.98
N PRO C 279 -34.48 -19.50 -24.99
CA PRO C 279 -34.29 -18.92 -26.31
C PRO C 279 -34.37 -17.39 -26.23
N PHE C 280 -33.55 -16.71 -27.03
CA PHE C 280 -33.47 -15.25 -27.01
C PHE C 280 -34.85 -14.64 -27.20
N GLU C 281 -35.67 -15.28 -28.02
CA GLU C 281 -36.99 -14.73 -28.34
C GLU C 281 -38.02 -14.92 -27.21
N ASP C 282 -37.69 -15.77 -26.22
CA ASP C 282 -38.58 -16.03 -25.09
C ASP C 282 -38.54 -14.92 -24.03
N ALA C 283 -37.47 -14.14 -24.02
CA ALA C 283 -37.20 -13.21 -22.93
C ALA C 283 -38.31 -12.20 -22.62
N GLU C 284 -38.76 -11.46 -23.64
CA GLU C 284 -39.70 -10.37 -23.41
C GLU C 284 -41.04 -10.81 -22.81
N ASN C 285 -41.48 -12.02 -23.14
CA ASN C 285 -42.80 -12.43 -22.70
C ASN C 285 -42.85 -13.46 -21.58
N TYR C 286 -41.69 -13.79 -21.00
CA TYR C 286 -41.66 -14.72 -19.87
C TYR C 286 -42.44 -14.09 -18.72
N ARG C 287 -43.09 -14.93 -17.90
CA ARG C 287 -43.96 -14.40 -16.84
C ARG C 287 -43.20 -13.53 -15.83
N TRP C 288 -41.88 -13.76 -15.72
CA TRP C 288 -41.04 -12.94 -14.85
C TRP C 288 -39.93 -12.30 -15.67
N ASN C 289 -39.43 -11.15 -15.20
CA ASN C 289 -38.25 -10.56 -15.85
C ASN C 289 -37.10 -11.54 -15.74
N PRO C 290 -36.55 -11.95 -16.89
CA PRO C 290 -35.53 -13.01 -16.95
C PRO C 290 -34.14 -12.52 -16.54
N PHE C 291 -34.02 -11.19 -16.36
CA PHE C 291 -32.74 -10.57 -16.02
C PHE C 291 -32.72 -10.03 -14.58
N ASP C 292 -33.83 -10.22 -13.86
CA ASP C 292 -33.93 -9.79 -12.47
C ASP C 292 -33.39 -10.91 -11.60
N LEU C 293 -32.23 -10.66 -10.97
CA LEU C 293 -31.58 -11.65 -10.10
C LEU C 293 -32.49 -12.24 -9.01
N THR C 294 -33.48 -11.48 -8.56
CA THR C 294 -34.37 -11.95 -7.48
C THR C 294 -35.47 -12.86 -8.02
N LYS C 295 -35.43 -13.12 -9.32
CA LYS C 295 -36.37 -14.03 -9.98
C LYS C 295 -35.65 -15.26 -10.53
N THR C 296 -36.04 -16.46 -10.08
CA THR C 296 -35.57 -17.68 -10.72
C THR C 296 -36.41 -18.01 -11.95
N TRP C 297 -35.85 -18.80 -12.87
CA TRP C 297 -36.62 -19.35 -14.00
C TRP C 297 -37.17 -20.68 -13.52
N SER C 298 -38.48 -20.88 -13.66
CA SER C 298 -39.07 -22.16 -13.24
C SER C 298 -38.49 -23.31 -14.04
N GLN C 299 -38.16 -24.40 -13.35
CA GLN C 299 -37.62 -25.59 -14.03
CA GLN C 299 -37.62 -25.59 -14.03
C GLN C 299 -38.74 -26.34 -14.75
N LYS C 300 -39.98 -25.93 -14.53
CA LYS C 300 -41.09 -26.47 -15.31
C LYS C 300 -41.09 -25.79 -16.67
N ASP C 301 -40.68 -24.52 -16.70
CA ASP C 301 -40.61 -23.78 -17.94
C ASP C 301 -39.31 -24.09 -18.67
N TYR C 302 -38.22 -24.20 -17.90
CA TYR C 302 -36.90 -24.45 -18.46
C TYR C 302 -36.16 -25.49 -17.62
N PRO C 303 -36.30 -26.76 -18.00
CA PRO C 303 -35.67 -27.85 -17.25
C PRO C 303 -34.16 -27.83 -17.40
N LEU C 304 -33.49 -28.48 -16.47
CA LEU C 304 -32.04 -28.60 -16.50
C LEU C 304 -31.57 -29.46 -17.65
N ILE C 305 -30.59 -28.96 -18.39
CA ILE C 305 -29.99 -29.68 -19.49
C ILE C 305 -28.56 -30.03 -19.10
N PRO C 306 -28.21 -31.32 -19.16
CA PRO C 306 -26.88 -31.74 -18.67
C PRO C 306 -25.75 -31.28 -19.58
N VAL C 307 -24.60 -30.98 -19.00
CA VAL C 307 -23.42 -30.55 -19.76
C VAL C 307 -22.22 -31.45 -19.45
N GLY C 308 -21.98 -31.68 -18.16
CA GLY C 308 -20.89 -32.53 -17.73
C GLY C 308 -20.86 -32.62 -16.22
N TYR C 309 -19.65 -32.82 -15.67
CA TYR C 309 -19.47 -32.84 -14.23
C TYR C 309 -18.11 -32.24 -13.90
N PHE C 310 -17.94 -31.78 -12.67
CA PHE C 310 -16.61 -31.44 -12.21
C PHE C 310 -16.28 -32.15 -10.90
N ILE C 311 -15.00 -32.44 -10.70
CA ILE C 311 -14.58 -33.19 -9.53
C ILE C 311 -13.45 -32.42 -8.83
N LEU C 312 -13.41 -32.46 -7.50
CA LEU C 312 -12.34 -31.81 -6.75
C LEU C 312 -11.39 -32.89 -6.23
N ASN C 313 -10.17 -32.94 -6.76
CA ASN C 313 -9.27 -34.05 -6.44
C ASN C 313 -7.88 -33.60 -5.98
N ARG C 314 -7.74 -32.30 -5.71
CA ARG C 314 -6.45 -31.74 -5.31
C ARG C 314 -6.60 -30.67 -4.22
N ASN C 315 -5.94 -30.89 -3.10
CA ASN C 315 -5.86 -29.87 -2.06
C ASN C 315 -4.78 -28.86 -2.45
N PRO C 316 -4.91 -27.61 -1.97
CA PRO C 316 -3.86 -26.63 -2.24
C PRO C 316 -2.54 -27.09 -1.62
N ARG C 317 -1.40 -26.68 -2.20
CA ARG C 317 -0.09 -26.94 -1.59
C ARG C 317 0.15 -25.97 -0.43
N ASN C 318 -0.29 -24.73 -0.63
CA ASN C 318 -0.15 -23.69 0.38
C ASN C 318 -1.43 -22.86 0.38
N PHE C 319 -2.14 -22.87 1.52
CA PHE C 319 -3.46 -22.24 1.62
C PHE C 319 -3.40 -20.73 1.33
N PHE C 320 -2.51 -20.00 1.98
CA PHE C 320 -2.45 -18.56 1.75
C PHE C 320 -2.08 -18.23 0.31
N ALA C 321 -1.07 -18.91 -0.22
CA ALA C 321 -0.55 -18.55 -1.54
C ALA C 321 -1.58 -18.79 -2.64
N GLN C 322 -2.34 -19.87 -2.50
CA GLN C 322 -3.20 -20.34 -3.58
C GLN C 322 -4.69 -20.12 -3.36
N ILE C 323 -5.10 -19.98 -2.12
CA ILE C 323 -6.51 -19.74 -1.84
C ILE C 323 -6.78 -18.29 -1.38
N GLU C 324 -6.10 -17.83 -0.32
CA GLU C 324 -6.30 -16.44 0.11
C GLU C 324 -6.00 -15.48 -1.03
N GLN C 325 -4.96 -15.80 -1.81
CA GLN C 325 -4.54 -14.94 -2.92
C GLN C 325 -5.23 -15.20 -4.26
N ILE C 326 -6.11 -16.20 -4.34
CA ILE C 326 -6.81 -16.39 -5.60
C ILE C 326 -7.72 -15.17 -5.82
N ALA C 327 -7.88 -14.78 -7.08
CA ALA C 327 -8.65 -13.59 -7.42
C ALA C 327 -9.75 -14.01 -8.38
N LEU C 328 -10.84 -14.50 -7.81
CA LEU C 328 -11.96 -14.98 -8.61
C LEU C 328 -12.82 -13.80 -9.02
N ASP C 329 -13.32 -13.82 -10.24
CA ASP C 329 -13.87 -12.61 -10.86
C ASP C 329 -14.87 -12.97 -11.96
N PRO C 330 -16.16 -12.60 -11.78
CA PRO C 330 -17.17 -12.93 -12.81
C PRO C 330 -16.84 -12.25 -14.15
N GLY C 331 -15.98 -11.24 -14.12
CA GLY C 331 -15.55 -10.55 -15.33
C GLY C 331 -14.56 -11.36 -16.15
N ASN C 332 -14.06 -12.45 -15.55
CA ASN C 332 -13.24 -13.38 -16.32
C ASN C 332 -14.12 -14.26 -17.22
N ILE C 333 -14.60 -13.66 -18.32
CA ILE C 333 -15.34 -14.43 -19.33
C ILE C 333 -14.45 -14.75 -20.54
N VAL C 334 -14.96 -15.60 -21.42
CA VAL C 334 -14.16 -16.14 -22.55
C VAL C 334 -15.08 -16.17 -23.77
N PRO C 335 -14.51 -16.32 -24.99
CA PRO C 335 -15.40 -16.42 -26.16
C PRO C 335 -16.49 -17.50 -25.99
N GLY C 336 -17.72 -17.18 -26.37
CA GLY C 336 -18.82 -18.13 -26.28
C GLY C 336 -19.71 -17.88 -25.08
N VAL C 337 -19.28 -16.96 -24.22
CA VAL C 337 -20.00 -16.60 -23.01
C VAL C 337 -20.16 -15.08 -22.95
N GLY C 338 -21.36 -14.61 -22.61
CA GLY C 338 -21.61 -13.18 -22.49
C GLY C 338 -22.38 -12.83 -21.22
N LEU C 339 -22.64 -11.54 -21.03
CA LEU C 339 -23.36 -11.04 -19.86
C LEU C 339 -24.86 -10.93 -20.13
N SER C 340 -25.54 -10.09 -19.37
CA SER C 340 -26.97 -9.85 -19.57
C SER C 340 -27.29 -8.51 -18.91
N PRO C 341 -28.49 -7.95 -19.19
CA PRO C 341 -28.93 -6.71 -18.53
C PRO C 341 -29.36 -6.94 -17.09
N ASP C 342 -28.60 -7.74 -16.34
CA ASP C 342 -28.79 -7.89 -14.90
C ASP C 342 -27.86 -6.84 -14.24
N ARG C 343 -28.43 -5.85 -13.56
CA ARG C 343 -27.63 -4.73 -13.06
C ARG C 343 -26.68 -5.14 -11.94
N MET C 344 -27.04 -6.19 -11.21
CA MET C 344 -26.15 -6.74 -10.18
C MET C 344 -24.92 -7.32 -10.87
N LEU C 345 -25.14 -8.10 -11.91
CA LEU C 345 -24.05 -8.70 -12.65
C LEU C 345 -23.14 -7.62 -13.23
N GLN C 346 -23.73 -6.61 -13.86
CA GLN C 346 -22.93 -5.56 -14.48
C GLN C 346 -22.07 -4.78 -13.45
N ALA C 347 -22.59 -4.59 -12.23
CA ALA C 347 -21.77 -3.96 -11.19
C ALA C 347 -20.63 -4.88 -10.76
N ARG C 348 -20.90 -6.19 -10.67
CA ARG C 348 -19.86 -7.16 -10.28
C ARG C 348 -18.73 -7.21 -11.29
N ILE C 349 -19.05 -7.02 -12.58
CA ILE C 349 -18.02 -7.05 -13.63
C ILE C 349 -16.93 -6.00 -13.36
N PHE C 350 -17.33 -4.88 -12.76
CA PHE C 350 -16.34 -3.89 -12.33
C PHE C 350 -15.69 -4.21 -10.98
N ALA C 351 -16.51 -4.61 -10.01
CA ALA C 351 -16.14 -4.58 -8.59
C ALA C 351 -15.01 -5.52 -8.15
N TYR C 352 -14.92 -6.71 -8.76
CA TYR C 352 -13.98 -7.70 -8.21
C TYR C 352 -12.53 -7.34 -8.50
N ALA C 353 -12.22 -7.08 -9.77
CA ALA C 353 -10.86 -6.69 -10.14
C ALA C 353 -10.50 -5.40 -9.41
N ASP C 354 -11.47 -4.51 -9.21
CA ASP C 354 -11.23 -3.29 -8.44
C ASP C 354 -10.72 -3.59 -7.02
N GLN C 355 -11.44 -4.43 -6.28
CA GLN C 355 -10.99 -4.81 -4.94
C GLN C 355 -9.66 -5.58 -4.99
N GLN C 356 -9.51 -6.44 -5.98
CA GLN C 356 -8.30 -7.27 -6.06
C GLN C 356 -7.02 -6.46 -6.30
N ARG C 357 -7.13 -5.40 -7.10
CA ARG C 357 -6.01 -4.50 -7.31
C ARG C 357 -5.52 -3.91 -5.99
N TYR C 358 -6.43 -3.74 -5.04
CA TYR C 358 -6.12 -3.20 -3.72
C TYR C 358 -5.76 -4.32 -2.72
N ARG C 359 -6.61 -5.34 -2.65
CA ARG C 359 -6.48 -6.41 -1.66
C ARG C 359 -5.19 -7.19 -1.84
N ILE C 360 -4.80 -7.37 -3.10
CA ILE C 360 -3.60 -8.15 -3.41
C ILE C 360 -2.50 -7.22 -3.93
N GLY C 361 -2.78 -6.50 -5.01
CA GLY C 361 -1.80 -5.60 -5.60
C GLY C 361 -2.09 -5.40 -7.08
N ALA C 362 -1.55 -4.35 -7.68
CA ALA C 362 -1.77 -4.06 -9.09
C ALA C 362 -1.44 -5.25 -9.99
N ASN C 363 -0.42 -6.03 -9.60
CA ASN C 363 0.01 -7.17 -10.42
C ASN C 363 -0.48 -8.53 -9.94
N TYR C 364 -1.64 -8.52 -9.29
CA TYR C 364 -2.24 -9.75 -8.76
C TYR C 364 -2.45 -10.85 -9.80
N ARG C 365 -2.64 -10.45 -11.05
CA ARG C 365 -2.89 -11.39 -12.15
C ARG C 365 -1.67 -12.26 -12.46
N ASP C 366 -0.49 -11.82 -12.04
CA ASP C 366 0.73 -12.54 -12.35
C ASP C 366 1.05 -13.64 -11.34
N LEU C 367 0.34 -13.66 -10.21
CA LEU C 367 0.53 -14.73 -9.23
C LEU C 367 0.16 -16.08 -9.84
N PRO C 368 0.91 -17.14 -9.47
CA PRO C 368 0.74 -18.49 -10.01
C PRO C 368 -0.72 -18.94 -10.18
N VAL C 369 -1.54 -18.79 -9.14
CA VAL C 369 -2.91 -19.29 -9.17
C VAL C 369 -3.82 -18.44 -10.07
N ASN C 370 -3.38 -17.23 -10.39
CA ASN C 370 -4.17 -16.31 -11.20
C ASN C 370 -3.79 -16.24 -12.68
N ARG C 371 -2.61 -16.76 -13.04
CA ARG C 371 -2.17 -16.79 -14.44
C ARG C 371 -2.94 -17.85 -15.22
N PRO C 372 -3.38 -17.52 -16.45
CA PRO C 372 -4.03 -18.57 -17.26
C PRO C 372 -3.00 -19.56 -17.80
N ILE C 373 -3.45 -20.60 -18.50
CA ILE C 373 -2.51 -21.59 -19.03
C ILE C 373 -1.87 -21.10 -20.33
N ASN C 374 -2.57 -20.23 -21.06
CA ASN C 374 -2.00 -19.62 -22.25
C ASN C 374 -1.21 -18.34 -21.94
N GLU C 375 -0.31 -17.95 -22.83
CA GLU C 375 0.46 -16.73 -22.63
C GLU C 375 -0.43 -15.50 -22.70
N VAL C 376 -0.24 -14.57 -21.76
CA VAL C 376 -0.92 -13.28 -21.82
C VAL C 376 -0.13 -12.35 -22.75
N ASN C 377 -0.83 -11.71 -23.68
CA ASN C 377 -0.22 -10.78 -24.62
C ASN C 377 -0.80 -9.40 -24.35
N THR C 378 -0.10 -8.60 -23.55
CA THR C 378 -0.64 -7.32 -23.10
C THR C 378 0.37 -6.19 -23.23
N TYR C 379 -0.15 -4.97 -23.38
CA TYR C 379 0.69 -3.78 -23.36
C TYR C 379 0.79 -3.16 -21.95
N SER C 380 0.08 -3.74 -20.99
CA SER C 380 0.20 -3.32 -19.59
C SER C 380 1.63 -3.61 -19.10
N ARG C 381 2.15 -2.74 -18.23
CA ARG C 381 3.52 -2.87 -17.79
C ARG C 381 3.67 -2.31 -16.38
N GLU C 382 4.85 -2.52 -15.80
CA GLU C 382 5.23 -1.89 -14.54
C GLU C 382 4.25 -2.18 -13.40
N GLY C 383 4.12 -1.27 -12.44
CA GLY C 383 3.33 -1.55 -11.24
C GLY C 383 4.12 -2.27 -10.16
N SER C 384 3.63 -2.22 -8.94
CA SER C 384 4.33 -2.82 -7.80
CA SER C 384 4.34 -2.82 -7.80
C SER C 384 4.54 -4.31 -7.99
N MET C 385 5.69 -4.79 -7.55
CA MET C 385 6.02 -6.21 -7.56
C MET C 385 5.79 -6.83 -8.94
N GLN C 386 6.36 -6.23 -9.98
CA GLN C 386 6.28 -6.82 -11.31
C GLN C 386 7.24 -7.99 -11.39
N TYR C 387 6.69 -9.21 -11.39
CA TYR C 387 7.52 -10.42 -11.47
CA TYR C 387 7.48 -10.44 -11.46
C TYR C 387 7.75 -10.78 -12.93
N ILE C 388 6.70 -10.67 -13.73
CA ILE C 388 6.73 -11.09 -15.13
C ILE C 388 6.79 -9.87 -16.05
N PHE C 389 7.65 -9.93 -17.06
CA PHE C 389 7.75 -8.83 -18.02
C PHE C 389 7.93 -9.34 -19.44
N ASP C 390 7.58 -8.50 -20.42
CA ASP C 390 7.62 -8.91 -21.82
C ASP C 390 9.05 -9.11 -22.32
N ALA C 391 9.15 -9.85 -23.44
CA ALA C 391 10.43 -10.09 -24.09
C ALA C 391 11.14 -8.77 -24.34
N GLU C 392 12.47 -8.79 -24.19
CA GLU C 392 13.27 -7.57 -24.29
C GLU C 392 12.95 -6.72 -25.53
N GLY C 393 12.60 -5.46 -25.32
CA GLY C 393 12.50 -4.51 -26.41
C GLY C 393 11.15 -4.46 -27.10
N GLU C 394 10.22 -5.32 -26.70
CA GLU C 394 8.90 -5.33 -27.31
C GLU C 394 8.17 -4.00 -27.05
N PRO C 395 7.34 -3.57 -28.02
CA PRO C 395 6.70 -2.24 -27.94
C PRO C 395 5.72 -2.14 -26.77
N SER C 396 5.50 -0.91 -26.30
CA SER C 396 4.65 -0.65 -25.13
C SER C 396 3.32 -0.06 -25.56
N TYR C 397 3.13 0.10 -26.87
CA TYR C 397 1.99 0.85 -27.39
C TYR C 397 1.51 0.18 -28.66
N SER C 398 0.21 0.28 -28.94
CA SER C 398 -0.30 -0.09 -30.25
C SER C 398 -1.24 1.01 -30.72
N PRO C 399 -1.36 1.22 -32.04
CA PRO C 399 -0.67 0.52 -33.15
C PRO C 399 0.83 0.80 -33.22
N ASN C 400 1.60 -0.20 -33.64
CA ASN C 400 3.04 -0.04 -33.80
C ASN C 400 3.54 -0.69 -35.08
N ARG C 401 4.83 -0.53 -35.36
CA ARG C 401 5.41 -1.01 -36.62
C ARG C 401 6.03 -2.38 -36.45
N TYR C 402 5.77 -3.01 -35.33
CA TYR C 402 6.31 -4.34 -35.05
C TYR C 402 5.20 -5.38 -35.11
N ASP C 403 5.35 -6.50 -34.39
CA ASP C 403 4.45 -7.63 -34.57
C ASP C 403 3.73 -8.15 -33.31
N LYS C 404 3.87 -7.46 -32.19
CA LYS C 404 3.20 -7.86 -30.95
C LYS C 404 1.68 -7.97 -31.13
N GLY C 405 1.12 -7.03 -31.89
CA GLY C 405 -0.28 -7.15 -32.30
C GLY C 405 -1.24 -6.25 -31.58
N ALA C 406 -2.52 -6.42 -31.90
CA ALA C 406 -3.58 -5.59 -31.33
C ALA C 406 -4.84 -6.44 -31.19
N GLY C 407 -6.02 -5.82 -31.17
CA GLY C 407 -7.24 -6.58 -31.00
C GLY C 407 -7.64 -7.38 -32.23
N TYR C 408 -8.41 -8.45 -32.05
CA TYR C 408 -8.84 -9.25 -33.20
C TYR C 408 -9.74 -8.48 -34.18
N LEU C 409 -10.32 -7.38 -33.71
CA LEU C 409 -11.14 -6.53 -34.58
C LEU C 409 -10.30 -5.51 -35.33
N ASP C 410 -9.11 -5.22 -34.80
CA ASP C 410 -8.21 -4.20 -35.34
C ASP C 410 -7.39 -4.77 -36.50
N ASN C 411 -6.74 -3.90 -37.26
CA ASN C 411 -5.89 -4.40 -38.36
C ASN C 411 -4.43 -4.61 -37.98
N GLY C 412 -4.07 -4.20 -36.77
CA GLY C 412 -2.70 -4.38 -36.29
C GLY C 412 -1.72 -3.33 -36.79
N THR C 413 -2.18 -2.40 -37.63
CA THR C 413 -1.25 -1.40 -38.17
C THR C 413 -1.65 0.04 -37.88
N ASP C 414 -2.94 0.29 -37.65
CA ASP C 414 -3.40 1.66 -37.34
C ASP C 414 -4.46 1.75 -36.23
N SER C 415 -4.89 2.98 -35.96
CA SER C 415 -5.77 3.30 -34.84
C SER C 415 -7.27 3.15 -35.14
N SER C 416 -7.61 2.53 -36.27
CA SER C 416 -9.00 2.39 -36.70
C SER C 416 -9.70 3.75 -36.83
N SER C 417 -8.99 4.76 -37.30
CA SER C 417 -9.64 6.04 -37.59
C SER C 417 -10.37 5.93 -38.93
N ASN C 418 -10.58 7.08 -39.58
CA ASN C 418 -11.34 7.12 -40.85
C ASN C 418 -12.71 6.48 -40.72
N HIS C 419 -13.14 6.69 -39.83
CA HIS C 419 -14.45 6.22 -39.39
C HIS C 419 -14.64 4.71 -39.50
N THR C 420 -13.90 3.95 -38.98
CA THR C 420 -13.99 2.49 -38.90
C THR C 420 -15.00 2.11 -37.81
N SER C 421 -15.95 1.22 -38.13
CA SER C 421 -16.90 0.69 -37.14
C SER C 421 -16.83 -0.83 -37.12
N TYR C 422 -17.08 -1.42 -35.95
CA TYR C 422 -16.97 -2.87 -35.79
C TYR C 422 -18.33 -3.55 -35.57
N GLY C 423 -19.35 -2.75 -35.25
CA GLY C 423 -20.69 -3.30 -35.05
C GLY C 423 -20.92 -3.84 -33.65
N GLN C 424 -21.92 -4.71 -33.52
CA GLN C 424 -22.43 -5.16 -32.23
C GLN C 424 -21.36 -5.87 -31.38
N ALA C 425 -21.24 -5.47 -30.12
CA ALA C 425 -20.26 -6.03 -29.20
C ALA C 425 -20.75 -7.33 -28.57
N ASP C 426 -20.89 -8.37 -29.39
CA ASP C 426 -21.44 -9.64 -28.92
C ASP C 426 -20.59 -10.31 -27.85
N ASP C 427 -19.28 -10.03 -27.85
CA ASP C 427 -18.36 -10.57 -26.84
C ASP C 427 -18.72 -10.08 -25.44
N ILE C 428 -19.44 -8.96 -25.36
CA ILE C 428 -19.96 -8.47 -24.09
C ILE C 428 -21.29 -9.19 -23.87
N TYR C 429 -22.26 -8.88 -24.74
CA TYR C 429 -23.45 -9.70 -24.95
C TYR C 429 -24.26 -9.16 -26.11
N VAL C 430 -25.00 -10.04 -26.77
CA VAL C 430 -25.96 -9.57 -27.77
C VAL C 430 -27.14 -9.02 -26.98
N ASN C 431 -27.35 -7.70 -27.03
CA ASN C 431 -28.34 -7.11 -26.16
C ASN C 431 -29.76 -7.27 -26.69
N PRO C 432 -30.75 -7.35 -25.79
CA PRO C 432 -32.15 -7.26 -26.20
C PRO C 432 -32.50 -5.79 -26.32
N ASP C 433 -33.76 -5.48 -26.59
CA ASP C 433 -34.25 -4.11 -26.68
C ASP C 433 -33.96 -3.40 -25.34
N PRO C 434 -33.35 -2.21 -25.39
CA PRO C 434 -33.09 -1.47 -24.15
C PRO C 434 -34.34 -0.80 -23.59
N HIS C 435 -35.41 -0.76 -24.39
CA HIS C 435 -36.69 -0.16 -24.00
C HIS C 435 -36.60 1.33 -23.73
N GLY C 436 -35.59 1.99 -24.29
CA GLY C 436 -35.46 3.42 -24.16
C GLY C 436 -34.21 3.92 -24.85
N THR C 437 -34.16 5.23 -25.11
CA THR C 437 -33.05 5.81 -25.84
C THR C 437 -32.22 6.77 -24.98
N ASP C 438 -32.58 6.89 -23.70
CA ASP C 438 -31.97 7.87 -22.80
C ASP C 438 -31.27 7.22 -21.60
N LEU C 439 -30.23 7.90 -21.09
CA LEU C 439 -29.67 7.52 -19.79
C LEU C 439 -30.75 7.77 -18.76
N VAL C 440 -31.09 6.75 -17.98
CA VAL C 440 -32.17 6.88 -17.00
C VAL C 440 -31.84 6.12 -15.72
N ARG C 441 -32.55 6.46 -14.66
CA ARG C 441 -32.66 5.59 -13.48
C ARG C 441 -34.10 5.09 -13.46
N ALA C 442 -34.29 3.82 -13.78
CA ALA C 442 -35.63 3.30 -14.05
C ALA C 442 -35.81 1.94 -13.44
N ALA C 443 -37.05 1.51 -13.28
CA ALA C 443 -37.34 0.12 -12.90
C ALA C 443 -36.96 -0.83 -14.02
N TYR C 444 -36.82 -2.12 -13.68
CA TYR C 444 -36.72 -3.16 -14.70
C TYR C 444 -38.03 -3.19 -15.47
N VAL C 445 -37.97 -3.65 -16.71
CA VAL C 445 -39.18 -3.88 -17.50
C VAL C 445 -40.12 -4.75 -16.70
N LYS C 446 -41.38 -4.32 -16.57
CA LYS C 446 -42.32 -5.05 -15.73
C LYS C 446 -43.02 -6.19 -16.46
N HIS C 447 -42.72 -7.42 -16.03
CA HIS C 447 -43.40 -8.60 -16.55
C HIS C 447 -44.61 -8.94 -15.69
N GLN C 448 -45.49 -9.79 -16.22
CA GLN C 448 -46.82 -9.97 -15.64
C GLN C 448 -46.82 -10.34 -14.16
N ASP C 449 -45.94 -11.25 -13.77
CA ASP C 449 -45.94 -11.74 -12.39
C ASP C 449 -44.80 -11.16 -11.52
N ASP C 450 -44.17 -10.09 -11.96
CA ASP C 450 -43.08 -9.47 -11.18
C ASP C 450 -43.59 -8.73 -9.95
N ASP C 451 -43.24 -9.25 -8.77
CA ASP C 451 -43.29 -8.48 -7.53
C ASP C 451 -42.19 -9.01 -6.61
N ASP C 452 -42.14 -8.55 -5.36
CA ASP C 452 -41.05 -8.96 -4.47
C ASP C 452 -41.34 -10.21 -3.66
N PHE C 453 -42.59 -10.68 -3.71
CA PHE C 453 -43.05 -11.73 -2.80
C PHE C 453 -43.57 -13.02 -3.43
N ILE C 454 -43.93 -12.99 -4.71
CA ILE C 454 -44.62 -14.15 -5.30
C ILE C 454 -43.77 -15.43 -5.31
N GLN C 455 -42.48 -15.29 -5.64
CA GLN C 455 -41.62 -16.48 -5.70
C GLN C 455 -41.34 -17.16 -4.35
N PRO C 456 -40.98 -16.38 -3.30
CA PRO C 456 -40.84 -17.09 -2.02
C PRO C 456 -42.19 -17.63 -1.50
N GLY C 457 -43.29 -16.96 -1.82
CA GLY C 457 -44.61 -17.49 -1.50
C GLY C 457 -44.88 -18.84 -2.15
N ILE C 458 -44.54 -18.96 -3.43
CA ILE C 458 -44.72 -20.21 -4.15
C ILE C 458 -43.88 -21.34 -3.54
N LEU C 459 -42.64 -21.00 -3.19
CA LEU C 459 -41.74 -21.94 -2.50
C LEU C 459 -42.44 -22.46 -1.25
N TYR C 460 -42.90 -21.53 -0.41
CA TYR C 460 -43.57 -21.91 0.83
C TYR C 460 -44.84 -22.72 0.62
N ARG C 461 -45.71 -22.26 -0.29
CA ARG C 461 -47.03 -22.87 -0.49
C ARG C 461 -47.01 -24.16 -1.32
N GLU C 462 -46.07 -24.27 -2.25
CA GLU C 462 -46.15 -25.35 -3.23
C GLU C 462 -44.97 -26.32 -3.19
N VAL C 463 -43.85 -25.90 -2.60
CA VAL C 463 -42.64 -26.72 -2.66
C VAL C 463 -42.21 -27.30 -1.30
N LEU C 464 -42.11 -26.43 -0.29
CA LEU C 464 -41.61 -26.86 1.02
C LEU C 464 -42.56 -27.87 1.64
N ASP C 465 -42.01 -28.91 2.28
CA ASP C 465 -42.85 -29.87 2.98
C ASP C 465 -43.21 -29.34 4.37
N GLU C 466 -43.97 -30.11 5.16
CA GLU C 466 -44.48 -29.58 6.42
C GLU C 466 -43.38 -29.28 7.44
N GLY C 467 -42.37 -30.15 7.50
CA GLY C 467 -41.25 -29.94 8.41
C GLY C 467 -40.43 -28.73 7.98
N GLU C 468 -40.25 -28.58 6.68
CA GLU C 468 -39.50 -27.45 6.14
C GLU C 468 -40.18 -26.12 6.47
N LYS C 469 -41.50 -26.08 6.29
CA LYS C 469 -42.28 -24.87 6.61
C LYS C 469 -42.16 -24.48 8.07
N GLU C 470 -42.23 -25.47 8.96
CA GLU C 470 -42.19 -25.20 10.40
C GLU C 470 -40.78 -24.78 10.82
N ARG C 471 -39.77 -25.50 10.34
CA ARG C 471 -38.39 -25.13 10.66
C ARG C 471 -38.10 -23.72 10.15
N LEU C 472 -38.68 -23.38 9.00
CA LEU C 472 -38.47 -22.04 8.43
C LEU C 472 -38.96 -20.94 9.39
N ALA C 473 -40.17 -21.10 9.88
CA ALA C 473 -40.74 -20.15 10.83
C ALA C 473 -39.95 -20.13 12.13
N ASP C 474 -39.52 -21.30 12.59
CA ASP C 474 -38.70 -21.38 13.81
C ASP C 474 -37.37 -20.64 13.62
N ASN C 475 -36.74 -20.82 12.45
CA ASN C 475 -35.44 -20.21 12.18
C ASN C 475 -35.55 -18.69 12.12
N ILE C 476 -36.57 -18.21 11.40
CA ILE C 476 -36.85 -16.78 11.28
C ILE C 476 -37.04 -16.14 12.66
N SER C 477 -37.88 -16.76 13.49
CA SER C 477 -38.15 -16.21 14.82
C SER C 477 -36.93 -16.23 15.73
N ASN C 478 -36.05 -17.21 15.56
CA ASN C 478 -34.75 -17.19 16.24
C ASN C 478 -33.92 -16.00 15.77
N ALA C 479 -33.85 -15.84 14.45
CA ALA C 479 -33.04 -14.77 13.86
C ALA C 479 -33.58 -13.39 14.22
N MET C 480 -34.86 -13.32 14.56
CA MET C 480 -35.49 -12.04 14.93
C MET C 480 -35.17 -11.60 16.36
N GLN C 481 -34.62 -12.50 17.18
CA GLN C 481 -34.38 -12.14 18.59
C GLN C 481 -33.37 -11.01 18.69
N GLY C 482 -33.76 -9.94 19.37
CA GLY C 482 -32.90 -8.77 19.51
C GLY C 482 -33.34 -7.56 18.70
N ILE C 483 -34.30 -7.73 17.79
CA ILE C 483 -34.78 -6.57 17.03
C ILE C 483 -35.51 -5.61 17.96
N SER C 484 -35.50 -4.33 17.59
CA SER C 484 -36.16 -3.28 18.38
CA SER C 484 -36.16 -3.31 18.41
C SER C 484 -37.66 -3.41 18.23
N GLU C 485 -38.41 -2.81 19.16
CA GLU C 485 -39.87 -2.80 19.09
C GLU C 485 -40.35 -2.03 17.87
N ALA C 486 -39.51 -1.09 17.44
CA ALA C 486 -39.79 -0.28 16.25
C ALA C 486 -39.65 -1.08 14.95
N THR C 487 -39.00 -2.25 15.02
CA THR C 487 -38.80 -3.10 13.84
C THR C 487 -39.77 -4.30 13.81
N GLU C 488 -40.29 -4.70 14.96
CA GLU C 488 -41.17 -5.88 15.00
C GLU C 488 -42.34 -5.84 14.00
N PRO C 489 -43.16 -4.77 14.00
CA PRO C 489 -44.33 -4.83 13.10
C PRO C 489 -43.95 -4.84 11.63
N ARG C 490 -42.84 -4.18 11.28
CA ARG C 490 -42.31 -4.22 9.93
CA ARG C 490 -42.34 -4.20 9.92
C ARG C 490 -42.00 -5.64 9.52
N VAL C 491 -41.40 -6.41 10.42
CA VAL C 491 -41.04 -7.79 10.13
C VAL C 491 -42.29 -8.69 10.04
N TYR C 492 -43.27 -8.45 10.92
CA TYR C 492 -44.51 -9.23 10.83
C TYR C 492 -45.15 -9.09 9.45
N ASP C 493 -45.19 -7.85 8.95
CA ASP C 493 -45.87 -7.55 7.69
C ASP C 493 -45.10 -8.11 6.51
N TYR C 494 -43.78 -7.95 6.55
CA TYR C 494 -42.86 -8.57 5.58
C TYR C 494 -43.19 -10.04 5.38
N TRP C 495 -43.27 -10.80 6.47
CA TRP C 495 -43.51 -12.23 6.33
C TRP C 495 -44.94 -12.55 5.89
N ASN C 496 -45.90 -11.72 6.29
CA ASN C 496 -47.26 -11.85 5.79
C ASN C 496 -47.31 -11.68 4.28
N ASN C 497 -46.52 -10.75 3.76
CA ASN C 497 -46.46 -10.52 2.33
C ASN C 497 -45.96 -11.74 1.57
N VAL C 498 -45.02 -12.48 2.17
CA VAL C 498 -44.58 -13.75 1.62
C VAL C 498 -45.75 -14.73 1.61
N ASP C 499 -46.33 -14.97 2.78
CA ASP C 499 -47.46 -15.88 2.92
C ASP C 499 -48.10 -15.66 4.28
N GLU C 500 -49.42 -15.55 4.31
CA GLU C 500 -50.13 -15.19 5.54
C GLU C 500 -50.00 -16.24 6.64
N ASN C 501 -49.88 -17.51 6.26
CA ASN C 501 -49.72 -18.58 7.25
C ASN C 501 -48.31 -18.65 7.81
N LEU C 502 -47.33 -18.47 6.94
CA LEU C 502 -45.94 -18.29 7.38
C LEU C 502 -45.82 -17.11 8.33
N GLY C 503 -46.38 -15.98 7.93
CA GLY C 503 -46.33 -14.77 8.74
C GLY C 503 -46.96 -14.95 10.11
N ALA C 504 -48.10 -15.64 10.15
CA ALA C 504 -48.78 -15.89 11.43
C ALA C 504 -47.90 -16.74 12.33
N ARG C 505 -47.32 -17.78 11.76
CA ARG C 505 -46.51 -18.73 12.52
C ARG C 505 -45.22 -18.08 13.02
N VAL C 506 -44.59 -17.27 12.17
CA VAL C 506 -43.39 -16.53 12.55
C VAL C 506 -43.67 -15.66 13.77
N LYS C 507 -44.75 -14.90 13.74
CA LYS C 507 -45.07 -14.01 14.85
C LYS C 507 -45.38 -14.81 16.11
N GLU C 508 -46.09 -15.92 15.95
CA GLU C 508 -46.52 -16.74 17.08
C GLU C 508 -45.31 -17.27 17.85
N LEU C 509 -44.37 -17.87 17.11
CA LEU C 509 -43.13 -18.39 17.70
C LEU C 509 -42.24 -17.28 18.24
N TYR C 510 -42.15 -16.16 17.52
CA TYR C 510 -41.35 -15.04 17.98
C TYR C 510 -41.81 -14.59 19.36
N LEU C 511 -43.14 -14.43 19.49
CA LEU C 511 -43.71 -13.99 20.76
C LEU C 511 -43.52 -15.03 21.87
N GLN C 512 -43.55 -16.31 21.51
CA GLN C 512 -43.25 -17.37 22.48
C GLN C 512 -41.85 -17.20 23.05
N LYS C 513 -40.88 -16.96 22.17
CA LYS C 513 -39.48 -16.95 22.55
C LYS C 513 -39.10 -15.64 23.22
N LYS C 514 -39.91 -14.62 23.00
CA LYS C 514 -39.63 -13.30 23.55
C LYS C 514 -39.98 -13.24 25.03
N ALA C 515 -39.39 -14.15 25.81
CA ALA C 515 -39.67 -14.32 27.23
C ALA C 515 -41.15 -14.67 27.50
N GLU D 2 29.63 -15.39 -26.73
CA GLU D 2 29.56 -13.92 -26.68
C GLU D 2 28.37 -13.45 -25.85
N LYS D 3 28.22 -14.06 -24.68
CA LYS D 3 27.15 -13.74 -23.76
C LYS D 3 27.72 -13.34 -22.39
N SER D 4 26.94 -13.55 -21.33
CA SER D 4 27.33 -13.07 -19.99
C SER D 4 26.99 -14.08 -18.90
N ALA D 5 27.81 -14.13 -17.85
CA ALA D 5 27.52 -15.00 -16.72
C ALA D 5 26.24 -14.55 -16.02
N ALA D 6 25.84 -13.31 -16.26
CA ALA D 6 24.63 -12.76 -15.65
C ALA D 6 23.35 -13.14 -16.42
N ASP D 7 23.50 -13.87 -17.53
CA ASP D 7 22.34 -14.24 -18.35
C ASP D 7 21.32 -15.08 -17.58
N GLN D 8 21.80 -15.97 -16.72
CA GLN D 8 20.90 -16.78 -15.89
C GLN D 8 19.97 -15.89 -15.05
N ILE D 9 20.52 -14.77 -14.56
CA ILE D 9 19.77 -13.84 -13.73
C ILE D 9 18.84 -12.98 -14.57
N VAL D 10 19.41 -12.44 -15.64
CA VAL D 10 18.75 -11.43 -16.44
C VAL D 10 17.57 -11.97 -17.26
N ASP D 11 17.50 -13.29 -17.43
CA ASP D 11 16.40 -13.91 -18.15
C ASP D 11 15.21 -14.31 -17.25
N ARG D 12 15.42 -14.34 -15.93
CA ARG D 12 14.35 -14.68 -14.98
C ARG D 12 13.12 -13.80 -15.16
N GLY D 13 11.96 -14.40 -15.40
CA GLY D 13 10.70 -13.67 -15.43
C GLY D 13 10.31 -13.11 -16.78
N MET D 14 11.16 -13.28 -17.78
CA MET D 14 10.90 -12.71 -19.09
C MET D 14 10.01 -13.63 -19.95
N ARG D 15 8.95 -13.07 -20.52
CA ARG D 15 8.05 -13.83 -21.41
C ARG D 15 8.74 -14.11 -22.73
N PRO D 16 8.28 -15.15 -23.46
CA PRO D 16 8.73 -15.32 -24.85
C PRO D 16 8.19 -14.18 -25.70
N LYS D 17 8.72 -14.02 -26.90
CA LYS D 17 8.19 -13.00 -27.81
C LYS D 17 6.81 -13.47 -28.27
N LEU D 18 5.86 -12.54 -28.38
CA LEU D 18 4.48 -12.91 -28.72
C LEU D 18 3.99 -12.16 -29.95
N SER D 19 3.10 -12.79 -30.72
CA SER D 19 2.48 -12.12 -31.85
C SER D 19 1.01 -12.55 -31.95
N GLY D 20 0.37 -12.21 -33.06
CA GLY D 20 -1.04 -12.48 -33.21
C GLY D 20 -1.86 -11.32 -32.69
N ASN D 21 -2.72 -11.60 -31.71
CA ASN D 21 -3.55 -10.56 -31.14
C ASN D 21 -3.35 -10.50 -29.63
N THR D 22 -3.72 -9.37 -29.04
CA THR D 22 -3.55 -9.20 -27.60
C THR D 22 -4.59 -10.01 -26.84
N THR D 23 -4.36 -10.23 -25.55
CA THR D 23 -5.33 -10.89 -24.70
C THR D 23 -5.52 -10.05 -23.45
N ARG D 24 -6.67 -10.19 -22.78
CA ARG D 24 -6.83 -9.57 -21.46
CA ARG D 24 -6.83 -9.57 -21.46
C ARG D 24 -5.98 -10.34 -20.47
N HIS D 25 -5.96 -9.89 -19.22
CA HIS D 25 -5.07 -10.52 -18.26
C HIS D 25 -5.53 -11.89 -17.79
N ASN D 26 -6.76 -12.28 -18.13
CA ASN D 26 -7.21 -13.66 -17.91
C ASN D 26 -6.88 -14.56 -19.08
N GLY D 27 -6.33 -13.98 -20.15
CA GLY D 27 -5.94 -14.75 -21.32
C GLY D 27 -6.95 -14.75 -22.46
N ALA D 28 -8.11 -14.13 -22.27
CA ALA D 28 -9.13 -14.10 -23.33
C ALA D 28 -8.75 -13.05 -24.38
N PRO D 29 -9.19 -13.25 -25.64
CA PRO D 29 -8.81 -12.32 -26.71
C PRO D 29 -9.38 -10.93 -26.51
N VAL D 30 -8.56 -9.92 -26.83
CA VAL D 30 -9.00 -8.53 -26.81
C VAL D 30 -9.68 -8.21 -28.13
N PRO D 31 -10.90 -7.65 -28.08
CA PRO D 31 -11.55 -7.26 -29.34
C PRO D 31 -10.86 -6.07 -29.99
N SER D 32 -10.60 -5.01 -29.22
CA SER D 32 -9.97 -3.82 -29.81
C SER D 32 -9.06 -3.08 -28.84
N GLU D 33 -7.95 -2.54 -29.38
CA GLU D 33 -7.10 -1.63 -28.61
C GLU D 33 -7.37 -0.19 -29.00
N ASN D 34 -8.35 0.02 -29.88
CA ASN D 34 -8.57 1.34 -30.47
C ASN D 34 -9.91 2.00 -30.14
N ILE D 35 -10.94 1.18 -30.01
CA ILE D 35 -12.30 1.70 -29.87
C ILE D 35 -13.01 1.08 -28.65
N SER D 36 -13.62 1.92 -27.82
CA SER D 36 -14.32 1.43 -26.63
C SER D 36 -15.81 1.24 -26.94
N ALA D 37 -16.48 0.47 -26.09
CA ALA D 37 -17.86 0.09 -26.37
C ALA D 37 -18.88 1.08 -25.79
N THR D 38 -19.86 1.43 -26.61
CA THR D 38 -20.86 2.41 -26.23
C THR D 38 -22.26 1.91 -26.53
N ALA D 39 -23.25 2.48 -25.86
CA ALA D 39 -24.64 2.11 -26.07
C ALA D 39 -25.19 2.97 -27.22
N GLY D 40 -24.91 2.55 -28.45
CA GLY D 40 -25.15 3.38 -29.62
C GLY D 40 -23.86 4.13 -29.94
N PRO D 41 -23.61 4.41 -31.23
CA PRO D 41 -22.37 5.11 -31.60
C PRO D 41 -22.20 6.43 -30.85
N GLN D 42 -23.31 7.13 -30.58
CA GLN D 42 -23.26 8.42 -29.89
C GLN D 42 -23.77 8.28 -28.45
N GLY D 43 -24.02 7.05 -28.02
CA GLY D 43 -24.48 6.80 -26.67
C GLY D 43 -23.36 6.80 -25.65
N PRO D 44 -23.70 6.61 -24.37
CA PRO D 44 -22.70 6.61 -23.29
C PRO D 44 -21.79 5.39 -23.37
N ASN D 45 -20.57 5.54 -22.88
CA ASN D 45 -19.71 4.38 -22.70
C ASN D 45 -20.33 3.42 -21.70
N VAL D 46 -20.28 2.13 -21.98
CA VAL D 46 -20.84 1.15 -21.07
C VAL D 46 -19.84 0.86 -19.98
N LEU D 47 -20.32 0.48 -18.80
CA LEU D 47 -19.42 0.10 -17.70
C LEU D 47 -18.63 -1.16 -18.06
N ASN D 48 -19.27 -2.10 -18.75
CA ASN D 48 -18.68 -3.41 -18.93
C ASN D 48 -17.88 -3.55 -20.21
N ASP D 49 -17.09 -2.53 -20.55
CA ASP D 49 -16.00 -2.74 -21.47
C ASP D 49 -14.84 -3.21 -20.60
N ILE D 50 -14.74 -4.54 -20.44
CA ILE D 50 -13.80 -5.12 -19.49
C ILE D 50 -12.36 -4.78 -19.82
N HIS D 51 -11.99 -4.89 -21.09
CA HIS D 51 -10.65 -4.51 -21.51
C HIS D 51 -10.33 -3.03 -21.28
N LEU D 52 -11.26 -2.13 -21.59
CA LEU D 52 -11.04 -0.71 -21.34
C LEU D 52 -10.68 -0.43 -19.88
N ILE D 53 -11.48 -0.98 -18.96
CA ILE D 53 -11.29 -0.71 -17.55
C ILE D 53 -10.01 -1.36 -17.03
N GLU D 54 -9.73 -2.58 -17.49
CA GLU D 54 -8.51 -3.27 -17.08
C GLU D 54 -7.27 -2.53 -17.56
N LYS D 55 -7.30 -2.05 -18.80
CA LYS D 55 -6.17 -1.32 -19.40
C LYS D 55 -5.93 0.03 -18.69
N LEU D 56 -7.00 0.75 -18.39
CA LEU D 56 -6.86 2.04 -17.72
C LEU D 56 -6.42 1.82 -16.27
N ALA D 57 -6.97 0.79 -15.63
CA ALA D 57 -6.74 0.58 -14.19
C ALA D 57 -5.31 0.12 -13.93
N HIS D 58 -4.83 -0.65 -14.84
CA HIS D 58 -3.45 -1.07 -14.57
C HIS D 58 -2.48 0.05 -14.95
N PHE D 59 -2.80 0.81 -16.03
CA PHE D 59 -2.10 2.04 -16.40
C PHE D 59 -2.03 2.97 -15.19
N ASN D 60 -3.15 3.11 -14.50
CA ASN D 60 -3.22 3.96 -13.31
C ASN D 60 -2.31 3.51 -12.16
N ARG D 61 -1.83 2.28 -12.19
CA ARG D 61 -1.02 1.78 -11.08
C ARG D 61 0.41 1.47 -11.48
N GLU D 62 0.88 2.06 -12.58
CA GLU D 62 2.24 1.76 -13.06
C GLU D 62 3.33 2.30 -12.14
N ASN D 63 3.10 3.50 -11.59
CA ASN D 63 4.10 4.14 -10.75
C ASN D 63 4.17 3.56 -9.36
N VAL D 64 5.37 3.60 -8.78
CA VAL D 64 5.63 3.14 -7.42
C VAL D 64 6.50 4.24 -6.81
N PRO D 65 6.60 4.30 -5.47
CA PRO D 65 7.45 5.34 -4.87
C PRO D 65 8.87 5.23 -5.39
N GLU D 66 9.48 6.35 -5.75
CA GLU D 66 10.89 6.31 -6.13
C GLU D 66 11.74 6.22 -4.87
N ARG D 67 13.02 5.91 -5.05
CA ARG D 67 13.94 5.82 -3.92
C ARG D 67 14.10 7.18 -3.30
N ILE D 68 14.23 7.22 -1.96
CA ILE D 68 14.78 8.40 -1.30
C ILE D 68 16.01 7.99 -0.49
N PRO D 69 17.19 8.51 -0.84
CA PRO D 69 17.56 9.32 -2.00
C PRO D 69 17.96 8.41 -3.17
N HIS D 70 18.62 8.97 -4.19
CA HIS D 70 19.11 8.23 -5.36
C HIS D 70 18.00 7.76 -6.31
N ALA D 71 16.94 8.56 -6.42
CA ALA D 71 15.81 8.23 -7.26
C ALA D 71 16.18 8.02 -8.73
N LYS D 72 17.07 8.87 -9.22
CA LYS D 72 17.42 8.87 -10.64
C LYS D 72 18.66 8.02 -10.87
N GLY D 73 18.47 6.84 -11.47
CA GLY D 73 19.59 5.95 -11.75
C GLY D 73 19.32 4.99 -12.89
N HIS D 74 20.29 4.10 -13.12
CA HIS D 74 20.31 3.22 -14.28
C HIS D 74 21.42 2.22 -14.02
N GLY D 75 21.39 1.10 -14.73
CA GLY D 75 22.36 0.09 -14.43
C GLY D 75 22.58 -0.93 -15.52
N ALA D 76 23.19 -2.03 -15.15
CA ALA D 76 23.59 -3.04 -16.12
C ALA D 76 24.01 -4.26 -15.35
N PHE D 77 24.39 -5.31 -16.08
CA PHE D 77 24.82 -6.55 -15.45
C PHE D 77 26.17 -6.94 -16.01
N GLY D 78 26.88 -7.84 -15.33
CA GLY D 78 28.23 -8.19 -15.74
C GLY D 78 28.85 -9.28 -14.90
N GLU D 79 30.18 -9.24 -14.75
CA GLU D 79 30.92 -10.32 -14.12
C GLU D 79 32.04 -9.74 -13.27
N LEU D 80 32.24 -10.34 -12.10
CA LEU D 80 33.41 -10.08 -11.27
C LEU D 80 34.41 -11.19 -11.50
N HIS D 81 35.66 -10.85 -11.81
CA HIS D 81 36.71 -11.84 -12.01
C HIS D 81 37.83 -11.63 -10.96
N ILE D 82 38.10 -12.66 -10.16
CA ILE D 82 39.19 -12.62 -9.19
C ILE D 82 40.49 -12.98 -9.91
N THR D 83 41.53 -12.15 -9.75
CA THR D 83 42.80 -12.43 -10.44
C THR D 83 43.99 -12.55 -9.49
N GLU D 84 43.76 -12.29 -8.20
CA GLU D 84 44.82 -12.40 -7.21
C GLU D 84 44.31 -13.27 -6.06
N ASP D 85 45.22 -13.76 -5.22
CA ASP D 85 44.81 -14.61 -4.11
C ASP D 85 44.72 -13.77 -2.84
N VAL D 86 43.51 -13.60 -2.32
CA VAL D 86 43.31 -12.85 -1.06
C VAL D 86 42.78 -13.76 0.05
N SER D 87 42.95 -15.07 -0.11
CA SER D 87 42.37 -16.02 0.82
C SER D 87 42.98 -15.91 2.21
N GLU D 88 44.18 -15.31 2.31
CA GLU D 88 44.76 -15.13 3.65
C GLU D 88 43.97 -14.10 4.46
N TYR D 89 43.22 -13.23 3.78
CA TYR D 89 42.45 -12.18 4.45
C TYR D 89 40.95 -12.47 4.59
N THR D 90 40.38 -13.14 3.60
CA THR D 90 38.93 -13.39 3.63
C THR D 90 38.58 -14.77 3.10
N LYS D 91 37.57 -15.38 3.73
CA LYS D 91 37.08 -16.66 3.25
C LYS D 91 35.86 -16.48 2.36
N ALA D 92 35.47 -15.23 2.11
CA ALA D 92 34.27 -14.94 1.32
C ALA D 92 34.35 -15.63 -0.03
N ASP D 93 33.30 -16.37 -0.40
CA ASP D 93 33.36 -17.27 -1.56
C ASP D 93 33.69 -16.56 -2.85
N LEU D 94 33.05 -15.43 -3.08
CA LEU D 94 33.20 -14.71 -4.33
C LEU D 94 34.62 -14.17 -4.53
N PHE D 95 35.38 -14.08 -3.44
CA PHE D 95 36.73 -13.50 -3.50
C PHE D 95 37.84 -14.56 -3.52
N GLN D 96 37.46 -15.84 -3.59
CA GLN D 96 38.46 -16.91 -3.61
C GLN D 96 39.11 -16.98 -4.97
N PRO D 97 40.32 -17.57 -5.07
CA PRO D 97 41.06 -17.53 -6.34
C PRO D 97 40.27 -18.13 -7.50
N GLY D 98 40.29 -17.45 -8.64
CA GLY D 98 39.68 -17.96 -9.85
C GLY D 98 38.18 -17.77 -10.00
N LYS D 99 37.54 -17.24 -8.96
CA LYS D 99 36.07 -17.09 -8.96
C LYS D 99 35.56 -16.03 -9.95
N VAL D 100 34.52 -16.40 -10.70
CA VAL D 100 33.86 -15.48 -11.60
C VAL D 100 32.40 -15.44 -11.16
N THR D 101 31.91 -14.24 -10.85
CA THR D 101 30.60 -14.12 -10.20
C THR D 101 29.75 -13.13 -10.97
N PRO D 102 28.49 -13.49 -11.25
CA PRO D 102 27.58 -12.58 -11.95
C PRO D 102 27.32 -11.34 -11.07
N LEU D 103 27.09 -10.19 -11.69
CA LEU D 103 26.81 -8.99 -10.93
C LEU D 103 25.73 -8.14 -11.54
N ALA D 104 25.13 -7.28 -10.70
CA ALA D 104 24.31 -6.17 -11.18
C ALA D 104 24.93 -4.89 -10.64
N VAL D 105 24.69 -3.77 -11.32
CA VAL D 105 25.15 -2.48 -10.84
C VAL D 105 24.07 -1.43 -11.10
N ARG D 106 23.89 -0.49 -10.18
CA ARG D 106 23.09 0.69 -10.47
C ARG D 106 23.90 1.94 -10.13
N PHE D 107 23.96 2.87 -11.08
CA PHE D 107 24.57 4.17 -10.86
C PHE D 107 23.43 5.14 -10.68
N SER D 108 23.70 6.28 -10.05
CA SER D 108 22.63 7.23 -9.75
C SER D 108 23.18 8.58 -9.36
N THR D 109 22.30 9.58 -9.27
CA THR D 109 22.59 10.82 -8.56
C THR D 109 21.97 10.62 -7.18
N VAL D 110 21.89 11.68 -6.36
CA VAL D 110 21.37 11.55 -4.99
C VAL D 110 20.08 12.34 -4.74
N ALA D 111 20.11 13.63 -5.03
CA ALA D 111 19.07 14.53 -4.55
C ALA D 111 17.82 14.54 -5.44
N GLY D 112 18.04 14.54 -6.75
CA GLY D 112 16.96 14.78 -7.69
C GLY D 112 16.01 13.62 -7.81
N GLU D 113 14.81 13.92 -8.30
CA GLU D 113 13.78 12.90 -8.46
C GLU D 113 13.98 12.14 -9.78
N GLN D 114 13.12 11.15 -10.04
CA GLN D 114 13.42 10.23 -11.12
C GLN D 114 13.31 10.77 -12.56
N GLY D 115 12.92 12.02 -12.74
CA GLY D 115 13.01 12.61 -14.08
C GLY D 115 14.18 13.58 -14.22
N SER D 116 14.89 13.82 -13.13
CA SER D 116 15.88 14.91 -13.08
C SER D 116 17.16 14.57 -13.85
N PRO D 117 17.90 15.62 -14.28
CA PRO D 117 19.12 15.41 -15.06
C PRO D 117 20.21 14.61 -14.36
N ASP D 118 20.83 13.70 -15.11
CA ASP D 118 21.94 12.92 -14.60
C ASP D 118 23.12 13.82 -14.23
N THR D 119 23.22 14.99 -14.86
CA THR D 119 24.44 15.79 -14.71
C THR D 119 24.25 17.07 -13.89
N TRP D 120 23.27 17.08 -13.01
CA TRP D 120 23.26 18.04 -11.90
C TRP D 120 24.53 17.74 -11.09
N ARG D 121 25.16 18.78 -10.53
CA ARG D 121 26.27 18.53 -9.60
C ARG D 121 25.74 17.71 -8.44
N ASP D 122 26.38 16.57 -8.17
CA ASP D 122 25.93 15.69 -7.11
C ASP D 122 26.93 14.58 -6.93
N VAL D 123 26.86 13.93 -5.78
CA VAL D 123 27.51 12.64 -5.58
C VAL D 123 26.82 11.65 -6.50
N HIS D 124 27.56 10.67 -7.02
CA HIS D 124 26.91 9.61 -7.80
C HIS D 124 27.01 8.27 -7.10
N GLY D 125 25.87 7.57 -7.02
CA GLY D 125 25.83 6.23 -6.45
C GLY D 125 26.54 5.22 -7.33
N PHE D 126 27.10 4.18 -6.72
CA PHE D 126 27.91 3.18 -7.41
C PHE D 126 27.64 1.89 -6.66
N ALA D 127 26.53 1.23 -6.98
CA ALA D 127 26.04 0.15 -6.12
C ALA D 127 26.05 -1.18 -6.83
N LEU D 128 26.77 -2.13 -6.25
CA LEU D 128 27.00 -3.43 -6.89
C LEU D 128 26.33 -4.55 -6.13
N ARG D 129 25.81 -5.53 -6.88
CA ARG D 129 25.38 -6.79 -6.30
C ARG D 129 26.17 -7.92 -6.92
N PHE D 130 26.71 -8.80 -6.09
CA PHE D 130 27.34 -10.01 -6.58
C PHE D 130 26.48 -11.20 -6.20
N TYR D 131 26.08 -11.98 -7.22
CA TYR D 131 25.26 -13.18 -6.99
C TYR D 131 26.17 -14.36 -6.66
N THR D 132 26.59 -14.46 -5.41
CA THR D 132 27.59 -15.45 -4.98
C THR D 132 26.93 -16.76 -4.59
N GLU D 133 27.73 -17.83 -4.51
CA GLU D 133 27.21 -19.14 -4.13
C GLU D 133 26.76 -19.19 -2.66
N GLU D 134 27.13 -18.17 -1.88
CA GLU D 134 26.74 -18.11 -0.47
C GLU D 134 25.80 -16.93 -0.23
N GLY D 135 25.11 -16.49 -1.29
CA GLY D 135 24.08 -15.47 -1.20
C GLY D 135 24.44 -14.21 -1.96
N ASN D 136 23.50 -13.27 -2.05
CA ASN D 136 23.82 -11.97 -2.65
C ASN D 136 24.65 -11.12 -1.71
N TYR D 137 25.81 -10.67 -2.20
CA TYR D 137 26.65 -9.73 -1.47
C TYR D 137 26.62 -8.40 -2.20
N ASP D 138 26.05 -7.36 -1.56
CA ASP D 138 25.99 -6.05 -2.19
C ASP D 138 27.03 -5.11 -1.62
N ILE D 139 27.75 -4.42 -2.50
CA ILE D 139 28.58 -3.30 -2.07
C ILE D 139 27.95 -2.03 -2.63
N VAL D 140 27.21 -1.34 -1.76
CA VAL D 140 26.45 -0.17 -2.17
C VAL D 140 27.31 1.04 -1.89
N GLY D 141 28.08 1.45 -2.88
CA GLY D 141 29.04 2.51 -2.65
C GLY D 141 28.69 3.78 -3.39
N ASN D 142 29.64 4.70 -3.43
CA ASN D 142 29.46 5.98 -4.10
C ASN D 142 30.73 6.25 -4.89
N ASN D 143 30.72 7.32 -5.71
CA ASN D 143 31.92 7.70 -6.48
C ASN D 143 32.88 8.57 -5.66
N THR D 144 32.80 8.45 -4.33
CA THR D 144 33.69 9.17 -3.42
C THR D 144 34.13 8.24 -2.29
N PRO D 145 35.39 8.37 -1.83
CA PRO D 145 35.91 7.50 -0.77
C PRO D 145 35.40 7.92 0.60
N THR D 146 34.66 9.03 0.68
CA THR D 146 34.23 9.54 1.98
C THR D 146 32.76 9.97 1.89
N PHE D 147 32.26 10.71 2.89
CA PHE D 147 30.88 11.20 2.82
C PHE D 147 30.70 12.37 3.79
N PHE D 148 29.50 12.96 3.82
CA PHE D 148 29.26 14.22 4.51
C PHE D 148 29.11 14.13 6.03
N LEU D 149 28.83 12.94 6.54
CA LEU D 149 28.44 12.78 7.95
C LEU D 149 29.08 11.55 8.58
N ARG D 150 29.08 11.49 9.92
CA ARG D 150 29.60 10.33 10.63
C ARG D 150 28.55 9.73 11.59
N ASP D 151 27.29 10.13 11.42
CA ASP D 151 26.23 9.57 12.27
C ASP D 151 24.91 9.53 11.51
N GLY D 152 24.30 8.35 11.43
CA GLY D 152 23.07 8.18 10.68
C GLY D 152 21.94 9.05 11.22
N MET D 153 22.03 9.46 12.48
CA MET D 153 21.01 10.36 13.05
C MET D 153 20.82 11.63 12.21
N LYS D 154 21.89 12.04 11.53
CA LYS D 154 21.87 13.30 10.78
C LYS D 154 21.53 13.11 9.30
N PHE D 155 21.40 11.87 8.85
CA PHE D 155 21.21 11.61 7.41
C PHE D 155 19.91 12.24 6.86
N PRO D 156 18.76 12.06 7.54
CA PRO D 156 17.58 12.73 6.97
C PRO D 156 17.68 14.26 6.95
N ASP D 157 18.41 14.85 7.90
CA ASP D 157 18.63 16.28 7.87
C ASP D 157 19.41 16.69 6.62
N PHE D 158 20.48 15.96 6.32
CA PHE D 158 21.28 16.28 5.14
C PHE D 158 20.46 16.10 3.87
N ILE D 159 19.75 14.98 3.75
CA ILE D 159 18.97 14.73 2.54
C ILE D 159 17.84 15.75 2.37
N HIS D 160 16.95 16.08 3.42
CA HIS D 160 16.06 17.23 3.22
C HIS D 160 16.84 18.47 2.79
N SER D 161 17.92 18.74 3.34
CA SER D 161 18.57 20.01 3.00
C SER D 161 18.99 20.05 1.53
N GLN D 162 19.17 18.88 0.94
CA GLN D 162 19.56 18.76 -0.46
C GLN D 162 18.36 18.68 -1.39
N LYS D 163 17.19 18.44 -0.81
CA LYS D 163 15.97 18.32 -1.61
C LYS D 163 15.19 19.65 -1.58
N ARG D 164 13.87 19.59 -1.46
CA ARG D 164 13.07 20.80 -1.70
C ARG D 164 12.47 21.39 -0.43
N LEU D 165 12.40 22.72 -0.39
CA LEU D 165 11.73 23.43 0.70
C LEU D 165 10.28 22.97 0.84
N ASN D 166 9.80 22.84 2.08
CA ASN D 166 8.43 22.39 2.30
C ASN D 166 7.35 23.31 1.73
N LYS D 167 7.61 24.60 1.68
CA LYS D 167 6.56 25.55 1.30
C LYS D 167 6.29 25.59 -0.21
N ASN D 168 7.34 25.50 -1.03
CA ASN D 168 7.17 25.79 -2.46
C ASN D 168 7.77 24.75 -3.42
N GLY D 169 8.38 23.69 -2.88
CA GLY D 169 8.95 22.66 -3.72
C GLY D 169 10.17 23.08 -4.51
N LEU D 170 10.93 24.05 -4.00
CA LEU D 170 12.12 24.49 -4.71
C LEU D 170 13.38 24.06 -3.95
N ARG D 171 14.38 23.58 -4.67
CA ARG D 171 15.67 23.35 -4.00
C ARG D 171 16.22 24.72 -3.65
N ASP D 172 17.15 24.78 -2.69
CA ASP D 172 17.51 26.07 -2.13
C ASP D 172 18.95 26.15 -1.66
N ALA D 173 19.70 27.10 -2.23
CA ALA D 173 21.10 27.25 -1.88
C ALA D 173 21.29 27.61 -0.41
N ASP D 174 20.46 28.50 0.12
CA ASP D 174 20.62 28.89 1.52
C ASP D 174 20.50 27.69 2.43
N MET D 175 19.48 26.87 2.19
CA MET D 175 19.28 25.66 2.98
C MET D 175 20.47 24.71 2.89
N GLN D 176 21.02 24.51 1.68
CA GLN D 176 22.14 23.59 1.51
C GLN D 176 23.37 24.04 2.32
N TRP D 177 23.69 25.34 2.24
CA TRP D 177 24.85 25.89 2.95
C TRP D 177 24.62 26.11 4.44
N ASP D 178 23.37 26.42 4.82
CA ASP D 178 23.04 26.53 6.24
C ASP D 178 23.33 25.19 6.91
N PHE D 179 22.90 24.09 6.29
CA PHE D 179 23.15 22.78 6.88
C PHE D 179 24.64 22.43 6.88
N TRP D 180 25.29 22.53 5.72
CA TRP D 180 26.71 22.17 5.63
C TRP D 180 27.59 22.92 6.64
N THR D 181 27.35 24.22 6.79
CA THR D 181 28.21 25.01 7.66
C THR D 181 27.93 24.77 9.13
N ARG D 182 26.71 24.37 9.46
CA ARG D 182 26.36 24.09 10.86
C ARG D 182 26.64 22.62 11.19
N ALA D 183 26.95 21.84 10.16
CA ALA D 183 27.41 20.46 10.32
C ALA D 183 28.78 20.32 9.64
N PRO D 184 29.82 20.93 10.22
CA PRO D 184 31.13 21.10 9.57
C PRO D 184 31.85 19.79 9.31
N GLU D 185 31.40 18.68 9.91
CA GLU D 185 31.92 17.37 9.52
C GLU D 185 31.76 17.14 8.01
N SER D 186 30.88 17.92 7.38
CA SER D 186 30.61 17.82 5.94
C SER D 186 31.76 18.31 5.08
N ALA D 187 32.71 19.01 5.68
CA ALA D 187 33.73 19.73 4.91
C ALA D 187 34.54 18.85 3.94
N HIS D 188 34.88 17.63 4.35
CA HIS D 188 35.67 16.76 3.48
C HIS D 188 34.92 16.47 2.18
N GLN D 189 33.69 15.97 2.29
CA GLN D 189 32.92 15.60 1.11
C GLN D 189 32.44 16.80 0.30
N VAL D 190 32.15 17.92 0.96
CA VAL D 190 31.74 19.12 0.21
C VAL D 190 32.89 19.64 -0.67
N THR D 191 34.12 19.52 -0.18
CA THR D 191 35.29 19.90 -0.99
C THR D 191 35.43 18.98 -2.20
N TYR D 192 35.17 17.69 -2.00
CA TYR D 192 35.21 16.72 -3.08
C TYR D 192 34.08 17.02 -4.09
N LEU D 193 32.87 17.24 -3.56
CA LEU D 193 31.69 17.54 -4.39
C LEU D 193 31.84 18.80 -5.23
N MET D 194 32.49 19.81 -4.67
CA MET D 194 32.59 21.10 -5.34
C MET D 194 33.75 21.18 -6.32
N GLY D 195 34.57 20.12 -6.35
CA GLY D 195 35.65 20.01 -7.31
C GLY D 195 35.18 19.43 -8.64
N ASP D 196 36.12 19.06 -9.50
CA ASP D 196 35.79 18.50 -10.81
C ASP D 196 34.92 17.24 -10.72
N ARG D 197 35.17 16.42 -9.70
CA ARG D 197 34.48 15.14 -9.59
C ARG D 197 33.01 15.25 -9.21
N GLY D 198 32.54 16.47 -8.97
CA GLY D 198 31.12 16.68 -8.70
C GLY D 198 30.31 16.60 -9.98
N THR D 199 30.99 16.66 -11.11
CA THR D 199 30.34 16.57 -12.42
C THR D 199 31.06 15.60 -13.38
N PRO D 200 31.07 14.30 -13.05
CA PRO D 200 31.69 13.34 -13.98
C PRO D 200 30.87 13.27 -15.25
N LYS D 201 31.51 13.03 -16.39
CA LYS D 201 30.78 13.03 -17.65
C LYS D 201 29.83 11.85 -17.78
N THR D 202 30.29 10.67 -17.36
CA THR D 202 29.51 9.45 -17.52
C THR D 202 29.59 8.60 -16.26
N SER D 203 28.88 7.47 -16.26
CA SER D 203 29.00 6.50 -15.18
C SER D 203 30.29 5.69 -15.31
N ARG D 204 30.83 5.64 -16.54
CA ARG D 204 32.02 4.83 -16.82
C ARG D 204 33.30 5.57 -16.45
N HIS D 205 33.23 6.90 -16.43
CA HIS D 205 34.45 7.70 -16.20
C HIS D 205 34.54 8.26 -14.79
N GLN D 206 34.32 7.38 -13.82
CA GLN D 206 34.44 7.71 -12.40
C GLN D 206 34.86 6.46 -11.66
N ASP D 207 35.58 6.63 -10.55
CA ASP D 207 35.86 5.50 -9.65
C ASP D 207 34.61 5.15 -8.84
N GLY D 208 34.66 4.01 -8.16
CA GLY D 208 33.68 3.65 -7.15
C GLY D 208 34.39 3.31 -5.85
N PHE D 209 33.69 3.44 -4.72
CA PHE D 209 34.29 3.16 -3.43
C PHE D 209 33.24 2.56 -2.51
N GLY D 210 33.67 1.69 -1.60
CA GLY D 210 32.78 1.20 -0.56
C GLY D 210 32.59 2.30 0.46
N SER D 211 33.57 3.21 0.50
CA SER D 211 33.60 4.36 1.43
C SER D 211 33.84 3.95 2.88
N HIS D 212 32.92 3.18 3.46
CA HIS D 212 33.11 2.71 4.82
C HIS D 212 34.25 1.73 4.96
N THR D 213 34.78 1.66 6.18
CA THR D 213 35.61 0.55 6.59
C THR D 213 34.72 -0.68 6.82
N PHE D 214 35.06 -1.79 6.16
CA PHE D 214 34.40 -3.05 6.42
C PHE D 214 35.39 -4.00 7.06
N GLN D 215 34.94 -5.24 7.30
CA GLN D 215 35.82 -6.25 7.86
C GLN D 215 35.91 -7.46 6.95
N TRP D 216 37.12 -8.00 6.81
CA TRP D 216 37.31 -9.29 6.15
C TRP D 216 37.71 -10.30 7.20
N ILE D 217 37.16 -11.51 7.11
CA ILE D 217 37.54 -12.56 8.05
C ILE D 217 37.97 -13.80 7.26
N ASN D 218 39.12 -14.38 7.61
CA ASN D 218 39.62 -15.54 6.89
C ASN D 218 39.08 -16.86 7.45
N ALA D 219 39.43 -17.99 6.85
CA ALA D 219 38.90 -19.28 7.26
C ALA D 219 39.21 -19.60 8.72
N GLU D 220 40.29 -19.02 9.24
CA GLU D 220 40.69 -19.28 10.60
C GLU D 220 40.02 -18.34 11.61
N GLY D 221 39.23 -17.39 11.11
CA GLY D 221 38.47 -16.51 11.99
C GLY D 221 39.24 -15.26 12.37
N LYS D 222 40.34 -15.00 11.68
CA LYS D 222 41.15 -13.81 11.94
C LYS D 222 40.62 -12.64 11.12
N PRO D 223 40.38 -11.49 11.77
CA PRO D 223 39.82 -10.30 11.09
C PRO D 223 40.86 -9.29 10.65
N VAL D 224 40.60 -8.60 9.52
CA VAL D 224 41.33 -7.37 9.16
C VAL D 224 40.32 -6.32 8.70
N TRP D 225 40.67 -5.05 8.82
CA TRP D 225 39.80 -3.97 8.36
C TRP D 225 40.09 -3.67 6.90
N VAL D 226 39.05 -3.47 6.10
CA VAL D 226 39.25 -3.20 4.68
C VAL D 226 38.44 -2.03 4.13
N LYS D 227 38.94 -1.43 3.05
CA LYS D 227 38.17 -0.45 2.29
C LYS D 227 38.25 -0.83 0.82
N TYR D 228 37.11 -0.76 0.13
CA TYR D 228 37.02 -1.13 -1.28
C TYR D 228 37.26 0.04 -2.23
N HIS D 229 38.10 -0.18 -3.24
CA HIS D 229 38.33 0.82 -4.28
C HIS D 229 38.07 0.20 -5.63
N PHE D 230 37.18 0.82 -6.41
CA PHE D 230 36.91 0.38 -7.77
C PHE D 230 37.46 1.41 -8.77
N LYS D 231 38.62 1.12 -9.33
CA LYS D 231 39.34 2.09 -10.14
C LYS D 231 38.97 1.94 -11.61
N THR D 232 38.38 3.00 -12.18
CA THR D 232 37.90 2.92 -13.56
C THR D 232 39.03 2.76 -14.59
N ARG D 233 38.89 1.78 -15.49
CA ARG D 233 39.87 1.66 -16.56
C ARG D 233 39.64 2.72 -17.64
N GLN D 234 38.47 3.35 -17.60
CA GLN D 234 38.15 4.39 -18.57
C GLN D 234 38.74 5.74 -18.14
N GLY D 235 39.09 5.86 -16.86
CA GLY D 235 39.66 7.08 -16.30
C GLY D 235 38.63 8.13 -15.89
N TRP D 236 38.97 8.96 -14.91
CA TRP D 236 38.09 10.08 -14.54
C TRP D 236 37.97 11.05 -15.70
N ASP D 237 36.77 11.55 -15.96
CA ASP D 237 36.56 12.53 -17.01
C ASP D 237 35.37 13.36 -16.60
N CYS D 238 35.59 14.67 -16.42
CA CYS D 238 34.59 15.54 -15.79
C CYS D 238 34.22 16.75 -16.63
N PHE D 239 32.93 17.11 -16.60
CA PHE D 239 32.45 18.36 -17.17
C PHE D 239 32.88 19.52 -16.29
N THR D 240 32.87 20.74 -16.84
CA THR D 240 32.96 21.91 -15.98
C THR D 240 31.56 22.17 -15.46
N ASP D 241 31.42 23.13 -14.55
CA ASP D 241 30.11 23.44 -13.99
C ASP D 241 29.15 23.86 -15.11
N ALA D 242 29.66 24.66 -16.04
CA ALA D 242 28.84 25.17 -17.14
C ALA D 242 28.46 24.08 -18.15
N GLU D 243 29.42 23.22 -18.46
CA GLU D 243 29.18 22.12 -19.41
C GLU D 243 28.14 21.14 -18.87
N ALA D 244 28.19 20.89 -17.57
CA ALA D 244 27.25 19.96 -16.95
C ALA D 244 25.82 20.47 -17.03
N ALA D 245 25.65 21.78 -16.83
CA ALA D 245 24.32 22.37 -16.94
C ALA D 245 23.81 22.37 -18.38
N LYS D 246 24.71 22.63 -19.33
CA LYS D 246 24.35 22.65 -20.74
C LYS D 246 23.86 21.27 -21.16
N VAL D 247 24.56 20.24 -20.68
CA VAL D 247 24.20 18.86 -20.99
C VAL D 247 22.87 18.48 -20.33
N ALA D 248 22.63 19.01 -19.13
CA ALA D 248 21.39 18.73 -18.41
C ALA D 248 20.18 19.19 -19.24
N GLY D 249 20.36 20.28 -19.99
CA GLY D 249 19.28 20.79 -20.81
C GLY D 249 19.15 20.06 -22.13
N GLU D 250 20.28 19.58 -22.65
CA GLU D 250 20.30 18.86 -23.93
C GLU D 250 19.79 17.45 -23.76
N ASN D 251 20.24 16.78 -22.70
CA ASN D 251 19.88 15.39 -22.44
C ASN D 251 19.92 15.10 -20.94
N ALA D 252 18.74 15.14 -20.31
CA ALA D 252 18.67 14.85 -18.88
C ALA D 252 19.10 13.41 -18.55
N ASP D 253 19.09 12.54 -19.57
CA ASP D 253 19.47 11.14 -19.39
C ASP D 253 20.80 10.80 -20.01
N TYR D 254 21.67 11.80 -20.10
CA TYR D 254 22.97 11.67 -20.75
C TYR D 254 23.75 10.44 -20.31
N GLN D 255 23.83 10.23 -19.00
CA GLN D 255 24.63 9.13 -18.47
C GLN D 255 23.94 7.78 -18.62
N ARG D 256 22.62 7.77 -18.43
CA ARG D 256 21.82 6.56 -18.68
C ARG D 256 22.02 6.11 -20.13
N GLU D 257 21.90 7.06 -21.06
CA GLU D 257 22.04 6.76 -22.48
C GLU D 257 23.46 6.32 -22.82
N ASP D 258 24.45 6.98 -22.23
CA ASP D 258 25.84 6.64 -22.48
C ASP D 258 26.14 5.18 -22.12
N LEU D 259 25.73 4.75 -20.93
CA LEU D 259 25.99 3.37 -20.50
C LEU D 259 25.27 2.36 -21.39
N TYR D 260 24.02 2.64 -21.72
CA TYR D 260 23.27 1.76 -22.62
C TYR D 260 23.98 1.61 -23.96
N ASN D 261 24.33 2.75 -24.57
CA ASN D 261 25.02 2.75 -25.84
C ASN D 261 26.37 2.03 -25.80
N ALA D 262 27.14 2.27 -24.74
CA ALA D 262 28.45 1.65 -24.60
C ALA D 262 28.34 0.13 -24.63
N ILE D 263 27.42 -0.40 -23.83
CA ILE D 263 27.28 -1.85 -23.74
C ILE D 263 26.69 -2.42 -25.03
N GLU D 264 25.70 -1.73 -25.58
CA GLU D 264 25.11 -2.12 -26.86
C GLU D 264 26.19 -2.26 -27.93
N ASN D 265 27.19 -1.38 -27.88
CA ASN D 265 28.25 -1.35 -28.88
C ASN D 265 29.44 -2.26 -28.61
N GLY D 266 29.44 -2.96 -27.48
CA GLY D 266 30.52 -3.87 -27.16
C GLY D 266 31.70 -3.19 -26.48
N ASP D 267 31.53 -1.91 -26.17
CA ASP D 267 32.54 -1.15 -25.44
C ASP D 267 32.32 -1.30 -23.94
N PHE D 268 32.58 -2.51 -23.44
CA PHE D 268 32.24 -2.84 -22.05
C PHE D 268 33.16 -2.15 -21.05
N PRO D 269 32.58 -1.34 -20.15
CA PRO D 269 33.40 -0.65 -19.15
C PRO D 269 33.93 -1.60 -18.09
N ILE D 270 35.15 -1.34 -17.63
CA ILE D 270 35.81 -2.19 -16.65
C ILE D 270 36.33 -1.33 -15.49
N TRP D 271 36.31 -1.91 -14.29
CA TRP D 271 36.95 -1.33 -13.11
C TRP D 271 37.86 -2.37 -12.52
N ASP D 272 39.03 -1.96 -12.06
CA ASP D 272 39.89 -2.85 -11.29
C ASP D 272 39.47 -2.82 -9.83
N VAL D 273 39.31 -4.00 -9.22
CA VAL D 273 38.89 -4.10 -7.84
C VAL D 273 40.10 -4.17 -6.92
N LYS D 274 40.22 -3.19 -6.02
CA LYS D 274 41.34 -3.17 -5.08
C LYS D 274 40.86 -2.89 -3.66
N VAL D 275 41.65 -3.28 -2.67
CA VAL D 275 41.33 -2.94 -1.29
C VAL D 275 42.50 -2.31 -0.57
N GLN D 276 42.19 -1.49 0.42
CA GLN D 276 43.17 -1.16 1.46
C GLN D 276 42.96 -2.14 2.60
N ILE D 277 44.05 -2.57 3.21
CA ILE D 277 43.96 -3.54 4.27
C ILE D 277 44.68 -3.03 5.50
N MET D 278 43.94 -2.76 6.56
CA MET D 278 44.54 -2.29 7.81
C MET D 278 44.49 -3.42 8.83
N PRO D 279 45.67 -3.88 9.28
CA PRO D 279 45.70 -4.87 10.37
C PRO D 279 44.90 -4.44 11.58
N PHE D 280 44.25 -5.41 12.22
CA PHE D 280 43.44 -5.19 13.41
C PHE D 280 44.20 -4.44 14.50
N GLU D 281 45.52 -4.67 14.57
CA GLU D 281 46.35 -4.05 15.59
C GLU D 281 46.74 -2.63 15.26
N ASP D 282 46.46 -2.18 14.03
CA ASP D 282 46.83 -0.84 13.61
C ASP D 282 45.74 0.19 13.91
N ALA D 283 44.53 -0.28 14.15
CA ALA D 283 43.36 0.61 14.15
C ALA D 283 43.39 1.69 15.23
N GLU D 284 43.70 1.31 16.47
CA GLU D 284 43.61 2.28 17.56
C GLU D 284 44.66 3.38 17.46
N ASN D 285 45.80 3.09 16.84
CA ASN D 285 46.87 4.08 16.84
C ASN D 285 47.07 4.77 15.50
N TYR D 286 46.15 4.57 14.56
CA TYR D 286 46.21 5.31 13.30
C TYR D 286 46.01 6.81 13.59
N ARG D 287 46.64 7.66 12.80
CA ARG D 287 46.57 9.10 13.01
C ARG D 287 45.13 9.62 12.91
N TRP D 288 44.30 8.94 12.14
CA TRP D 288 42.87 9.28 12.07
C TRP D 288 41.99 8.13 12.58
N ASN D 289 40.78 8.44 13.05
CA ASN D 289 39.85 7.39 13.44
C ASN D 289 39.48 6.57 12.19
N PRO D 290 39.76 5.26 12.23
CA PRO D 290 39.64 4.40 11.05
C PRO D 290 38.20 4.03 10.72
N PHE D 291 37.28 4.41 11.60
CA PHE D 291 35.85 4.06 11.46
C PHE D 291 35.00 5.30 11.20
N ASP D 292 35.65 6.45 11.10
CA ASP D 292 34.95 7.71 10.85
C ASP D 292 34.83 7.86 9.34
N LEU D 293 33.61 7.75 8.82
CA LEU D 293 33.37 7.84 7.37
C LEU D 293 33.96 9.10 6.73
N THR D 294 34.04 10.19 7.50
CA THR D 294 34.56 11.46 6.97
C THR D 294 36.09 11.47 6.91
N LYS D 295 36.73 10.37 7.31
CA LYS D 295 38.18 10.23 7.24
C LYS D 295 38.56 9.12 6.26
N THR D 296 39.34 9.45 5.24
CA THR D 296 39.88 8.43 4.37
C THR D 296 41.17 7.89 4.99
N TRP D 297 41.58 6.68 4.61
CA TRP D 297 42.89 6.16 4.97
C TRP D 297 43.88 6.62 3.91
N SER D 298 45.01 7.18 4.32
CA SER D 298 45.99 7.61 3.33
C SER D 298 46.53 6.42 2.53
N GLN D 299 46.59 6.56 1.22
CA GLN D 299 47.16 5.50 0.39
C GLN D 299 48.67 5.44 0.52
N LYS D 300 49.26 6.44 1.19
CA LYS D 300 50.68 6.37 1.55
C LYS D 300 50.86 5.38 2.68
N ASP D 301 49.88 5.33 3.58
CA ASP D 301 49.93 4.42 4.71
C ASP D 301 49.40 3.03 4.33
N TYR D 302 48.37 3.01 3.49
CA TYR D 302 47.73 1.75 3.08
C TYR D 302 47.49 1.76 1.59
N PRO D 303 48.49 1.30 0.82
CA PRO D 303 48.38 1.31 -0.65
C PRO D 303 47.28 0.38 -1.11
N LEU D 304 46.80 0.57 -2.34
CA LEU D 304 45.77 -0.30 -2.89
C LEU D 304 46.38 -1.66 -3.20
N ILE D 305 45.63 -2.72 -2.90
CA ILE D 305 46.03 -4.09 -3.14
C ILE D 305 45.04 -4.69 -4.12
N PRO D 306 45.51 -5.15 -5.29
CA PRO D 306 44.62 -5.66 -6.35
C PRO D 306 43.93 -6.95 -5.94
N VAL D 307 42.65 -7.08 -6.31
CA VAL D 307 41.87 -8.28 -6.04
C VAL D 307 41.43 -8.92 -7.35
N GLY D 308 40.96 -8.08 -8.28
CA GLY D 308 40.50 -8.53 -9.57
C GLY D 308 39.96 -7.36 -10.38
N TYR D 309 38.95 -7.63 -11.22
CA TYR D 309 38.27 -6.59 -11.95
C TYR D 309 36.81 -6.99 -12.17
N PHE D 310 35.94 -6.02 -12.47
CA PHE D 310 34.62 -6.38 -12.96
C PHE D 310 34.32 -5.66 -14.27
N ILE D 311 33.42 -6.26 -15.06
CA ILE D 311 33.12 -5.74 -16.39
C ILE D 311 31.61 -5.73 -16.55
N LEU D 312 31.08 -4.68 -17.18
CA LEU D 312 29.65 -4.61 -17.44
C LEU D 312 29.44 -5.00 -18.90
N ASN D 313 28.75 -6.11 -19.13
CA ASN D 313 28.63 -6.60 -20.50
C ASN D 313 27.21 -7.00 -20.88
N ARG D 314 26.25 -6.67 -20.02
CA ARG D 314 24.83 -6.96 -20.31
C ARG D 314 23.93 -5.79 -19.92
N ASN D 315 23.17 -5.27 -20.89
CA ASN D 315 22.10 -4.32 -20.58
C ASN D 315 20.90 -5.07 -20.00
N PRO D 316 20.07 -4.39 -19.18
CA PRO D 316 18.86 -5.06 -18.66
C PRO D 316 17.87 -5.41 -19.78
N ARG D 317 17.08 -6.46 -19.58
CA ARG D 317 16.03 -6.81 -20.55
C ARG D 317 14.87 -5.85 -20.39
N ASN D 318 14.59 -5.48 -19.14
CA ASN D 318 13.50 -4.56 -18.82
C ASN D 318 13.96 -3.63 -17.68
N PHE D 319 14.01 -2.34 -17.96
CA PHE D 319 14.57 -1.35 -17.03
C PHE D 319 13.81 -1.30 -15.72
N PHE D 320 12.49 -1.14 -15.79
CA PHE D 320 11.69 -1.06 -14.58
C PHE D 320 11.79 -2.32 -13.76
N ALA D 321 11.65 -3.47 -14.42
CA ALA D 321 11.57 -4.73 -13.68
C ALA D 321 12.89 -5.10 -13.00
N GLN D 322 14.00 -4.72 -13.61
CA GLN D 322 15.31 -5.21 -13.17
C GLN D 322 16.20 -4.13 -12.55
N ILE D 323 15.91 -2.86 -12.86
CA ILE D 323 16.69 -1.76 -12.27
C ILE D 323 15.87 -0.97 -11.26
N GLU D 324 14.72 -0.44 -11.67
CA GLU D 324 13.88 0.30 -10.71
C GLU D 324 13.56 -0.57 -9.48
N GLN D 325 13.23 -1.84 -9.73
CA GLN D 325 12.88 -2.79 -8.66
C GLN D 325 14.05 -3.52 -7.99
N ILE D 326 15.29 -3.32 -8.44
CA ILE D 326 16.40 -3.91 -7.70
C ILE D 326 16.43 -3.32 -6.29
N ALA D 327 16.80 -4.12 -5.30
CA ALA D 327 16.84 -3.67 -3.92
C ALA D 327 18.23 -3.86 -3.40
N LEU D 328 19.11 -2.92 -3.75
CA LEU D 328 20.50 -2.99 -3.33
C LEU D 328 20.59 -2.58 -1.86
N ASP D 329 21.42 -3.29 -1.10
CA ASP D 329 21.34 -3.23 0.36
C ASP D 329 22.67 -3.62 1.00
N PRO D 330 23.32 -2.68 1.69
CA PRO D 330 24.62 -3.00 2.28
C PRO D 330 24.50 -4.08 3.35
N GLY D 331 23.27 -4.31 3.83
CA GLY D 331 23.03 -5.36 4.80
C GLY D 331 23.14 -6.74 4.18
N ASN D 332 23.17 -6.79 2.85
CA ASN D 332 23.42 -8.05 2.15
C ASN D 332 24.90 -8.41 2.23
N ILE D 333 25.36 -8.84 3.40
CA ILE D 333 26.71 -9.36 3.55
C ILE D 333 26.68 -10.89 3.53
N VAL D 334 27.86 -11.49 3.42
CA VAL D 334 28.01 -12.94 3.28
C VAL D 334 29.16 -13.36 4.19
N PRO D 335 29.31 -14.68 4.45
CA PRO D 335 30.44 -15.13 5.28
C PRO D 335 31.78 -14.63 4.73
N GLY D 336 32.68 -14.22 5.62
CA GLY D 336 33.96 -13.68 5.20
C GLY D 336 33.95 -12.15 5.11
N VAL D 337 32.76 -11.56 5.24
CA VAL D 337 32.61 -10.10 5.23
C VAL D 337 31.86 -9.66 6.50
N GLY D 338 32.32 -8.58 7.15
CA GLY D 338 31.69 -8.10 8.36
C GLY D 338 31.59 -6.59 8.36
N LEU D 339 30.98 -6.03 9.40
CA LEU D 339 30.77 -4.59 9.49
C LEU D 339 31.91 -3.91 10.25
N SER D 340 31.61 -2.78 10.90
CA SER D 340 32.60 -2.03 11.67
C SER D 340 31.87 -1.01 12.54
N PRO D 341 32.56 -0.39 13.51
CA PRO D 341 31.92 0.64 14.34
C PRO D 341 31.75 1.99 13.61
N ASP D 342 31.40 1.94 12.33
CA ASP D 342 31.08 3.14 11.58
C ASP D 342 29.57 3.34 11.75
N ARG D 343 29.18 4.38 12.48
CA ARG D 343 27.77 4.57 12.84
C ARG D 343 26.88 4.80 11.62
N MET D 344 27.44 5.43 10.59
CA MET D 344 26.70 5.62 9.36
C MET D 344 26.39 4.27 8.76
N LEU D 345 27.40 3.41 8.65
CA LEU D 345 27.19 2.08 8.11
C LEU D 345 26.17 1.31 8.94
N GLN D 346 26.27 1.37 10.27
CA GLN D 346 25.35 0.60 11.10
C GLN D 346 23.90 1.04 10.89
N ALA D 347 23.69 2.33 10.72
CA ALA D 347 22.33 2.83 10.44
C ALA D 347 21.84 2.36 9.06
N ARG D 348 22.75 2.31 8.09
CA ARG D 348 22.41 1.83 6.74
C ARG D 348 21.99 0.36 6.74
N ILE D 349 22.61 -0.44 7.61
CA ILE D 349 22.29 -1.86 7.69
C ILE D 349 20.81 -2.09 8.02
N PHE D 350 20.22 -1.17 8.78
CA PHE D 350 18.77 -1.20 9.01
C PHE D 350 17.96 -0.53 7.87
N ALA D 351 18.41 0.63 7.44
CA ALA D 351 17.57 1.51 6.62
C ALA D 351 17.12 1.02 5.24
N TYR D 352 17.95 0.25 4.52
CA TYR D 352 17.63 -0.06 3.11
C TYR D 352 16.49 -1.06 3.01
N ALA D 353 16.62 -2.18 3.72
CA ALA D 353 15.56 -3.18 3.70
C ALA D 353 14.27 -2.58 4.26
N ASP D 354 14.39 -1.71 5.26
CA ASP D 354 13.21 -1.00 5.75
C ASP D 354 12.50 -0.22 4.64
N GLN D 355 13.25 0.55 3.85
CA GLN D 355 12.61 1.27 2.79
C GLN D 355 12.05 0.34 1.70
N GLN D 356 12.83 -0.67 1.35
CA GLN D 356 12.43 -1.58 0.28
C GLN D 356 11.14 -2.32 0.58
N ARG D 357 10.91 -2.65 1.85
CA ARG D 357 9.66 -3.30 2.25
C ARG D 357 8.45 -2.42 1.91
N TYR D 358 8.66 -1.11 1.98
CA TYR D 358 7.61 -0.15 1.63
C TYR D 358 7.62 0.18 0.14
N ARG D 359 8.80 0.50 -0.38
CA ARG D 359 8.92 1.01 -1.75
C ARG D 359 8.50 -0.04 -2.78
N ILE D 360 8.85 -1.29 -2.49
CA ILE D 360 8.54 -2.39 -3.40
C ILE D 360 7.41 -3.26 -2.84
N GLY D 361 7.61 -3.80 -1.64
CA GLY D 361 6.58 -4.61 -0.99
C GLY D 361 7.21 -5.59 -0.02
N ALA D 362 6.41 -6.17 0.87
CA ALA D 362 6.92 -7.13 1.86
C ALA D 362 7.72 -8.27 1.25
N ASN D 363 7.34 -8.65 0.02
CA ASN D 363 7.97 -9.79 -0.64
C ASN D 363 8.96 -9.45 -1.76
N TYR D 364 9.55 -8.26 -1.68
CA TYR D 364 10.47 -7.77 -2.70
C TYR D 364 11.64 -8.71 -2.94
N ARG D 365 12.04 -9.46 -1.91
CA ARG D 365 13.17 -10.41 -2.04
C ARG D 365 12.91 -11.50 -3.05
N ASP D 366 11.63 -11.73 -3.37
CA ASP D 366 11.28 -12.84 -4.26
C ASP D 366 11.33 -12.44 -5.73
N LEU D 367 11.46 -11.15 -6.01
CA LEU D 367 11.49 -10.70 -7.41
C LEU D 367 12.77 -11.22 -8.04
N PRO D 368 12.68 -11.62 -9.32
CA PRO D 368 13.79 -12.19 -10.09
C PRO D 368 15.15 -11.55 -9.83
N VAL D 369 15.25 -10.23 -9.93
CA VAL D 369 16.56 -9.56 -9.76
C VAL D 369 17.07 -9.58 -8.31
N ASN D 370 16.18 -9.81 -7.35
CA ASN D 370 16.59 -9.81 -5.95
C ASN D 370 16.83 -11.20 -5.34
N ARG D 371 16.41 -12.25 -6.05
CA ARG D 371 16.65 -13.60 -5.54
C ARG D 371 18.10 -14.02 -5.73
N PRO D 372 18.67 -14.70 -4.73
CA PRO D 372 20.04 -15.20 -4.87
C PRO D 372 20.08 -16.39 -5.83
N ILE D 373 21.25 -16.93 -6.14
CA ILE D 373 21.28 -18.11 -7.02
C ILE D 373 21.12 -19.39 -6.21
N ASN D 374 21.36 -19.33 -4.91
CA ASN D 374 21.13 -20.49 -4.05
C ASN D 374 19.72 -20.48 -3.49
N GLU D 375 19.26 -21.62 -2.98
CA GLU D 375 17.89 -21.70 -2.48
C GLU D 375 17.78 -21.02 -1.12
N VAL D 376 16.75 -20.19 -0.94
CA VAL D 376 16.48 -19.55 0.34
C VAL D 376 15.70 -20.52 1.23
N ASN D 377 16.22 -20.78 2.42
CA ASN D 377 15.53 -21.64 3.37
C ASN D 377 15.05 -20.80 4.53
N THR D 378 13.77 -20.42 4.51
CA THR D 378 13.30 -19.45 5.50
C THR D 378 11.97 -19.87 6.10
N TYR D 379 11.73 -19.48 7.34
CA TYR D 379 10.44 -19.69 7.99
C TYR D 379 9.50 -18.51 7.75
N SER D 380 9.98 -17.45 7.09
CA SER D 380 9.08 -16.35 6.72
C SER D 380 8.01 -16.85 5.77
N ARG D 381 6.84 -16.24 5.82
CA ARG D 381 5.71 -16.72 5.03
C ARG D 381 4.74 -15.59 4.75
N GLU D 382 3.79 -15.88 3.85
CA GLU D 382 2.69 -14.96 3.54
C GLU D 382 3.16 -13.57 3.11
N GLY D 383 2.40 -12.53 3.41
CA GLY D 383 2.71 -11.20 2.94
C GLY D 383 2.12 -10.94 1.56
N SER D 384 1.93 -9.66 1.23
CA SER D 384 1.34 -9.28 -0.05
CA SER D 384 1.34 -9.29 -0.05
C SER D 384 2.09 -9.90 -1.22
N MET D 385 1.34 -10.26 -2.26
CA MET D 385 1.93 -10.78 -3.49
C MET D 385 2.96 -11.90 -3.24
N GLN D 386 2.57 -12.93 -2.48
CA GLN D 386 3.49 -14.06 -2.28
C GLN D 386 3.51 -14.96 -3.51
N TYR D 387 4.62 -14.94 -4.23
CA TYR D 387 4.74 -15.72 -5.45
CA TYR D 387 4.73 -15.73 -5.45
C TYR D 387 5.34 -17.08 -5.13
N ILE D 388 6.36 -17.06 -4.28
CA ILE D 388 7.12 -18.26 -3.97
C ILE D 388 6.74 -18.70 -2.58
N PHE D 389 6.50 -20.01 -2.43
CA PHE D 389 6.15 -20.58 -1.12
C PHE D 389 6.88 -21.90 -0.93
N ASP D 390 7.05 -22.30 0.32
CA ASP D 390 7.77 -23.54 0.64
C ASP D 390 7.02 -24.78 0.16
N ALA D 391 7.77 -25.89 0.06
CA ALA D 391 7.21 -27.21 -0.24
C ALA D 391 6.02 -27.54 0.66
N GLU D 392 5.04 -28.23 0.09
CA GLU D 392 3.80 -28.55 0.77
C GLU D 392 4.01 -29.12 2.16
N GLY D 393 3.44 -28.46 3.17
CA GLY D 393 3.37 -28.99 4.52
C GLY D 393 4.61 -28.81 5.38
N GLU D 394 5.63 -28.18 4.82
CA GLU D 394 6.83 -27.89 5.60
C GLU D 394 6.48 -27.01 6.80
N PRO D 395 7.26 -27.14 7.89
CA PRO D 395 6.87 -26.47 9.15
C PRO D 395 7.09 -24.97 9.08
N SER D 396 6.35 -24.23 9.91
CA SER D 396 6.40 -22.78 9.86
C SER D 396 7.22 -22.21 11.02
N TYR D 397 7.72 -23.09 11.88
CA TYR D 397 8.32 -22.67 13.15
C TYR D 397 9.54 -23.55 13.39
N SER D 398 10.53 -23.00 14.10
CA SER D 398 11.61 -23.83 14.63
C SER D 398 11.86 -23.41 16.06
N PRO D 399 12.32 -24.34 16.91
CA PRO D 399 12.65 -25.75 16.63
C PRO D 399 11.41 -26.59 16.34
N ASN D 400 11.55 -27.57 15.45
CA ASN D 400 10.46 -28.48 15.12
C ASN D 400 10.95 -29.93 15.01
N ARG D 401 10.01 -30.86 14.94
CA ARG D 401 10.39 -32.27 14.88
C ARG D 401 10.72 -32.76 13.47
N TYR D 402 10.74 -31.85 12.51
CA TYR D 402 10.99 -32.24 11.11
C TYR D 402 12.43 -31.93 10.65
N ASP D 403 12.61 -31.59 9.38
CA ASP D 403 13.98 -31.54 8.83
C ASP D 403 14.40 -30.19 8.23
N LYS D 404 13.49 -29.24 8.15
CA LYS D 404 13.77 -27.94 7.52
C LYS D 404 14.96 -27.24 8.17
N GLY D 405 15.09 -27.37 9.49
CA GLY D 405 16.32 -26.97 10.15
C GLY D 405 16.26 -25.63 10.85
N ALA D 406 17.41 -25.20 11.37
CA ALA D 406 17.50 -23.93 12.07
C ALA D 406 18.85 -23.30 11.74
N GLY D 407 19.36 -22.46 12.63
CA GLY D 407 20.63 -21.79 12.37
C GLY D 407 21.84 -22.70 12.50
N TYR D 408 22.96 -22.33 11.89
CA TYR D 408 24.16 -23.18 11.95
C TYR D 408 24.75 -23.27 13.35
N LEU D 409 24.44 -22.31 14.21
CA LEU D 409 24.88 -22.37 15.60
C LEU D 409 23.92 -23.23 16.44
N ASP D 410 22.71 -23.44 15.94
CA ASP D 410 21.67 -24.15 16.70
C ASP D 410 21.84 -25.66 16.55
N ASN D 411 21.11 -26.45 17.33
CA ASN D 411 21.21 -27.91 17.17
C ASN D 411 20.11 -28.50 16.30
N GLY D 412 19.13 -27.68 15.93
CA GLY D 412 18.06 -28.12 15.06
C GLY D 412 16.98 -28.91 15.78
N THR D 413 17.10 -29.04 17.10
CA THR D 413 16.10 -29.82 17.85
C THR D 413 15.42 -29.02 18.97
N ASP D 414 16.13 -28.04 19.54
CA ASP D 414 15.54 -27.24 20.61
C ASP D 414 15.85 -25.74 20.50
N SER D 415 15.39 -24.99 21.50
CA SER D 415 15.43 -23.53 21.49
C SER D 415 16.73 -22.94 22.07
N SER D 416 17.72 -23.80 22.35
CA SER D 416 18.97 -23.36 22.97
C SER D 416 18.79 -22.73 24.35
N SER D 417 17.94 -23.36 25.17
CA SER D 417 17.80 -22.93 26.56
C SER D 417 18.92 -23.59 27.38
N ASN D 418 18.68 -23.81 28.67
CA ASN D 418 19.69 -24.40 29.55
C ASN D 418 20.99 -23.59 29.53
N HIS D 419 20.89 -22.58 29.43
CA HIS D 419 21.90 -21.53 29.31
C HIS D 419 22.97 -21.77 28.26
N THR D 420 22.60 -22.00 27.10
CA THR D 420 23.45 -22.18 25.94
C THR D 420 24.01 -20.81 25.48
N SER D 421 25.31 -20.75 25.21
CA SER D 421 25.94 -19.53 24.65
C SER D 421 26.72 -19.87 23.38
N TYR D 422 26.80 -18.92 22.45
CA TYR D 422 27.50 -19.16 21.20
C TYR D 422 28.78 -18.35 21.06
N GLY D 423 28.93 -17.32 21.89
CA GLY D 423 30.15 -16.53 21.86
C GLY D 423 30.09 -15.37 20.88
N GLN D 424 31.27 -14.91 20.46
CA GLN D 424 31.39 -13.69 19.68
C GLN D 424 30.71 -13.75 18.31
N ALA D 425 29.94 -12.72 17.97
CA ALA D 425 29.17 -12.72 16.74
C ALA D 425 30.01 -12.22 15.59
N ASP D 426 31.02 -13.00 15.20
CA ASP D 426 31.96 -12.58 14.18
C ASP D 426 31.30 -12.33 12.82
N ASP D 427 30.17 -13.00 12.58
CA ASP D 427 29.41 -12.83 11.34
C ASP D 427 28.86 -11.41 11.20
N ILE D 428 28.73 -10.71 12.33
CA ILE D 428 28.34 -9.30 12.30
C ILE D 428 29.64 -8.50 12.14
N TYR D 429 30.49 -8.57 13.17
CA TYR D 429 31.92 -8.26 13.05
C TYR D 429 32.65 -8.63 14.33
N VAL D 430 33.95 -8.90 14.21
CA VAL D 430 34.81 -9.03 15.39
C VAL D 430 35.03 -7.59 15.85
N ASN D 431 34.47 -7.21 16.98
CA ASN D 431 34.51 -5.82 17.40
C ASN D 431 35.85 -5.47 18.04
N PRO D 432 36.28 -4.20 17.92
CA PRO D 432 37.42 -3.73 18.70
C PRO D 432 36.91 -3.34 20.09
N ASP D 433 37.75 -2.71 20.89
CA ASP D 433 37.30 -2.30 22.21
C ASP D 433 36.24 -1.23 22.07
N PRO D 434 35.18 -1.29 22.88
CA PRO D 434 34.12 -0.29 22.78
C PRO D 434 34.46 1.03 23.50
N HIS D 435 35.52 1.03 24.29
CA HIS D 435 35.95 2.23 25.02
C HIS D 435 34.95 2.72 26.06
N GLY D 436 34.12 1.81 26.57
CA GLY D 436 33.15 2.16 27.58
C GLY D 436 32.22 0.98 27.86
N THR D 437 31.50 1.05 28.98
CA THR D 437 30.63 -0.04 29.42
C THR D 437 29.14 0.34 29.43
N ASP D 438 28.82 1.57 29.03
CA ASP D 438 27.45 2.07 29.12
C ASP D 438 26.84 2.46 27.78
N LEU D 439 25.51 2.38 27.71
CA LEU D 439 24.78 3.03 26.61
C LEU D 439 25.00 4.53 26.73
N VAL D 440 25.55 5.12 25.68
CA VAL D 440 25.92 6.53 25.68
C VAL D 440 25.59 7.19 24.35
N ARG D 441 25.61 8.52 24.35
CA ARG D 441 25.73 9.29 23.12
C ARG D 441 27.06 10.03 23.22
N ALA D 442 28.02 9.61 22.41
CA ALA D 442 29.42 10.00 22.60
C ALA D 442 30.07 10.37 21.30
N ALA D 443 31.15 11.14 21.37
CA ALA D 443 31.99 11.35 20.19
C ALA D 443 32.66 10.05 19.81
N TYR D 444 33.14 9.97 18.58
CA TYR D 444 34.02 8.88 18.19
C TYR D 444 35.30 9.00 19.01
N VAL D 445 36.04 7.89 19.14
CA VAL D 445 37.32 7.93 19.83
C VAL D 445 38.21 8.94 19.12
N LYS D 446 38.84 9.84 19.88
CA LYS D 446 39.59 10.93 19.25
C LYS D 446 41.01 10.52 18.94
N HIS D 447 41.34 10.43 17.66
CA HIS D 447 42.70 10.11 17.24
C HIS D 447 43.47 11.42 17.05
N GLN D 448 44.79 11.31 16.96
CA GLN D 448 45.70 12.48 16.99
C GLN D 448 45.31 13.63 16.04
N ASP D 449 45.03 13.28 14.79
CA ASP D 449 44.80 14.30 13.77
C ASP D 449 43.33 14.47 13.39
N ASP D 450 42.42 13.95 14.22
CA ASP D 450 40.98 14.05 13.93
C ASP D 450 40.44 15.47 14.08
N ASP D 451 40.02 16.05 12.97
CA ASP D 451 39.16 17.24 13.02
C ASP D 451 38.26 17.24 11.77
N ASP D 452 37.46 18.29 11.59
CA ASP D 452 36.55 18.32 10.45
C ASP D 452 37.17 18.89 9.17
N PHE D 453 38.39 19.43 9.26
CA PHE D 453 38.93 20.21 8.13
C PHE D 453 40.30 19.81 7.57
N ILE D 454 41.08 19.03 8.32
CA ILE D 454 42.44 18.74 7.88
C ILE D 454 42.51 17.95 6.57
N GLN D 455 41.62 16.97 6.39
CA GLN D 455 41.70 16.15 5.18
C GLN D 455 41.35 16.87 3.87
N PRO D 456 40.30 17.71 3.86
CA PRO D 456 40.13 18.46 2.61
C PRO D 456 41.17 19.57 2.45
N GLY D 457 41.70 20.05 3.57
CA GLY D 457 42.81 20.98 3.52
C GLY D 457 44.01 20.32 2.85
N ILE D 458 44.29 19.08 3.22
CA ILE D 458 45.38 18.33 2.59
C ILE D 458 45.15 18.16 1.09
N LEU D 459 43.94 17.77 0.72
CA LEU D 459 43.54 17.69 -0.68
C LEU D 459 43.85 18.98 -1.42
N TYR D 460 43.41 20.10 -0.86
CA TYR D 460 43.64 21.39 -1.51
C TYR D 460 45.12 21.78 -1.57
N ARG D 461 45.85 21.53 -0.49
CA ARG D 461 47.22 22.03 -0.36
C ARG D 461 48.27 21.11 -1.00
N GLU D 462 47.95 19.82 -1.13
CA GLU D 462 48.96 18.84 -1.53
C GLU D 462 48.58 17.98 -2.73
N VAL D 463 47.29 17.98 -3.09
CA VAL D 463 46.82 17.09 -4.15
C VAL D 463 46.38 17.84 -5.40
N LEU D 464 45.50 18.83 -5.22
CA LEU D 464 44.90 19.51 -6.37
C LEU D 464 45.93 20.32 -7.14
N ASP D 465 45.81 20.33 -8.47
CA ASP D 465 46.62 21.23 -9.29
C ASP D 465 46.02 22.64 -9.28
N GLU D 466 46.72 23.59 -9.88
CA GLU D 466 46.31 24.99 -9.79
C GLU D 466 44.99 25.24 -10.49
N GLY D 467 44.77 24.58 -11.62
CA GLY D 467 43.51 24.67 -12.32
C GLY D 467 42.38 24.05 -11.50
N GLU D 468 42.66 22.90 -10.88
CA GLU D 468 41.66 22.27 -10.01
C GLU D 468 41.32 23.18 -8.84
N LYS D 469 42.33 23.85 -8.28
CA LYS D 469 42.13 24.73 -7.13
C LYS D 469 41.26 25.93 -7.47
N GLU D 470 41.46 26.48 -8.68
CA GLU D 470 40.68 27.62 -9.13
C GLU D 470 39.26 27.22 -9.50
N ARG D 471 39.12 26.10 -10.20
CA ARG D 471 37.76 25.63 -10.56
C ARG D 471 36.94 25.35 -9.30
N LEU D 472 37.59 24.78 -8.28
CA LEU D 472 36.94 24.52 -7.00
C LEU D 472 36.37 25.83 -6.42
N ALA D 473 37.20 26.86 -6.32
CA ALA D 473 36.73 28.14 -5.79
C ALA D 473 35.60 28.73 -6.64
N ASP D 474 35.71 28.56 -7.96
CA ASP D 474 34.70 29.07 -8.90
C ASP D 474 33.38 28.32 -8.73
N ASN D 475 33.47 26.99 -8.65
CA ASN D 475 32.28 26.15 -8.47
C ASN D 475 31.56 26.49 -7.16
N ILE D 476 32.33 26.58 -6.08
CA ILE D 476 31.80 26.95 -4.78
C ILE D 476 31.07 28.28 -4.84
N SER D 477 31.74 29.30 -5.39
CA SER D 477 31.15 30.64 -5.45
C SER D 477 29.86 30.65 -6.29
N ASN D 478 29.82 29.83 -7.35
CA ASN D 478 28.60 29.67 -8.13
C ASN D 478 27.48 29.06 -7.29
N ALA D 479 27.83 28.04 -6.52
CA ALA D 479 26.83 27.31 -5.73
C ALA D 479 26.33 28.17 -4.57
N MET D 480 27.07 29.23 -4.26
CA MET D 480 26.67 30.13 -3.17
C MET D 480 25.64 31.17 -3.61
N GLN D 481 25.47 31.37 -4.91
CA GLN D 481 24.52 32.38 -5.37
C GLN D 481 23.10 32.08 -4.84
N GLY D 482 22.52 33.05 -4.15
CA GLY D 482 21.19 32.88 -3.61
C GLY D 482 21.14 32.70 -2.10
N ILE D 483 22.28 32.49 -1.46
CA ILE D 483 22.29 32.40 -0.01
C ILE D 483 21.96 33.75 0.64
N SER D 484 21.37 33.70 1.83
CA SER D 484 20.97 34.91 2.53
CA SER D 484 20.97 34.89 2.57
C SER D 484 22.19 35.62 3.12
N GLU D 485 22.00 36.87 3.55
CA GLU D 485 23.09 37.62 4.18
C GLU D 485 23.44 37.01 5.53
N ALA D 486 22.48 36.34 6.13
CA ALA D 486 22.71 35.64 7.39
C ALA D 486 23.68 34.47 7.21
N THR D 487 23.72 33.92 6.01
CA THR D 487 24.51 32.71 5.74
C THR D 487 25.90 33.03 5.20
N GLU D 488 26.04 34.18 4.54
CA GLU D 488 27.33 34.54 3.91
C GLU D 488 28.57 34.43 4.82
N PRO D 489 28.55 35.07 6.01
CA PRO D 489 29.79 34.98 6.79
C PRO D 489 30.07 33.57 7.33
N ARG D 490 29.02 32.78 7.55
CA ARG D 490 29.18 31.41 8.00
C ARG D 490 29.88 30.59 6.93
N VAL D 491 29.54 30.85 5.66
CA VAL D 491 30.21 30.17 4.54
C VAL D 491 31.65 30.66 4.36
N TYR D 492 31.89 31.97 4.49
CA TYR D 492 33.27 32.47 4.38
C TYR D 492 34.15 31.75 5.39
N ASP D 493 33.64 31.59 6.62
CA ASP D 493 34.44 31.02 7.69
C ASP D 493 34.70 29.53 7.47
N TYR D 494 33.67 28.82 7.01
CA TYR D 494 33.73 27.39 6.72
C TYR D 494 34.88 27.10 5.76
N TRP D 495 34.96 27.90 4.70
CA TRP D 495 36.02 27.68 3.71
C TRP D 495 37.39 28.10 4.22
N ASN D 496 37.46 29.12 5.08
CA ASN D 496 38.73 29.44 5.72
C ASN D 496 39.24 28.29 6.58
N ASN D 497 38.33 27.56 7.25
CA ASN D 497 38.74 26.41 8.06
C ASN D 497 39.39 25.30 7.22
N VAL D 498 38.86 25.08 6.01
CA VAL D 498 39.49 24.15 5.09
C VAL D 498 40.90 24.64 4.71
N ASP D 499 40.98 25.88 4.22
CA ASP D 499 42.25 26.50 3.83
C ASP D 499 42.10 28.01 3.64
N GLU D 500 43.00 28.79 4.25
CA GLU D 500 42.88 30.25 4.25
C GLU D 500 42.90 30.84 2.84
N ASN D 501 43.72 30.26 1.96
CA ASN D 501 43.80 30.72 0.58
C ASN D 501 42.57 30.35 -0.24
N LEU D 502 42.07 29.13 -0.07
CA LEU D 502 40.84 28.74 -0.73
C LEU D 502 39.72 29.64 -0.23
N GLY D 503 39.69 29.86 1.08
CA GLY D 503 38.67 30.70 1.69
C GLY D 503 38.67 32.11 1.12
N ALA D 504 39.85 32.69 0.97
CA ALA D 504 39.96 34.05 0.43
C ALA D 504 39.45 34.11 -1.00
N ARG D 505 39.81 33.11 -1.81
CA ARG D 505 39.43 33.12 -3.21
C ARG D 505 37.93 32.89 -3.37
N VAL D 506 37.36 32.03 -2.53
CA VAL D 506 35.91 31.80 -2.55
C VAL D 506 35.16 33.12 -2.31
N LYS D 507 35.55 33.84 -1.27
CA LYS D 507 34.90 35.10 -0.93
C LYS D 507 35.07 36.11 -2.06
N GLU D 508 36.27 36.17 -2.61
CA GLU D 508 36.59 37.08 -3.71
C GLU D 508 35.68 36.84 -4.91
N LEU D 509 35.63 35.60 -5.40
CA LEU D 509 34.79 35.27 -6.55
C LEU D 509 33.31 35.44 -6.25
N TYR D 510 32.88 35.06 -5.05
CA TYR D 510 31.47 35.23 -4.67
C TYR D 510 31.04 36.69 -4.76
N LEU D 511 31.80 37.57 -4.13
CA LEU D 511 31.47 39.01 -4.15
C LEU D 511 31.51 39.59 -5.57
N GLN D 512 32.43 39.09 -6.40
CA GLN D 512 32.47 39.47 -7.82
C GLN D 512 31.18 39.10 -8.54
N LYS D 513 30.70 37.88 -8.30
CA LYS D 513 29.53 37.38 -9.02
C LYS D 513 28.22 37.95 -8.46
N LYS D 514 28.23 38.33 -7.20
CA LYS D 514 27.03 38.86 -6.57
C LYS D 514 26.77 40.29 -7.05
N ALA D 515 25.52 40.58 -7.36
CA ALA D 515 25.08 41.91 -7.78
C ALA D 515 23.56 41.95 -7.80
#